data_6PXH
#
_entry.id   6PXH
#
_cell.length_a   85.989
_cell.length_b   63.860
_cell.length_c   186.778
_cell.angle_alpha   90.000
_cell.angle_beta   90.750
_cell.angle_gamma   90.000
#
_symmetry.space_group_name_H-M   'P 1 21 1'
#
loop_
_entity.id
_entity.type
_entity.pdbx_description
1 polymer 'MERS-CoV S1-NTD'
2 polymer 'G2 heavy chain'
3 polymer 'G2 light chain'
4 branched beta-D-mannopyranose-(1-4)-2-acetamido-2-deoxy-beta-D-glucopyranose-(1-4)-2-acetamido-2-deoxy-beta-D-glucopyranose
5 branched 2-acetamido-2-deoxy-beta-D-glucopyranose-(1-4)-2-acetamido-2-deoxy-beta-D-glucopyranose
6 branched alpha-D-mannopyranose-(1-2)-alpha-D-mannopyranose-(1-3)-[alpha-D-mannopyranose-(1-3)-[alpha-D-mannopyranose-(1-6)]alpha-D-mannopyranose-(1-6)]beta-D-mannopyranose-(1-4)-2-acetamido-2-deoxy-beta-D-glucopyranose-(1-4)-2-acetamido-2-deoxy-beta-D-glucopyranose
7 branched alpha-D-mannopyranose-(1-3)-[alpha-D-mannopyranose-(1-6)]beta-D-mannopyranose-(1-4)-2-acetamido-2-deoxy-beta-D-glucopyranose-(1-4)-2-acetamido-2-deoxy-beta-D-glucopyranose
8 non-polymer 2-acetamido-2-deoxy-beta-D-glucopyranose
9 non-polymer 'SULFATE ION'
10 non-polymer 'DIHYDROFOLIC ACID'
11 water water
#
loop_
_entity_poly.entity_id
_entity_poly.type
_entity_poly.pdbx_seq_one_letter_code
_entity_poly.pdbx_strand_id
1 'polypeptide(L)'
;YVDVGPDSVKSACIEVDIQQTFFDKTWPRPIDVSKADGIIYPQGRTYSNITITYQGLFPYQGDHGDMYVYSAGHATGTTP
QKLFVANYSQDVKQFANGFVVRIGAAANSTGTVIISPSTSATIRKIYPAFMLGSSVGNFSDGKMGRFFNHTLVLLPDGCG
TLLRAFYCILEPRSGNHCPAGNSYTSFATYHTPATDCSDGNYNRNASLNSFKEYFNLRNCTFMYTYNITEDEILEWFGIT
QTAQGVHLFSSRYVDLYGGNMFQFATLPVYDTIKYYSIIPHSIRSIQSDRKAWAAFYVYKLQPLTFLLDFSVDGYIRRAI
DCGFNDLSQLHCSYGSLEVLFQ
;
A,B
2 'polypeptide(L)'
;QVQLQQSGGELVKPGASVKLSCKTSGFTFSSSYISWLKQKPGQSLEWIAWIYAGTGGTEYNQKFTGKAQVTVDTSSSTAY
MQFSSLTTEDSAIYYCARGGSSFAMDYWGQGTSVTVSSASTTPPSVYPLAPGSAAQTNSMVTLGCLVKGYFPEPVTVTWN
SGSLSSGVHTFPAVLQSDLYTLSSSVTVPSSTWPSETVTCNVAHPASSTKVDKKIVPRDCGKGLEVLFQ
;
C,H
3 'polypeptide(L)'
;QLVLTQSPASLAVSLGQRATISCRASESVDNYGISFMNWFQQKPGQPPKLLIHTASNQGSGVPARFSGSGSGTDFSLNIH
PVEDDDTAMYFCQQSEEVPLTFGAGTKLEIKRTDAAPTVSIFPPSSEQLTSGGASVVCFLNNFYPKDINVKWKIDGSERQ
NGVLNSWTDQDSKDSTYSMSSTLTLTKDEYERHNSYTCEATHKTSTSPIVKSFNRNEC
;
D,L
#
# COMPACT_ATOMS: atom_id res chain seq x y z
N TYR A 1 21.40 -13.24 26.14
CA TYR A 1 22.13 -12.04 25.73
C TYR A 1 22.97 -12.26 24.47
N VAL A 2 23.45 -11.16 23.89
CA VAL A 2 24.16 -11.16 22.61
C VAL A 2 25.67 -11.26 22.84
N ASP A 3 26.34 -11.99 21.95
CA ASP A 3 27.79 -12.00 21.89
C ASP A 3 28.27 -10.73 21.19
N VAL A 4 29.11 -9.95 21.87
CA VAL A 4 29.61 -8.68 21.33
C VAL A 4 31.12 -8.74 21.08
N GLY A 5 31.69 -9.94 21.07
CA GLY A 5 33.11 -10.09 20.81
C GLY A 5 33.88 -10.26 22.10
N PRO A 6 35.17 -10.53 21.99
CA PRO A 6 35.98 -10.75 23.19
C PRO A 6 36.23 -9.46 23.95
N ASP A 7 36.44 -9.60 25.25
CA ASP A 7 36.93 -8.48 26.03
C ASP A 7 38.30 -8.05 25.53
N SER A 8 38.64 -6.80 25.79
CA SER A 8 40.00 -6.36 25.59
C SER A 8 40.96 -7.22 26.42
N VAL A 9 42.10 -7.57 25.82
CA VAL A 9 43.12 -8.32 26.53
C VAL A 9 44.22 -7.40 27.09
N LYS A 10 44.06 -6.09 26.98
CA LYS A 10 45.10 -5.18 27.41
C LYS A 10 45.15 -5.07 28.93
N SER A 11 46.37 -4.98 29.46
CA SER A 11 46.55 -4.91 30.91
C SER A 11 46.20 -3.55 31.48
N ALA A 12 46.02 -2.53 30.63
CA ALA A 12 45.83 -1.18 31.12
C ALA A 12 45.05 -0.40 30.08
N CYS A 13 44.73 0.84 30.42
CA CYS A 13 44.07 1.78 29.52
C CYS A 13 45.06 2.84 29.07
N ILE A 14 44.71 3.51 27.97
CA ILE A 14 45.53 4.60 27.49
C ILE A 14 45.35 5.81 28.41
N GLU A 15 46.44 6.49 28.70
CA GLU A 15 46.35 7.65 29.57
C GLU A 15 45.60 8.77 28.85
N VAL A 16 44.77 9.48 29.60
CA VAL A 16 43.85 10.48 29.07
C VAL A 16 44.14 11.82 29.75
N ASP A 17 44.53 12.80 28.95
CA ASP A 17 44.75 14.17 29.40
C ASP A 17 43.50 15.00 29.11
N ILE A 18 42.90 15.57 30.17
CA ILE A 18 41.71 16.40 30.06
C ILE A 18 42.14 17.86 30.15
N GLN A 19 41.91 18.64 29.08
CA GLN A 19 42.25 20.07 29.09
C GLN A 19 41.07 20.84 28.53
N GLN A 20 40.03 21.02 29.36
CA GLN A 20 38.77 21.59 28.90
C GLN A 20 38.97 22.91 28.16
N THR A 21 39.95 23.72 28.59
CA THR A 21 40.03 25.08 28.08
C THR A 21 40.39 25.11 26.60
N PHE A 22 41.09 24.09 26.09
CA PHE A 22 41.36 24.04 24.66
C PHE A 22 40.10 23.74 23.84
N PHE A 23 39.03 23.28 24.48
CA PHE A 23 37.79 22.90 23.79
C PHE A 23 36.67 23.92 23.98
N ASP A 24 36.91 25.01 24.71
CA ASP A 24 35.90 26.03 24.99
C ASP A 24 36.05 27.15 23.96
N LYS A 25 35.43 26.96 22.81
CA LYS A 25 35.47 27.96 21.75
C LYS A 25 34.06 28.46 21.48
N THR A 26 33.97 29.67 21.03
CA THR A 26 32.69 30.16 20.70
C THR A 26 32.52 30.15 19.20
N TRP A 27 31.90 29.09 18.75
CA TRP A 27 31.61 28.83 17.37
C TRP A 27 30.10 28.69 17.33
N PRO A 28 29.38 29.78 17.41
CA PRO A 28 27.93 29.73 17.52
C PRO A 28 27.15 29.31 16.31
N ARG A 29 26.29 28.33 16.50
CA ARG A 29 25.45 27.79 15.47
C ARG A 29 24.07 27.55 16.04
N PRO A 30 23.34 28.60 16.28
CA PRO A 30 22.04 28.42 16.89
C PRO A 30 20.93 27.94 15.99
N ILE A 31 19.93 27.33 16.60
CA ILE A 31 18.77 26.89 15.86
C ILE A 31 18.13 28.07 15.13
N ASP A 32 17.93 27.92 13.83
CA ASP A 32 17.04 28.80 13.07
C ASP A 32 15.97 27.92 12.41
N VAL A 33 14.78 27.90 13.02
CA VAL A 33 13.71 27.07 12.48
C VAL A 33 13.11 27.65 11.20
N SER A 34 13.41 28.92 10.90
CA SER A 34 12.97 29.48 9.62
C SER A 34 13.70 28.81 8.45
N LYS A 35 14.78 28.09 8.72
CA LYS A 35 15.44 27.22 7.76
C LYS A 35 15.22 25.76 8.11
N ALA A 36 14.28 25.46 9.01
CA ALA A 36 13.94 24.10 9.43
C ALA A 36 15.10 23.39 10.12
N ASP A 37 15.92 24.12 10.89
CA ASP A 37 16.93 23.50 11.73
C ASP A 37 16.29 22.64 12.81
N GLY A 38 16.75 21.40 12.95
CA GLY A 38 16.37 20.60 14.09
C GLY A 38 14.95 20.06 14.06
N ILE A 39 14.35 19.96 12.88
CA ILE A 39 12.95 19.54 12.75
C ILE A 39 12.90 18.05 12.48
N ILE A 40 12.22 17.32 13.35
CA ILE A 40 11.86 15.94 13.08
C ILE A 40 10.54 15.94 12.33
N TYR A 41 10.47 15.15 11.27
CA TYR A 41 9.28 15.17 10.43
C TYR A 41 8.12 14.51 11.16
N PRO A 42 6.93 15.10 11.12
CA PRO A 42 5.77 14.50 11.79
C PRO A 42 5.54 13.07 11.35
N GLN A 43 5.36 12.19 12.31
CA GLN A 43 5.23 10.78 12.02
C GLN A 43 3.77 10.41 11.79
N GLY A 44 3.55 9.40 10.95
CA GLY A 44 2.24 8.85 10.72
C GLY A 44 1.53 9.35 9.48
N ARG A 45 1.90 10.52 8.98
CA ARG A 45 1.25 11.09 7.81
C ARG A 45 2.19 12.12 7.17
N THR A 46 2.24 12.12 5.84
CA THR A 46 3.03 13.11 5.13
C THR A 46 2.15 14.27 4.68
N TYR A 47 2.79 15.41 4.47
CA TYR A 47 2.12 16.61 4.01
C TYR A 47 2.88 17.19 2.82
N SER A 48 2.18 17.96 2.01
CA SER A 48 2.75 18.49 0.79
C SER A 48 2.07 19.82 0.48
N ASN A 49 2.89 20.81 0.12
CA ASN A 49 2.42 22.11 -0.40
C ASN A 49 1.32 22.69 0.48
N ILE A 50 1.60 22.80 1.77
CA ILE A 50 0.60 23.23 2.74
C ILE A 50 1.33 23.72 3.98
N THR A 51 0.66 24.58 4.74
CA THR A 51 1.16 25.13 6.00
C THR A 51 0.21 24.70 7.10
N ILE A 52 0.74 24.03 8.12
CA ILE A 52 -0.06 23.48 9.21
C ILE A 52 0.50 23.90 10.56
N THR A 53 -0.34 23.76 11.58
CA THR A 53 0.04 23.91 12.97
C THR A 53 0.21 22.52 13.57
N TYR A 54 1.31 22.29 14.28
CA TYR A 54 1.60 20.96 14.77
C TYR A 54 2.21 21.03 16.18
N GLN A 55 1.70 20.17 17.06
CA GLN A 55 2.25 20.00 18.40
C GLN A 55 3.18 18.79 18.40
N GLY A 56 4.43 19.01 18.79
CA GLY A 56 5.40 17.94 18.86
C GLY A 56 6.63 18.33 19.66
N LEU A 57 7.72 17.62 19.40
CA LEU A 57 8.98 17.81 20.11
C LEU A 57 9.90 18.61 19.20
N PHE A 58 10.21 19.84 19.61
CA PHE A 58 10.96 20.76 18.77
C PHE A 58 12.01 21.47 19.60
N PRO A 59 13.09 21.92 18.98
CA PRO A 59 13.99 22.84 19.67
C PRO A 59 13.40 24.24 19.66
N TYR A 60 13.88 25.09 20.55
CA TYR A 60 13.34 26.44 20.55
C TYR A 60 14.19 27.35 19.66
N GLN A 61 13.51 28.30 19.02
CA GLN A 61 14.17 29.19 18.09
C GLN A 61 15.32 29.93 18.76
N GLY A 62 16.48 29.94 18.12
CA GLY A 62 17.65 30.62 18.64
C GLY A 62 18.45 29.85 19.67
N ASP A 63 18.09 28.61 19.95
CA ASP A 63 18.83 27.84 20.95
C ASP A 63 20.26 27.62 20.48
N HIS A 64 21.22 28.01 21.32
CA HIS A 64 22.62 27.80 20.98
C HIS A 64 23.02 26.34 21.15
N GLY A 65 22.30 25.59 21.97
CA GLY A 65 22.69 24.23 22.20
C GLY A 65 23.99 24.15 22.98
N ASP A 66 24.52 22.93 23.04
CA ASP A 66 25.82 22.65 23.63
C ASP A 66 26.76 22.22 22.51
N MET A 67 27.95 22.80 22.47
CA MET A 67 28.94 22.45 21.47
C MET A 67 29.94 21.44 22.03
N TYR A 68 30.32 20.50 21.21
CA TYR A 68 31.30 19.50 21.55
C TYR A 68 32.30 19.36 20.43
N VAL A 69 33.55 19.19 20.78
CA VAL A 69 34.61 19.02 19.84
C VAL A 69 35.53 17.87 20.18
N TYR A 70 36.01 17.16 19.18
CA TYR A 70 36.96 16.08 19.32
C TYR A 70 38.31 16.54 18.78
N SER A 71 39.41 16.01 19.28
CA SER A 71 40.73 16.50 18.91
C SER A 71 41.70 15.35 18.67
N ALA A 72 42.69 15.61 17.82
CA ALA A 72 43.88 14.78 17.78
C ALA A 72 44.49 14.68 19.17
N GLY A 73 45.13 13.55 19.44
CA GLY A 73 45.77 13.33 20.72
C GLY A 73 47.19 13.83 20.74
N HIS A 74 47.84 13.67 21.89
CA HIS A 74 49.25 14.00 22.01
C HIS A 74 50.08 13.14 21.07
N ALA A 75 51.20 13.70 20.61
CA ALA A 75 52.11 12.97 19.76
C ALA A 75 53.46 13.67 19.78
N THR A 76 54.53 12.89 19.73
CA THR A 76 55.88 13.41 19.52
C THR A 76 56.37 12.82 18.20
N GLY A 77 56.34 13.62 17.15
CA GLY A 77 56.72 13.13 15.84
C GLY A 77 55.86 11.96 15.43
N THR A 78 56.50 10.81 15.21
CA THR A 78 55.87 9.59 14.74
C THR A 78 55.22 8.77 15.85
N THR A 79 55.19 9.25 17.09
CA THR A 79 54.70 8.45 18.22
C THR A 79 53.49 9.11 18.86
N PRO A 80 52.29 8.55 18.71
CA PRO A 80 51.15 9.04 19.51
C PRO A 80 51.40 8.78 20.99
N GLN A 81 50.84 9.66 21.81
CA GLN A 81 51.00 9.54 23.26
C GLN A 81 49.64 9.63 23.94
N LYS A 82 49.53 10.34 25.06
CA LYS A 82 48.25 10.47 25.77
C LYS A 82 47.15 10.90 24.81
N LEU A 83 45.93 10.45 25.09
CA LEU A 83 44.77 11.05 24.44
C LEU A 83 44.59 12.48 24.94
N PHE A 84 43.83 13.27 24.18
CA PHE A 84 43.59 14.66 24.50
C PHE A 84 42.11 14.93 24.30
N VAL A 85 41.39 15.25 25.37
CA VAL A 85 39.94 15.34 25.35
C VAL A 85 39.46 16.48 26.23
N ALA A 86 38.19 16.85 26.05
CA ALA A 86 37.50 17.74 26.95
C ALA A 86 36.93 16.96 28.14
N ASN A 87 36.24 17.66 29.04
CA ASN A 87 35.74 17.04 30.27
C ASN A 87 34.35 16.42 30.11
N TYR A 88 33.99 15.98 28.90
CA TYR A 88 32.60 15.65 28.62
C TYR A 88 32.10 14.46 29.43
N SER A 89 32.98 13.54 29.79
CA SER A 89 32.49 12.34 30.47
C SER A 89 31.99 12.64 31.88
N GLN A 90 32.41 13.76 32.48
CA GLN A 90 31.96 14.13 33.81
C GLN A 90 30.73 15.03 33.77
N ASP A 91 30.28 15.42 32.59
CA ASP A 91 29.18 16.38 32.45
C ASP A 91 27.92 15.62 32.03
N VAL A 92 27.31 14.95 33.00
CA VAL A 92 26.07 14.21 32.75
C VAL A 92 24.92 15.20 32.65
N LYS A 93 24.11 15.04 31.60
CA LYS A 93 22.99 15.93 31.32
C LYS A 93 21.68 15.15 31.36
N GLN A 94 20.60 15.88 31.64
CA GLN A 94 19.28 15.27 31.75
C GLN A 94 18.69 15.05 30.37
N PHE A 95 18.24 13.83 30.11
CA PHE A 95 17.69 13.49 28.80
C PHE A 95 16.38 14.23 28.53
N ALA A 96 15.49 14.27 29.52
CA ALA A 96 14.16 14.86 29.37
C ALA A 96 13.42 14.23 28.19
N ASN A 97 13.16 15.01 27.13
CA ASN A 97 12.42 14.55 25.96
C ASN A 97 13.29 14.11 24.80
N GLY A 98 14.61 14.12 24.96
CA GLY A 98 15.51 13.80 23.85
C GLY A 98 16.14 15.05 23.28
N PHE A 99 16.84 14.86 22.16
CA PHE A 99 17.58 15.96 21.57
C PHE A 99 17.88 15.68 20.11
N VAL A 100 18.21 16.76 19.39
CA VAL A 100 18.68 16.70 18.00
C VAL A 100 20.11 17.24 17.96
N VAL A 101 20.84 16.84 16.92
CA VAL A 101 22.28 17.06 16.84
C VAL A 101 22.63 17.56 15.45
N ARG A 102 23.30 18.71 15.38
CA ARG A 102 23.87 19.25 14.14
C ARG A 102 25.29 18.71 13.96
N ILE A 103 25.51 17.95 12.89
CA ILE A 103 26.77 17.23 12.70
C ILE A 103 27.47 17.76 11.45
N GLY A 104 28.74 18.10 11.60
CA GLY A 104 29.59 18.44 10.47
C GLY A 104 29.37 19.79 9.84
N ALA A 105 28.81 20.74 10.54
CA ALA A 105 28.53 22.06 9.96
C ALA A 105 29.70 22.85 9.42
N ALA A 106 30.84 22.72 10.07
CA ALA A 106 32.03 23.44 9.69
C ALA A 106 32.91 22.77 8.71
N ALA A 107 32.59 21.57 8.29
CA ALA A 107 33.40 20.83 7.35
C ALA A 107 33.59 21.58 6.10
N ASN A 108 34.85 21.53 5.51
CA ASN A 108 35.42 22.18 4.32
C ASN A 108 36.05 23.52 4.67
N SER A 109 35.63 24.16 5.72
CA SER A 109 36.21 25.42 6.05
C SER A 109 37.49 25.26 6.87
N THR A 110 38.28 26.30 6.98
CA THR A 110 39.53 26.25 7.70
C THR A 110 39.37 26.32 9.18
N GLY A 111 40.00 25.43 9.88
CA GLY A 111 39.88 25.32 11.29
C GLY A 111 41.16 25.00 11.98
N THR A 112 41.08 24.86 13.28
CA THR A 112 42.22 24.56 14.11
C THR A 112 42.29 23.12 14.50
N VAL A 113 43.48 22.62 14.78
CA VAL A 113 43.63 21.24 15.20
C VAL A 113 43.43 20.96 16.67
N ILE A 114 43.07 21.98 17.43
CA ILE A 114 42.77 21.99 18.87
C ILE A 114 43.97 21.83 19.78
N ILE A 115 44.64 20.70 19.69
CA ILE A 115 45.75 20.39 20.50
C ILE A 115 46.90 21.31 20.15
N SER A 116 46.99 21.71 18.91
CA SER A 116 47.99 22.68 18.46
C SER A 116 47.23 23.85 17.83
N PRO A 117 46.83 24.84 18.64
CA PRO A 117 45.90 25.86 18.14
C PRO A 117 46.43 26.68 16.98
N SER A 118 47.75 26.81 16.83
CA SER A 118 48.28 27.56 15.71
C SER A 118 48.32 26.73 14.43
N THR A 119 48.30 25.41 14.53
CA THR A 119 48.23 24.57 13.35
C THR A 119 46.81 24.56 12.80
N SER A 120 46.65 24.89 11.51
CA SER A 120 45.34 24.94 10.89
C SER A 120 45.18 23.82 9.86
N ALA A 121 43.93 23.45 9.60
CA ALA A 121 43.63 22.36 8.69
C ALA A 121 42.18 22.48 8.22
N THR A 122 41.87 21.81 7.14
CA THR A 122 40.55 21.79 6.60
C THR A 122 39.67 20.91 7.44
N ILE A 123 38.59 21.45 7.95
CA ILE A 123 37.68 20.73 8.81
C ILE A 123 36.95 19.57 8.15
N ARG A 124 36.96 18.43 8.80
CA ARG A 124 36.33 17.25 8.33
C ARG A 124 35.24 16.79 9.27
N LYS A 125 34.18 16.22 8.76
CA LYS A 125 33.07 15.78 9.58
C LYS A 125 33.50 14.65 10.51
N ILE A 126 32.96 14.65 11.73
CA ILE A 126 33.14 13.55 12.67
C ILE A 126 31.80 13.31 13.38
N TYR A 127 31.53 12.04 13.66
CA TYR A 127 30.24 11.67 14.25
C TYR A 127 30.32 11.64 15.77
N PRO A 128 29.28 12.09 16.45
CA PRO A 128 29.28 12.08 17.92
C PRO A 128 28.98 10.70 18.47
N ALA A 129 29.50 10.46 19.68
CA ALA A 129 29.20 9.25 20.43
C ALA A 129 28.48 9.63 21.72
N PHE A 130 27.50 8.81 22.11
CA PHE A 130 26.67 9.12 23.27
C PHE A 130 26.56 7.92 24.20
N MET A 131 26.41 8.24 25.48
CA MET A 131 26.11 7.26 26.53
C MET A 131 24.82 7.72 27.19
N LEU A 132 23.82 6.84 27.23
CA LEU A 132 22.50 7.17 27.76
C LEU A 132 22.04 6.07 28.70
N GLY A 133 21.29 6.45 29.73
CA GLY A 133 20.83 5.47 30.69
C GLY A 133 19.87 6.09 31.69
N SER A 134 19.43 5.26 32.64
CA SER A 134 18.42 5.65 33.62
C SER A 134 18.95 5.73 35.03
N SER A 135 20.25 5.54 35.24
CA SER A 135 20.82 5.58 36.57
C SER A 135 22.29 5.95 36.45
N VAL A 136 22.72 6.99 37.15
CA VAL A 136 24.10 7.48 37.09
C VAL A 136 24.63 7.71 38.49
N GLY A 137 25.95 7.83 38.57
CA GLY A 137 26.65 8.08 39.81
C GLY A 137 28.13 8.35 39.55
N ASN A 138 28.98 8.02 40.51
CA ASN A 138 30.39 8.37 40.46
C ASN A 138 31.24 7.11 40.41
N PHE A 139 32.43 7.25 39.82
CA PHE A 139 33.42 6.19 39.88
C PHE A 139 34.07 6.19 41.27
N SER A 140 34.87 5.14 41.53
CA SER A 140 35.39 4.92 42.88
C SER A 140 36.19 6.11 43.39
N ASP A 141 37.03 6.70 42.53
CA ASP A 141 37.79 7.88 42.92
C ASP A 141 36.91 9.15 43.03
N GLY A 142 35.58 9.06 42.87
CA GLY A 142 34.72 10.21 43.06
C GLY A 142 34.35 10.98 41.80
N LYS A 143 35.01 10.69 40.67
CA LYS A 143 34.69 11.39 39.44
C LYS A 143 33.31 11.02 38.93
N MET A 144 32.56 12.02 38.49
CA MET A 144 31.23 11.81 37.94
C MET A 144 31.31 11.13 36.57
N GLY A 145 30.17 10.65 36.11
CA GLY A 145 30.05 10.11 34.77
C GLY A 145 29.82 8.62 34.66
N ARG A 146 29.58 7.92 35.77
CA ARG A 146 29.38 6.48 35.72
C ARG A 146 27.91 6.16 35.50
N PHE A 147 27.64 5.31 34.52
CA PHE A 147 26.29 4.84 34.24
C PHE A 147 26.13 3.43 34.79
N PHE A 148 25.10 3.21 35.59
CA PHE A 148 24.85 1.93 36.22
C PHE A 148 23.85 1.12 35.43
N ASN A 149 23.86 -0.21 35.65
CA ASN A 149 22.87 -1.11 35.05
C ASN A 149 22.97 -1.04 33.53
N HIS A 150 21.90 -1.38 32.81
CA HIS A 150 21.97 -1.37 31.36
C HIS A 150 22.06 0.06 30.85
N THR A 151 22.97 0.27 29.91
CA THR A 151 23.31 1.58 29.38
C THR A 151 23.31 1.50 27.86
N LEU A 152 22.71 2.51 27.22
CA LEU A 152 22.72 2.60 25.78
C LEU A 152 23.94 3.38 25.30
N VAL A 153 24.68 2.80 24.36
CA VAL A 153 25.87 3.43 23.82
C VAL A 153 25.70 3.53 22.31
N LEU A 154 25.82 4.76 21.80
CA LEU A 154 25.84 5.04 20.37
C LEU A 154 27.28 5.38 20.00
N LEU A 155 27.90 4.54 19.20
CA LEU A 155 29.35 4.62 19.00
C LEU A 155 29.70 4.43 17.53
N PRO A 156 30.04 5.51 16.83
CA PRO A 156 30.53 5.38 15.45
C PRO A 156 31.84 4.59 15.41
N ASP A 157 32.09 3.98 14.26
CA ASP A 157 33.34 3.24 14.06
C ASP A 157 33.68 3.20 12.59
N GLY A 158 34.77 2.49 12.28
CA GLY A 158 35.17 2.30 10.89
C GLY A 158 35.56 3.58 10.19
N CYS A 159 36.17 4.52 10.90
CA CYS A 159 36.50 5.83 10.36
C CYS A 159 35.26 6.50 9.77
N GLY A 160 34.17 6.45 10.53
CA GLY A 160 32.95 7.13 10.13
C GLY A 160 32.13 6.40 9.09
N THR A 161 32.29 5.10 8.93
CA THR A 161 31.52 4.32 7.97
C THR A 161 30.50 3.39 8.61
N LEU A 162 30.34 3.44 9.93
CA LEU A 162 29.25 2.71 10.55
C LEU A 162 28.93 3.31 11.91
N LEU A 163 27.72 3.04 12.38
CA LEU A 163 27.27 3.42 13.71
C LEU A 163 26.87 2.17 14.48
N ARG A 164 27.35 2.05 15.71
CA ARG A 164 26.97 0.95 16.60
C ARG A 164 26.06 1.46 17.70
N ALA A 165 25.00 0.70 17.97
CA ALA A 165 24.07 0.96 19.06
C ALA A 165 23.95 -0.31 19.88
N PHE A 166 24.29 -0.24 21.17
CA PHE A 166 24.16 -1.41 22.02
C PHE A 166 23.73 -1.03 23.43
N TYR A 167 23.15 -2.01 24.11
CA TYR A 167 22.51 -1.84 25.42
C TYR A 167 23.12 -2.90 26.33
N CYS A 168 24.16 -2.54 27.08
CA CYS A 168 24.86 -3.53 27.89
C CYS A 168 25.12 -2.94 29.26
N ILE A 169 25.56 -3.78 30.18
CA ILE A 169 26.08 -3.30 31.46
C ILE A 169 27.53 -2.91 31.21
N LEU A 170 27.95 -1.75 31.73
CA LEU A 170 29.32 -1.27 31.55
C LEU A 170 30.10 -1.53 32.84
N GLU A 171 30.96 -2.55 32.80
CA GLU A 171 31.71 -2.96 33.97
C GLU A 171 33.06 -2.28 33.92
N PRO A 172 33.32 -1.25 34.74
CA PRO A 172 34.59 -0.52 34.62
C PRO A 172 35.77 -1.43 34.88
N ARG A 173 36.80 -1.31 34.03
CA ARG A 173 37.94 -2.19 34.19
C ARG A 173 38.91 -1.63 35.24
N SER A 174 39.91 -2.44 35.61
CA SER A 174 40.71 -2.17 36.78
C SER A 174 42.19 -1.92 36.49
N GLY A 175 42.62 -1.98 35.23
CA GLY A 175 43.99 -1.66 34.90
C GLY A 175 44.30 -0.18 35.08
N ASN A 176 45.56 0.15 34.85
CA ASN A 176 46.03 1.53 35.02
C ASN A 176 45.30 2.47 34.07
N HIS A 177 44.80 3.58 34.63
CA HIS A 177 44.02 4.62 33.97
C HIS A 177 42.59 4.18 33.64
N CYS A 178 42.22 2.94 33.93
CA CYS A 178 40.87 2.46 33.70
C CYS A 178 39.96 2.95 34.84
N PRO A 179 38.63 2.97 34.63
CA PRO A 179 37.76 3.66 35.60
C PRO A 179 37.71 3.03 36.98
N ALA A 180 38.02 1.73 37.12
CA ALA A 180 38.17 1.13 38.46
C ALA A 180 39.63 0.84 38.77
N GLY A 181 40.55 1.52 38.12
CA GLY A 181 41.97 1.28 38.34
C GLY A 181 42.74 2.48 38.81
N ASN A 182 44.07 2.40 38.74
CA ASN A 182 44.91 3.48 39.23
C ASN A 182 44.85 4.68 38.29
N SER A 183 44.83 5.88 38.87
CA SER A 183 45.06 7.12 38.14
C SER A 183 44.08 7.27 36.96
N TYR A 184 42.80 7.22 37.31
CA TYR A 184 41.74 7.42 36.34
C TYR A 184 41.46 8.91 36.18
N THR A 185 41.47 9.39 34.93
CA THR A 185 41.06 10.75 34.67
C THR A 185 39.71 10.78 33.97
N SER A 186 39.62 10.18 32.80
CA SER A 186 38.39 10.09 32.04
C SER A 186 38.49 8.87 31.13
N PHE A 187 37.35 8.23 30.89
CA PHE A 187 37.37 7.28 29.80
C PHE A 187 37.25 8.02 28.47
N ALA A 188 37.62 7.35 27.40
CA ALA A 188 37.55 7.93 26.08
C ALA A 188 37.65 6.80 25.07
N THR A 189 37.23 7.09 23.85
CA THR A 189 37.48 6.19 22.72
C THR A 189 38.52 6.84 21.82
N TYR A 190 39.12 6.03 20.96
CA TYR A 190 40.12 6.55 20.05
C TYR A 190 40.22 5.62 18.86
N HIS A 191 40.86 6.14 17.81
CA HIS A 191 41.28 5.28 16.72
C HIS A 191 42.59 5.83 16.19
N THR A 192 43.29 5.01 15.41
CA THR A 192 44.65 5.29 14.98
C THR A 192 44.66 5.26 13.46
N PRO A 193 44.53 6.42 12.81
CA PRO A 193 44.37 6.43 11.34
C PRO A 193 45.42 5.64 10.59
N ALA A 194 46.69 5.69 11.04
CA ALA A 194 47.76 5.03 10.29
C ALA A 194 47.51 3.53 10.13
N THR A 195 46.93 2.89 11.16
CA THR A 195 46.65 1.47 11.08
C THR A 195 45.16 1.14 11.05
N ASP A 196 44.29 2.13 11.26
CA ASP A 196 42.85 1.88 11.26
C ASP A 196 42.13 2.43 10.04
N CYS A 197 42.75 3.32 9.25
CA CYS A 197 41.97 4.04 8.25
C CYS A 197 42.68 4.13 6.90
N SER A 198 43.49 3.15 6.52
CA SER A 198 43.95 3.17 5.14
C SER A 198 42.84 2.66 4.21
N ASP A 199 43.06 2.80 2.90
CA ASP A 199 41.99 2.58 1.94
C ASP A 199 41.68 1.10 1.76
N GLY A 200 40.38 0.79 1.78
CA GLY A 200 39.91 -0.57 1.59
C GLY A 200 40.02 -1.47 2.80
N ASN A 201 40.34 -0.92 3.98
CA ASN A 201 40.64 -1.75 5.13
C ASN A 201 40.17 -1.14 6.44
N TYR A 202 39.22 -0.19 6.40
CA TYR A 202 38.77 0.49 7.60
C TYR A 202 38.46 -0.53 8.69
N ASN A 203 39.05 -0.32 9.87
CA ASN A 203 38.81 -1.18 11.02
C ASN A 203 37.44 -0.85 11.59
N ARG A 204 36.47 -1.74 11.38
CA ARG A 204 35.11 -1.52 11.83
C ARG A 204 35.00 -1.65 13.33
N ASN A 205 36.06 -2.07 14.01
CA ASN A 205 36.00 -2.20 15.47
C ASN A 205 37.06 -1.42 16.23
N ALA A 206 37.71 -0.43 15.61
CA ALA A 206 38.71 0.37 16.32
C ALA A 206 38.09 1.09 17.52
N SER A 207 37.00 1.81 17.31
CA SER A 207 36.41 2.56 18.41
C SER A 207 35.85 1.64 19.48
N LEU A 208 35.19 0.56 19.05
CA LEU A 208 34.66 -0.40 20.01
C LEU A 208 35.77 -1.03 20.84
N ASN A 209 36.90 -1.36 20.20
CA ASN A 209 38.00 -1.98 20.95
C ASN A 209 38.54 -1.01 21.98
N SER A 210 38.62 0.28 21.65
CA SER A 210 39.10 1.24 22.62
C SER A 210 38.09 1.43 23.75
N PHE A 211 36.80 1.35 23.46
CA PHE A 211 35.79 1.38 24.51
C PHE A 211 35.91 0.18 25.44
N LYS A 212 36.15 -1.00 24.87
CA LYS A 212 36.28 -2.21 25.67
C LYS A 212 37.53 -2.20 26.54
N GLU A 213 38.47 -1.30 26.27
CA GLU A 213 39.62 -1.17 27.17
C GLU A 213 39.21 -0.55 28.50
N TYR A 214 38.23 0.35 28.49
CA TYR A 214 37.75 0.97 29.73
C TYR A 214 36.63 0.21 30.41
N PHE A 215 35.80 -0.48 29.64
CA PHE A 215 34.61 -1.14 30.19
C PHE A 215 34.49 -2.53 29.60
N ASN A 216 34.23 -3.53 30.45
CA ASN A 216 33.76 -4.80 29.95
C ASN A 216 32.27 -4.68 29.64
N LEU A 217 31.86 -5.25 28.51
CA LEU A 217 30.47 -5.24 28.11
C LEU A 217 29.81 -6.52 28.61
N ARG A 218 28.75 -6.38 29.42
CA ARG A 218 28.12 -7.52 30.05
C ARG A 218 26.62 -7.51 29.80
N ASN A 219 26.07 -8.69 29.51
CA ASN A 219 24.63 -8.89 29.43
C ASN A 219 24.01 -7.94 28.42
N CYS A 220 24.53 -7.98 27.20
CA CYS A 220 24.12 -7.05 26.18
C CYS A 220 22.87 -7.60 25.50
N THR A 221 21.77 -6.82 25.52
CA THR A 221 20.51 -7.29 24.94
C THR A 221 20.48 -7.16 23.42
N PHE A 222 21.28 -6.25 22.86
CA PHE A 222 21.34 -6.08 21.41
C PHE A 222 22.57 -5.25 21.07
N MET A 223 23.10 -5.49 19.87
CA MET A 223 24.12 -4.64 19.27
C MET A 223 23.77 -4.51 17.79
N TYR A 224 23.31 -3.33 17.38
CA TYR A 224 22.94 -3.07 16.00
C TYR A 224 24.03 -2.27 15.29
N THR A 225 24.20 -2.55 14.01
CA THR A 225 25.17 -1.86 13.16
C THR A 225 24.42 -1.19 12.02
N TYR A 226 24.76 0.08 11.75
CA TYR A 226 24.19 0.81 10.62
C TYR A 226 25.34 1.35 9.79
N ASN A 227 25.38 0.96 8.52
CA ASN A 227 26.40 1.45 7.61
C ASN A 227 26.15 2.91 7.25
N ILE A 228 27.24 3.65 7.05
CA ILE A 228 27.17 5.07 6.71
C ILE A 228 27.93 5.31 5.41
N THR A 229 27.29 6.02 4.48
CA THR A 229 28.00 6.48 3.30
C THR A 229 28.90 7.66 3.66
N GLU A 230 30.12 7.63 3.14
CA GLU A 230 31.16 8.58 3.50
C GLU A 230 31.02 9.87 2.67
N ASP A 231 30.86 11.00 3.33
CA ASP A 231 30.89 12.31 2.65
C ASP A 231 31.12 13.41 3.68
N GLU A 232 31.18 14.65 3.20
CA GLU A 232 31.37 15.82 4.04
C GLU A 232 30.10 16.66 4.14
N ILE A 233 28.95 16.05 3.92
CA ILE A 233 27.67 16.75 3.91
C ILE A 233 27.16 16.86 5.34
N LEU A 234 26.68 18.04 5.71
CA LEU A 234 26.19 18.18 7.07
C LEU A 234 24.88 17.42 7.25
N GLU A 235 24.67 16.90 8.45
CA GLU A 235 23.48 16.09 8.71
C GLU A 235 22.94 16.39 10.10
N TRP A 236 21.70 15.96 10.31
CA TRP A 236 21.01 16.07 11.58
C TRP A 236 20.70 14.68 12.11
N PHE A 237 20.86 14.52 13.41
CA PHE A 237 20.60 13.27 14.11
C PHE A 237 19.73 13.58 15.33
N GLY A 238 18.77 12.70 15.61
CA GLY A 238 17.88 12.92 16.73
C GLY A 238 17.60 11.64 17.48
N ILE A 239 17.12 11.80 18.70
CA ILE A 239 16.78 10.66 19.55
C ILE A 239 15.68 11.07 20.50
N THR A 240 14.62 10.27 20.54
CA THR A 240 13.52 10.43 21.49
C THR A 240 13.27 9.07 22.16
N GLN A 241 12.32 9.03 23.10
CA GLN A 241 11.90 7.77 23.68
C GLN A 241 10.42 7.80 23.99
N THR A 242 9.74 6.71 23.67
CA THR A 242 8.34 6.47 23.99
C THR A 242 8.22 5.11 24.65
N ALA A 243 6.99 4.71 24.98
CA ALA A 243 6.77 3.37 25.52
C ALA A 243 7.18 2.29 24.54
N GLN A 244 7.20 2.59 23.25
CA GLN A 244 7.66 1.64 22.25
C GLN A 244 9.17 1.49 22.18
N GLY A 245 9.93 2.39 22.82
CA GLY A 245 11.37 2.24 22.85
C GLY A 245 12.07 3.54 22.50
N VAL A 246 13.35 3.43 22.18
CA VAL A 246 14.18 4.59 21.84
C VAL A 246 14.22 4.72 20.33
N HIS A 247 13.93 5.91 19.83
CA HIS A 247 13.80 6.17 18.40
C HIS A 247 14.98 6.99 17.92
N LEU A 248 15.59 6.56 16.82
CA LEU A 248 16.77 7.23 16.26
C LEU A 248 16.38 7.85 14.92
N PHE A 249 16.74 9.11 14.75
CA PHE A 249 16.34 9.90 13.59
C PHE A 249 17.59 10.37 12.86
N SER A 250 17.48 10.48 11.53
CA SER A 250 18.56 11.01 10.72
C SER A 250 17.99 11.70 9.50
N SER A 251 18.75 12.66 8.98
CA SER A 251 18.43 13.30 7.72
C SER A 251 19.02 12.57 6.52
N ARG A 252 19.88 11.57 6.74
CA ARG A 252 20.74 11.07 5.67
C ARG A 252 19.97 10.32 4.59
N TYR A 253 18.97 9.52 4.97
CA TYR A 253 18.34 8.65 3.99
C TYR A 253 17.30 9.39 3.16
N VAL A 254 16.46 10.20 3.82
CA VAL A 254 15.27 10.72 3.15
C VAL A 254 15.47 12.17 2.72
N ASP A 255 16.27 12.94 3.45
CA ASP A 255 16.48 14.34 3.15
C ASP A 255 17.95 14.72 3.32
N LEU A 256 18.82 14.10 2.53
CA LEU A 256 20.26 14.25 2.73
C LEU A 256 20.70 15.70 2.60
N TYR A 257 20.11 16.43 1.65
CA TYR A 257 20.52 17.80 1.37
C TYR A 257 19.67 18.83 2.11
N GLY A 258 18.54 18.44 2.69
CA GLY A 258 17.64 19.40 3.28
C GLY A 258 17.56 19.38 4.79
N GLY A 259 17.93 18.25 5.40
CA GLY A 259 18.09 18.18 6.84
C GLY A 259 16.90 17.68 7.64
N ASN A 260 15.72 17.53 7.04
CA ASN A 260 14.58 16.95 7.75
C ASN A 260 14.96 15.58 8.33
N MET A 261 14.54 15.32 9.55
CA MET A 261 14.91 14.09 10.23
C MET A 261 13.76 13.09 10.17
N PHE A 262 14.10 11.84 9.80
CA PHE A 262 13.16 10.73 9.75
C PHE A 262 13.71 9.57 10.56
N GLN A 263 12.81 8.78 11.13
CA GLN A 263 13.20 7.69 12.00
C GLN A 263 13.79 6.55 11.17
N PHE A 264 14.95 6.03 11.58
CA PHE A 264 15.54 4.88 10.93
C PHE A 264 15.67 3.65 11.84
N ALA A 265 15.55 3.82 13.15
CA ALA A 265 15.59 2.65 14.04
C ALA A 265 14.76 2.93 15.28
N THR A 266 14.23 1.84 15.84
CA THR A 266 13.58 1.84 17.15
C THR A 266 14.30 0.81 18.02
N LEU A 267 14.79 1.25 19.17
CA LEU A 267 15.61 0.35 19.97
C LEU A 267 14.80 -0.25 21.10
N PRO A 268 14.90 -1.56 21.34
CA PRO A 268 14.16 -2.17 22.44
C PRO A 268 14.74 -1.77 23.80
N VAL A 269 14.63 -0.48 24.12
CA VAL A 269 15.07 0.07 25.40
C VAL A 269 13.83 0.64 26.06
N TYR A 270 13.36 -0.02 27.12
CA TYR A 270 12.08 0.32 27.73
C TYR A 270 12.19 0.90 29.13
N ASP A 271 13.37 0.84 29.75
CA ASP A 271 13.60 1.67 30.93
C ASP A 271 13.73 3.12 30.50
N THR A 272 13.16 4.02 31.31
CA THR A 272 13.11 5.44 30.96
C THR A 272 14.51 6.04 30.95
N ILE A 273 14.96 6.50 29.79
CA ILE A 273 16.24 7.19 29.69
C ILE A 273 16.12 8.54 30.41
N LYS A 274 16.96 8.73 31.42
CA LYS A 274 16.94 9.96 32.21
C LYS A 274 18.22 10.78 32.09
N TYR A 275 19.35 10.16 31.77
CA TYR A 275 20.62 10.85 31.72
C TYR A 275 21.35 10.50 30.44
N TYR A 276 22.22 11.40 30.01
CA TYR A 276 23.11 11.09 28.91
C TYR A 276 24.39 11.91 29.07
N SER A 277 25.44 11.44 28.41
CA SER A 277 26.68 12.20 28.31
C SER A 277 27.30 11.95 26.94
N ILE A 278 28.21 12.85 26.57
CA ILE A 278 28.92 12.76 25.31
C ILE A 278 30.23 12.03 25.58
N ILE A 279 30.50 10.99 24.80
CA ILE A 279 31.70 10.19 25.00
C ILE A 279 32.84 10.88 24.28
N PRO A 280 33.91 11.28 24.96
CA PRO A 280 35.03 11.91 24.26
C PRO A 280 35.74 10.90 23.38
N HIS A 281 36.28 11.42 22.29
CA HIS A 281 37.04 10.67 21.32
C HIS A 281 38.29 11.47 20.99
N SER A 282 39.42 10.79 20.91
CA SER A 282 40.67 11.42 20.54
C SER A 282 41.28 10.63 19.40
N ILE A 283 41.83 11.33 18.41
CA ILE A 283 42.37 10.69 17.22
C ILE A 283 43.87 10.53 17.41
N ARG A 284 44.35 9.28 17.36
CA ARG A 284 45.76 8.98 17.64
C ARG A 284 46.58 9.12 16.36
N SER A 285 46.73 10.35 15.92
CA SER A 285 47.53 10.65 14.74
C SER A 285 48.92 11.12 15.15
N ILE A 286 49.84 11.05 14.20
CA ILE A 286 51.16 11.64 14.40
C ILE A 286 51.03 13.15 14.18
N GLN A 287 52.06 13.90 14.58
CA GLN A 287 51.98 15.37 14.56
C GLN A 287 51.68 15.90 13.16
N SER A 288 52.42 15.43 12.16
CA SER A 288 52.34 16.01 10.83
C SER A 288 51.05 15.67 10.09
N ASP A 289 50.21 14.79 10.63
CA ASP A 289 48.98 14.40 9.96
C ASP A 289 47.76 14.64 10.84
N ARG A 290 47.77 15.70 11.64
CA ARG A 290 46.59 16.06 12.40
C ARG A 290 45.57 16.73 11.50
N LYS A 291 44.32 16.46 11.79
CA LYS A 291 43.22 17.00 11.10
C LYS A 291 42.40 17.84 12.06
N ALA A 292 41.50 18.60 11.52
CA ALA A 292 40.58 19.37 12.29
C ALA A 292 39.24 18.67 12.15
N TRP A 293 38.58 18.44 13.26
CA TRP A 293 37.31 17.76 13.24
C TRP A 293 36.19 18.67 13.65
N ALA A 294 35.14 18.70 12.86
CA ALA A 294 34.04 19.57 13.09
C ALA A 294 33.30 19.35 14.36
N ALA A 295 32.95 20.44 14.97
CA ALA A 295 32.17 20.43 16.17
C ALA A 295 30.74 19.99 15.90
N PHE A 296 30.13 19.38 16.88
CA PHE A 296 28.78 18.99 16.80
C PHE A 296 28.01 19.70 17.90
N TYR A 297 26.75 19.98 17.64
CA TYR A 297 25.90 20.71 18.52
C TYR A 297 24.66 19.96 18.91
N VAL A 298 24.38 19.91 20.19
CA VAL A 298 23.22 19.24 20.70
C VAL A 298 22.19 20.23 21.20
N TYR A 299 20.93 20.04 20.86
CA TYR A 299 19.84 20.92 21.26
C TYR A 299 18.71 20.05 21.81
N LYS A 300 18.20 20.41 22.98
CA LYS A 300 17.13 19.66 23.62
C LYS A 300 15.80 19.86 22.91
N LEU A 301 14.96 18.83 22.94
CA LEU A 301 13.60 18.89 22.42
C LEU A 301 12.62 19.18 23.55
N GLN A 302 11.57 19.94 23.24
CA GLN A 302 10.49 20.15 24.19
C GLN A 302 9.16 20.17 23.47
N PRO A 303 8.08 19.84 24.17
CA PRO A 303 6.76 19.91 23.53
C PRO A 303 6.39 21.34 23.22
N LEU A 304 6.30 21.67 21.93
CA LEU A 304 6.02 23.02 21.46
C LEU A 304 5.07 22.94 20.28
N THR A 305 4.38 24.04 20.02
CA THR A 305 3.56 24.18 18.84
C THR A 305 4.37 24.92 17.78
N PHE A 306 4.52 24.30 16.61
CA PHE A 306 5.20 24.91 15.48
C PHE A 306 4.23 25.07 14.32
N LEU A 307 4.34 26.18 13.60
CA LEU A 307 3.86 26.23 12.23
C LEU A 307 4.88 25.54 11.33
N LEU A 308 4.43 24.60 10.52
CA LEU A 308 5.29 23.87 9.60
C LEU A 308 4.87 24.14 8.17
N ASP A 309 5.81 24.58 7.34
CA ASP A 309 5.56 24.90 5.94
C ASP A 309 6.18 23.81 5.08
N PHE A 310 5.33 23.06 4.39
CA PHE A 310 5.75 21.95 3.54
C PHE A 310 5.80 22.41 2.08
N SER A 311 6.88 22.08 1.39
CA SER A 311 7.01 22.38 -0.03
C SER A 311 6.21 21.38 -0.86
N VAL A 312 6.16 21.63 -2.17
CA VAL A 312 5.50 20.70 -3.08
C VAL A 312 6.16 19.32 -3.02
N ASP A 313 7.46 19.27 -2.72
CA ASP A 313 8.19 18.01 -2.66
C ASP A 313 7.84 17.20 -1.43
N GLY A 314 7.14 17.78 -0.46
CA GLY A 314 6.80 17.11 0.78
C GLY A 314 7.67 17.44 1.97
N TYR A 315 8.71 18.25 1.79
CA TYR A 315 9.67 18.52 2.86
C TYR A 315 9.36 19.82 3.59
N ILE A 316 9.72 19.85 4.87
CA ILE A 316 9.61 21.07 5.67
C ILE A 316 10.80 21.96 5.38
N ARG A 317 10.54 23.16 4.87
CA ARG A 317 11.61 24.09 4.54
C ARG A 317 11.53 25.41 5.32
N ARG A 318 10.54 25.55 6.19
CA ARG A 318 10.39 26.74 7.01
C ARG A 318 9.42 26.41 8.12
N ALA A 319 9.71 26.90 9.33
CA ALA A 319 8.85 26.66 10.47
C ALA A 319 8.80 27.90 11.35
N ILE A 320 7.84 27.92 12.27
CA ILE A 320 7.70 28.99 13.24
C ILE A 320 7.38 28.37 14.60
N ASP A 321 8.29 28.57 15.56
CA ASP A 321 8.13 28.35 16.99
C ASP A 321 7.14 29.38 17.54
N CYS A 322 5.88 28.96 17.69
CA CYS A 322 4.79 29.90 17.98
C CYS A 322 4.95 30.55 19.34
N GLY A 323 5.38 29.80 20.35
CA GLY A 323 5.52 30.35 21.67
C GLY A 323 6.68 31.30 21.88
N PHE A 324 7.41 31.68 20.82
CA PHE A 324 8.60 32.51 20.99
C PHE A 324 8.23 33.91 21.46
N ASN A 325 7.19 34.49 20.89
CA ASN A 325 6.71 35.79 21.34
C ASN A 325 5.27 35.95 20.86
N ASP A 326 4.66 37.08 21.25
CA ASP A 326 3.27 37.34 20.90
C ASP A 326 3.08 37.40 19.40
N LEU A 327 4.05 37.98 18.68
CA LEU A 327 3.94 38.09 17.23
C LEU A 327 4.00 36.72 16.57
N SER A 328 4.80 35.81 17.12
CA SER A 328 4.88 34.47 16.54
C SER A 328 3.60 33.68 16.78
N GLN A 329 2.93 33.92 17.92
CA GLN A 329 1.65 33.27 18.16
C GLN A 329 0.65 33.61 17.06
N LEU A 330 0.57 34.89 16.69
CA LEU A 330 -0.41 35.28 15.68
C LEU A 330 0.00 34.85 14.28
N HIS A 331 1.29 34.76 14.01
CA HIS A 331 1.73 34.25 12.72
C HIS A 331 1.26 32.81 12.53
N CYS A 332 1.32 31.99 13.59
CA CYS A 332 0.93 30.60 13.48
C CYS A 332 -0.56 30.43 13.22
N SER A 333 -1.37 31.40 13.63
CA SER A 333 -2.79 31.39 13.31
C SER A 333 -3.02 31.90 11.88
N TYR A 334 -1.98 31.88 11.06
CA TYR A 334 -1.94 32.60 9.77
C TYR A 334 -2.43 34.05 9.91
N TYR B 1 -27.04 -12.74 -31.97
CA TYR B 1 -27.48 -11.66 -31.08
C TYR B 1 -28.52 -12.18 -30.07
N VAL B 2 -28.84 -11.37 -29.06
CA VAL B 2 -29.75 -11.77 -28.00
C VAL B 2 -31.05 -10.97 -28.08
N ASP B 3 -32.14 -11.62 -27.67
CA ASP B 3 -33.42 -10.95 -27.49
C ASP B 3 -33.35 -10.14 -26.19
N VAL B 4 -33.52 -8.83 -26.28
CA VAL B 4 -33.46 -7.98 -25.10
C VAL B 4 -34.85 -7.48 -24.69
N GLY B 5 -35.91 -8.17 -25.16
CA GLY B 5 -37.26 -7.76 -24.89
C GLY B 5 -37.79 -6.92 -26.01
N PRO B 6 -39.09 -6.59 -25.96
CA PRO B 6 -39.68 -5.78 -27.04
C PRO B 6 -39.25 -4.33 -26.98
N ASP B 7 -39.27 -3.69 -28.14
CA ASP B 7 -39.10 -2.24 -28.21
C ASP B 7 -40.18 -1.54 -27.39
N SER B 8 -39.90 -0.31 -27.01
CA SER B 8 -40.94 0.52 -26.44
C SER B 8 -42.00 0.83 -27.50
N VAL B 9 -43.27 0.77 -27.10
CA VAL B 9 -44.36 1.17 -27.98
C VAL B 9 -44.80 2.61 -27.74
N LYS B 10 -44.12 3.34 -26.86
CA LYS B 10 -44.51 4.72 -26.59
C LYS B 10 -44.34 5.59 -27.84
N SER B 11 -45.33 6.44 -28.09
CA SER B 11 -45.27 7.32 -29.24
C SER B 11 -44.35 8.51 -29.05
N ALA B 12 -43.91 8.77 -27.82
CA ALA B 12 -43.07 9.92 -27.53
C ALA B 12 -42.20 9.60 -26.33
N CYS B 13 -41.26 10.51 -26.03
CA CYS B 13 -40.39 10.43 -24.88
C CYS B 13 -40.79 11.49 -23.85
N ILE B 14 -40.54 11.22 -22.58
CA ILE B 14 -40.85 12.20 -21.55
C ILE B 14 -39.93 13.42 -21.69
N GLU B 15 -40.47 14.61 -21.43
CA GLU B 15 -39.67 15.83 -21.58
C GLU B 15 -38.58 15.90 -20.52
N VAL B 16 -37.43 16.45 -20.92
CA VAL B 16 -36.25 16.50 -20.08
C VAL B 16 -35.79 17.95 -19.96
N ASP B 17 -35.71 18.45 -18.72
CA ASP B 17 -35.25 19.79 -18.42
C ASP B 17 -33.80 19.73 -17.92
N ILE B 18 -32.90 20.45 -18.61
CA ILE B 18 -31.50 20.57 -18.19
C ILE B 18 -31.30 21.91 -17.52
N GLN B 19 -30.71 21.90 -16.32
CA GLN B 19 -30.41 23.12 -15.55
C GLN B 19 -29.10 22.88 -14.80
N GLN B 20 -27.99 22.99 -15.54
CA GLN B 20 -26.67 22.64 -15.00
C GLN B 20 -26.34 23.41 -13.73
N THR B 21 -26.85 24.65 -13.60
CA THR B 21 -26.52 25.44 -12.41
C THR B 21 -27.00 24.78 -11.13
N PHE B 22 -28.14 24.07 -11.17
CA PHE B 22 -28.63 23.39 -9.98
C PHE B 22 -27.75 22.22 -9.58
N PHE B 23 -26.91 21.74 -10.48
CA PHE B 23 -26.02 20.61 -10.21
C PHE B 23 -24.57 21.04 -10.03
N ASP B 24 -24.31 22.35 -10.01
CA ASP B 24 -22.95 22.89 -9.83
C ASP B 24 -22.69 22.99 -8.33
N LYS B 25 -22.07 21.94 -7.78
CA LYS B 25 -21.80 21.87 -6.36
C LYS B 25 -20.32 21.58 -6.15
N THR B 26 -19.83 22.07 -5.02
CA THR B 26 -18.48 21.78 -4.59
C THR B 26 -18.60 20.90 -3.37
N TRP B 27 -18.53 19.61 -3.58
CA TRP B 27 -18.60 18.62 -2.54
C TRP B 27 -17.40 17.76 -2.77
N PRO B 28 -16.24 18.22 -2.37
CA PRO B 28 -14.99 17.52 -2.64
C PRO B 28 -14.74 16.25 -1.88
N ARG B 29 -14.36 15.21 -2.60
CA ARG B 29 -14.04 13.92 -2.03
C ARG B 29 -12.92 13.39 -2.84
N PRO B 30 -11.74 13.95 -2.67
CA PRO B 30 -10.58 13.54 -3.44
C PRO B 30 -10.00 12.19 -3.07
N ILE B 31 -9.25 11.61 -3.99
CA ILE B 31 -8.62 10.31 -3.75
C ILE B 31 -7.59 10.43 -2.64
N ASP B 32 -7.71 9.57 -1.63
CA ASP B 32 -6.74 9.43 -0.55
C ASP B 32 -6.28 7.98 -0.54
N VAL B 33 -5.14 7.70 -1.18
CA VAL B 33 -4.66 6.32 -1.26
C VAL B 33 -4.11 5.81 0.06
N SER B 34 -3.85 6.68 1.04
CA SER B 34 -3.45 6.19 2.36
C SER B 34 -4.57 5.41 3.02
N LYS B 35 -5.82 5.74 2.70
CA LYS B 35 -6.97 4.97 3.14
C LYS B 35 -7.49 4.03 2.05
N ALA B 36 -6.66 3.79 1.02
CA ALA B 36 -6.93 2.83 -0.04
C ALA B 36 -8.16 3.23 -0.87
N ASP B 37 -8.33 4.53 -1.10
CA ASP B 37 -9.36 4.98 -2.03
C ASP B 37 -9.06 4.49 -3.43
N GLY B 38 -10.04 3.81 -4.04
CA GLY B 38 -9.96 3.52 -5.46
C GLY B 38 -8.99 2.42 -5.86
N ILE B 39 -8.63 1.52 -4.95
CA ILE B 39 -7.63 0.52 -5.23
C ILE B 39 -8.31 -0.75 -5.75
N ILE B 40 -7.85 -1.22 -6.89
CA ILE B 40 -8.27 -2.50 -7.43
C ILE B 40 -7.26 -3.55 -6.98
N TYR B 41 -7.76 -4.62 -6.37
CA TYR B 41 -6.88 -5.68 -5.89
C TYR B 41 -6.10 -6.31 -7.06
N PRO B 42 -4.82 -6.59 -6.87
CA PRO B 42 -4.03 -7.18 -7.97
C PRO B 42 -4.50 -8.57 -8.34
N GLN B 43 -4.53 -8.84 -9.64
CA GLN B 43 -4.96 -10.12 -10.17
C GLN B 43 -3.86 -11.18 -10.02
N GLY B 44 -4.25 -12.41 -9.74
CA GLY B 44 -3.40 -13.57 -9.91
C GLY B 44 -2.91 -14.22 -8.62
N ARG B 45 -2.76 -13.44 -7.54
CA ARG B 45 -2.22 -14.01 -6.31
C ARG B 45 -2.58 -13.12 -5.13
N THR B 46 -2.87 -13.76 -4.01
CA THR B 46 -3.28 -13.10 -2.77
C THR B 46 -2.04 -12.80 -1.89
N TYR B 47 -2.05 -11.65 -1.23
CA TYR B 47 -0.97 -11.29 -0.31
C TYR B 47 -1.52 -11.08 1.09
N SER B 48 -0.69 -11.38 2.09
CA SER B 48 -1.11 -11.33 3.47
C SER B 48 0.03 -10.83 4.34
N ASN B 49 -0.24 -9.80 5.15
CA ASN B 49 0.68 -9.28 6.15
C ASN B 49 2.05 -8.98 5.54
N ILE B 50 2.03 -8.15 4.49
CA ILE B 50 3.24 -7.84 3.74
C ILE B 50 3.02 -6.53 3.00
N THR B 51 4.11 -5.83 2.71
CA THR B 51 4.12 -4.61 1.93
C THR B 51 4.90 -4.86 0.64
N ILE B 52 4.35 -4.41 -0.49
CA ILE B 52 4.93 -4.64 -1.80
C ILE B 52 4.85 -3.36 -2.64
N THR B 53 5.73 -3.27 -3.63
CA THR B 53 5.62 -2.27 -4.68
C THR B 53 5.06 -2.93 -5.93
N TYR B 54 3.95 -2.40 -6.45
CA TYR B 54 3.21 -3.02 -7.55
C TYR B 54 2.83 -1.94 -8.56
N GLN B 55 3.10 -2.21 -9.83
CA GLN B 55 2.74 -1.28 -10.90
C GLN B 55 1.46 -1.74 -11.58
N GLY B 56 0.41 -0.93 -11.47
CA GLY B 56 -0.87 -1.25 -12.07
C GLY B 56 -1.66 0.00 -12.40
N LEU B 57 -2.96 -0.16 -12.65
CA LEU B 57 -3.84 0.95 -12.99
C LEU B 57 -4.39 1.53 -11.70
N PHE B 58 -4.02 2.77 -11.40
CA PHE B 58 -4.42 3.41 -10.15
C PHE B 58 -4.87 4.84 -10.43
N PRO B 59 -5.74 5.38 -9.59
CA PRO B 59 -5.95 6.83 -9.57
C PRO B 59 -4.79 7.48 -8.85
N TYR B 60 -4.59 8.77 -9.11
CA TYR B 60 -3.47 9.45 -8.49
C TYR B 60 -3.90 10.12 -7.19
N GLN B 61 -2.94 10.24 -6.26
CA GLN B 61 -3.23 10.79 -4.94
C GLN B 61 -3.75 12.21 -5.07
N GLY B 62 -4.84 12.49 -4.36
CA GLY B 62 -5.42 13.82 -4.33
C GLY B 62 -6.36 14.16 -5.48
N ASP B 63 -6.58 13.24 -6.42
CA ASP B 63 -7.46 13.53 -7.56
C ASP B 63 -8.88 13.84 -7.08
N HIS B 64 -9.39 15.00 -7.49
CA HIS B 64 -10.77 15.36 -7.16
C HIS B 64 -11.77 14.58 -7.99
N GLY B 65 -11.37 14.10 -9.16
CA GLY B 65 -12.29 13.40 -10.03
C GLY B 65 -13.39 14.31 -10.57
N ASP B 66 -14.37 13.67 -11.18
CA ASP B 66 -15.55 14.34 -11.70
C ASP B 66 -16.76 13.94 -10.87
N MET B 67 -17.48 14.93 -10.36
CA MET B 67 -18.66 14.67 -9.56
C MET B 67 -19.92 14.71 -10.45
N TYR B 68 -20.84 13.80 -10.17
CA TYR B 68 -22.10 13.71 -10.87
C TYR B 68 -23.20 13.47 -9.89
N VAL B 69 -24.33 14.05 -10.12
CA VAL B 69 -25.43 13.88 -9.24
C VAL B 69 -26.80 13.79 -9.94
N TYR B 70 -27.67 12.94 -9.45
CA TYR B 70 -28.98 12.74 -9.98
C TYR B 70 -30.00 13.42 -9.11
N SER B 71 -31.17 13.71 -9.63
CA SER B 71 -32.15 14.50 -8.88
C SER B 71 -33.57 14.02 -9.14
N ALA B 72 -34.45 14.31 -8.20
CA ALA B 72 -35.88 14.19 -8.44
C ALA B 72 -36.29 15.11 -9.59
N GLY B 73 -37.29 14.69 -10.35
CA GLY B 73 -37.79 15.49 -11.44
C GLY B 73 -38.83 16.51 -10.99
N HIS B 74 -39.31 17.29 -11.94
CA HIS B 74 -40.35 18.26 -11.65
C HIS B 74 -41.63 17.53 -11.24
N ALA B 75 -42.45 18.21 -10.44
CA ALA B 75 -43.70 17.66 -9.94
C ALA B 75 -44.55 18.78 -9.39
N THR B 76 -45.87 18.54 -9.36
CA THR B 76 -46.82 19.48 -8.77
C THR B 76 -47.38 18.97 -7.44
N GLY B 77 -46.72 17.99 -6.82
CA GLY B 77 -47.18 17.41 -5.58
C GLY B 77 -48.11 16.23 -5.77
N THR B 78 -48.90 16.23 -6.83
CA THR B 78 -49.74 15.11 -7.22
C THR B 78 -49.18 14.37 -8.42
N THR B 79 -48.75 15.10 -9.45
CA THR B 79 -48.38 14.54 -10.74
C THR B 79 -46.92 14.82 -11.03
N PRO B 80 -46.09 13.80 -11.25
CA PRO B 80 -44.74 14.06 -11.75
C PRO B 80 -44.80 14.68 -13.14
N GLN B 81 -43.84 15.58 -13.41
CA GLN B 81 -43.78 16.26 -14.70
C GLN B 81 -42.43 16.00 -15.36
N LYS B 82 -41.86 17.02 -16.00
CA LYS B 82 -40.61 16.84 -16.74
C LYS B 82 -39.51 16.31 -15.83
N LEU B 83 -38.62 15.52 -16.41
CA LEU B 83 -37.39 15.15 -15.73
C LEU B 83 -36.50 16.36 -15.51
N PHE B 84 -35.59 16.24 -14.56
CA PHE B 84 -34.67 17.30 -14.19
C PHE B 84 -33.27 16.69 -14.10
N VAL B 85 -32.37 17.12 -14.98
CA VAL B 85 -31.05 16.49 -15.09
C VAL B 85 -30.00 17.55 -15.35
N ALA B 86 -28.75 17.15 -15.17
CA ALA B 86 -27.59 17.96 -15.52
C ALA B 86 -27.24 17.76 -16.99
N ASN B 87 -26.13 18.39 -17.41
CA ASN B 87 -25.70 18.42 -18.81
C ASN B 87 -24.86 17.21 -19.20
N TYR B 88 -24.99 16.09 -18.50
CA TYR B 88 -23.99 15.03 -18.60
C TYR B 88 -23.96 14.36 -19.97
N SER B 89 -25.13 14.26 -20.64
CA SER B 89 -25.18 13.55 -21.92
C SER B 89 -24.25 14.16 -22.96
N GLN B 90 -24.10 15.49 -22.94
CA GLN B 90 -23.28 16.19 -23.92
C GLN B 90 -21.80 16.19 -23.59
N ASP B 91 -21.42 15.76 -22.39
CA ASP B 91 -20.04 15.83 -21.93
C ASP B 91 -19.40 14.45 -22.11
N VAL B 92 -18.97 14.18 -23.34
CA VAL B 92 -18.33 12.91 -23.63
C VAL B 92 -16.88 12.97 -23.19
N LYS B 93 -16.48 12.00 -22.37
CA LYS B 93 -15.12 11.93 -21.84
C LYS B 93 -14.34 10.84 -22.55
N GLN B 94 -13.01 10.99 -22.54
CA GLN B 94 -12.13 9.97 -23.07
C GLN B 94 -11.92 8.86 -22.06
N PHE B 95 -11.97 7.60 -22.54
CA PHE B 95 -11.90 6.45 -21.63
C PHE B 95 -10.49 6.19 -21.14
N ALA B 96 -9.49 6.26 -22.03
CA ALA B 96 -8.09 6.05 -21.68
C ALA B 96 -7.94 4.66 -21.08
N ASN B 97 -7.47 4.51 -19.85
CA ASN B 97 -7.27 3.19 -19.26
C ASN B 97 -8.43 2.74 -18.39
N GLY B 98 -9.51 3.51 -18.32
CA GLY B 98 -10.64 3.19 -17.46
C GLY B 98 -10.68 4.12 -16.26
N PHE B 99 -11.59 3.80 -15.34
CA PHE B 99 -11.83 4.67 -14.21
C PHE B 99 -12.42 3.87 -13.04
N VAL B 100 -12.41 4.49 -11.87
CA VAL B 100 -13.05 3.96 -10.68
C VAL B 100 -14.06 5.00 -10.18
N VAL B 101 -15.07 4.52 -9.46
CA VAL B 101 -16.20 5.35 -9.05
C VAL B 101 -16.44 5.17 -7.56
N ARG B 102 -16.54 6.29 -6.84
CA ARG B 102 -16.95 6.29 -5.45
C ARG B 102 -18.47 6.49 -5.39
N ILE B 103 -19.18 5.53 -4.79
CA ILE B 103 -20.64 5.50 -4.83
C ILE B 103 -21.20 5.62 -3.43
N GLY B 104 -22.17 6.51 -3.25
CA GLY B 104 -22.92 6.56 -2.01
C GLY B 104 -22.17 7.10 -0.81
N ALA B 105 -21.15 7.91 -1.02
CA ALA B 105 -20.37 8.43 0.09
C ALA B 105 -21.12 9.26 1.09
N ALA B 106 -22.00 10.12 0.64
CA ALA B 106 -22.73 10.99 1.51
C ALA B 106 -24.00 10.45 2.06
N ALA B 107 -24.30 9.20 1.77
CA ALA B 107 -25.52 8.56 2.27
C ALA B 107 -25.50 8.55 3.78
N ASN B 108 -26.71 8.75 4.40
CA ASN B 108 -27.06 8.92 5.82
C ASN B 108 -26.97 10.38 6.25
N SER B 109 -26.16 11.17 5.57
CA SER B 109 -26.09 12.59 5.88
C SER B 109 -27.33 13.30 5.34
N THR B 110 -27.49 14.52 5.81
CA THR B 110 -28.59 15.35 5.41
C THR B 110 -28.13 16.14 4.22
N GLY B 111 -28.96 16.22 3.21
CA GLY B 111 -28.57 16.90 2.00
C GLY B 111 -29.68 17.57 1.26
N THR B 112 -29.33 18.29 0.23
CA THR B 112 -30.27 18.96 -0.64
C THR B 112 -30.92 18.00 -1.63
N VAL B 113 -32.14 18.29 -2.01
CA VAL B 113 -32.88 17.50 -2.96
C VAL B 113 -32.71 17.95 -4.40
N ILE B 114 -31.82 18.91 -4.61
CA ILE B 114 -31.41 19.50 -5.87
C ILE B 114 -32.41 20.38 -6.56
N ILE B 115 -33.53 19.83 -6.94
CA ILE B 115 -34.48 20.60 -7.67
C ILE B 115 -35.09 21.68 -6.79
N SER B 116 -35.18 21.37 -5.51
CA SER B 116 -35.63 22.35 -4.53
C SER B 116 -34.46 22.61 -3.59
N PRO B 117 -33.56 23.54 -3.93
CA PRO B 117 -32.39 23.76 -3.06
C PRO B 117 -32.77 24.10 -1.64
N SER B 118 -33.95 24.69 -1.43
CA SER B 118 -34.42 25.00 -0.09
C SER B 118 -34.79 23.76 0.71
N THR B 119 -35.14 22.66 0.04
CA THR B 119 -35.61 21.45 0.71
C THR B 119 -34.44 20.49 0.96
N SER B 120 -34.35 19.98 2.19
CA SER B 120 -33.31 19.04 2.57
C SER B 120 -33.91 17.70 2.95
N ALA B 121 -33.13 16.63 2.76
CA ALA B 121 -33.57 15.29 3.09
C ALA B 121 -32.34 14.44 3.42
N THR B 122 -32.60 13.25 3.88
CA THR B 122 -31.53 12.35 4.16
C THR B 122 -31.05 11.72 2.87
N ILE B 123 -29.75 11.79 2.67
CA ILE B 123 -29.16 11.26 1.49
C ILE B 123 -29.18 9.75 1.38
N ARG B 124 -29.61 9.27 0.23
CA ARG B 124 -29.69 7.87 -0.04
C ARG B 124 -28.77 7.52 -1.16
N LYS B 125 -28.26 6.30 -1.19
CA LYS B 125 -27.36 5.88 -2.24
C LYS B 125 -28.11 5.64 -3.54
N ILE B 126 -27.47 5.99 -4.66
CA ILE B 126 -28.00 5.72 -6.00
C ILE B 126 -26.85 5.25 -6.88
N TYR B 127 -27.10 4.25 -7.71
CA TYR B 127 -26.00 3.75 -8.52
C TYR B 127 -25.88 4.52 -9.83
N PRO B 128 -24.66 4.68 -10.35
CA PRO B 128 -24.47 5.44 -11.59
C PRO B 128 -24.69 4.58 -12.82
N ALA B 129 -25.01 5.26 -13.93
CA ALA B 129 -25.18 4.61 -15.23
C ALA B 129 -24.22 5.21 -16.25
N PHE B 130 -23.72 4.37 -17.15
CA PHE B 130 -22.65 4.75 -18.07
C PHE B 130 -22.93 4.29 -19.48
N MET B 131 -22.53 5.11 -20.45
CA MET B 131 -22.55 4.79 -21.87
C MET B 131 -21.10 4.84 -22.37
N LEU B 132 -20.63 3.75 -22.98
CA LEU B 132 -19.25 3.64 -23.42
C LEU B 132 -19.20 3.07 -24.84
N GLY B 133 -18.26 3.56 -25.65
CA GLY B 133 -18.16 3.06 -27.00
C GLY B 133 -16.90 3.52 -27.69
N SER B 134 -16.82 3.18 -28.99
CA SER B 134 -15.64 3.42 -29.80
C SER B 134 -15.77 4.60 -30.76
N SER B 135 -16.98 5.08 -31.00
CA SER B 135 -17.16 6.17 -31.94
C SER B 135 -18.35 7.01 -31.50
N VAL B 136 -18.18 8.33 -31.50
CA VAL B 136 -19.20 9.24 -31.02
C VAL B 136 -19.35 10.40 -32.00
N GLY B 137 -20.47 11.09 -31.87
CA GLY B 137 -20.71 12.28 -32.65
C GLY B 137 -21.90 13.05 -32.10
N ASN B 138 -22.63 13.70 -33.00
CA ASN B 138 -23.71 14.60 -32.64
C ASN B 138 -25.05 14.02 -33.04
N PHE B 139 -26.08 14.37 -32.29
CA PHE B 139 -27.44 14.10 -32.75
C PHE B 139 -27.80 15.08 -33.87
N SER B 140 -28.99 14.87 -34.44
CA SER B 140 -29.37 15.61 -35.64
C SER B 140 -29.44 17.12 -35.39
N ASP B 141 -29.82 17.55 -34.18
CA ASP B 141 -29.96 18.97 -33.88
C ASP B 141 -28.64 19.62 -33.45
N GLY B 142 -27.51 18.93 -33.61
CA GLY B 142 -26.21 19.47 -33.26
C GLY B 142 -25.71 19.12 -31.88
N LYS B 143 -26.55 18.52 -31.02
CA LYS B 143 -26.13 18.21 -29.66
C LYS B 143 -25.22 17.00 -29.62
N MET B 144 -24.15 17.11 -28.84
CA MET B 144 -23.19 16.02 -28.69
C MET B 144 -23.77 14.92 -27.82
N GLY B 145 -23.04 13.81 -27.73
CA GLY B 145 -23.41 12.71 -26.87
C GLY B 145 -23.97 11.50 -27.58
N ARG B 146 -23.89 11.44 -28.90
CA ARG B 146 -24.38 10.29 -29.65
C ARG B 146 -23.27 9.26 -29.80
N PHE B 147 -23.56 8.02 -29.40
CA PHE B 147 -22.62 6.93 -29.56
C PHE B 147 -23.04 6.10 -30.76
N PHE B 148 -22.07 5.75 -31.61
CA PHE B 148 -22.32 5.06 -32.87
C PHE B 148 -21.97 3.57 -32.76
N ASN B 149 -22.59 2.77 -33.62
CA ASN B 149 -22.28 1.34 -33.73
C ASN B 149 -22.51 0.67 -32.38
N HIS B 150 -21.84 -0.46 -32.12
CA HIS B 150 -22.11 -1.16 -30.87
C HIS B 150 -21.59 -0.36 -29.68
N THR B 151 -22.47 -0.17 -28.70
CA THR B 151 -22.23 0.69 -27.56
C THR B 151 -22.48 -0.13 -26.29
N LEU B 152 -21.58 0.01 -25.33
CA LEU B 152 -21.73 -0.65 -24.04
C LEU B 152 -22.51 0.27 -23.10
N VAL B 153 -23.58 -0.26 -22.52
CA VAL B 153 -24.38 0.48 -21.55
C VAL B 153 -24.36 -0.29 -20.24
N LEU B 154 -24.08 0.41 -19.15
CA LEU B 154 -24.17 -0.11 -17.79
C LEU B 154 -25.30 0.62 -17.09
N LEU B 155 -26.39 -0.08 -16.80
CA LEU B 155 -27.62 0.57 -16.35
C LEU B 155 -28.19 -0.15 -15.13
N PRO B 156 -28.16 0.49 -13.96
CA PRO B 156 -28.83 -0.09 -12.79
C PRO B 156 -30.35 -0.08 -13.00
N ASP B 157 -31.03 -0.88 -12.18
CA ASP B 157 -32.48 -1.02 -12.32
C ASP B 157 -33.05 -1.66 -11.05
N GLY B 158 -34.36 -1.82 -11.05
CA GLY B 158 -35.05 -2.48 -9.93
C GLY B 158 -34.83 -1.80 -8.60
N CYS B 159 -34.90 -0.47 -8.56
CA CYS B 159 -34.72 0.31 -7.33
C CYS B 159 -33.39 0.00 -6.66
N GLY B 160 -32.33 -0.14 -7.46
CA GLY B 160 -31.01 -0.41 -6.95
C GLY B 160 -30.72 -1.85 -6.63
N THR B 161 -31.50 -2.80 -7.15
CA THR B 161 -31.33 -4.20 -6.82
C THR B 161 -30.70 -5.00 -7.96
N LEU B 162 -30.41 -4.39 -9.10
CA LEU B 162 -29.70 -5.13 -10.14
C LEU B 162 -28.95 -4.16 -11.03
N LEU B 163 -28.01 -4.72 -11.79
CA LEU B 163 -27.25 -4.00 -12.79
C LEU B 163 -27.35 -4.76 -14.10
N ARG B 164 -27.51 -4.03 -15.20
CA ARG B 164 -27.54 -4.59 -16.54
C ARG B 164 -26.34 -4.09 -17.34
N ALA B 165 -25.69 -5.01 -18.05
CA ALA B 165 -24.62 -4.64 -18.98
C ALA B 165 -24.97 -5.19 -20.36
N PHE B 166 -25.13 -4.31 -21.34
CA PHE B 166 -25.41 -4.75 -22.68
C PHE B 166 -24.61 -3.96 -23.69
N TYR B 167 -24.34 -4.62 -24.82
CA TYR B 167 -23.53 -4.11 -25.92
C TYR B 167 -24.43 -4.08 -27.16
N CYS B 168 -24.99 -2.93 -27.49
CA CYS B 168 -25.99 -2.90 -28.55
C CYS B 168 -25.74 -1.69 -29.44
N ILE B 169 -26.30 -1.71 -30.66
CA ILE B 169 -26.41 -0.51 -31.49
C ILE B 169 -27.59 0.30 -30.97
N LEU B 170 -27.38 1.59 -30.71
CA LEU B 170 -28.42 2.45 -30.16
C LEU B 170 -29.08 3.21 -31.31
N GLU B 171 -30.31 2.83 -31.65
CA GLU B 171 -31.01 3.44 -32.76
C GLU B 171 -31.93 4.53 -32.21
N PRO B 172 -31.59 5.80 -32.35
CA PRO B 172 -32.38 6.85 -31.71
C PRO B 172 -33.78 6.93 -32.30
N ARG B 173 -34.77 7.09 -31.43
CA ARG B 173 -36.17 7.14 -31.83
C ARG B 173 -36.57 8.56 -32.20
N SER B 174 -37.71 8.69 -32.88
CA SER B 174 -38.10 9.94 -33.53
C SER B 174 -39.33 10.61 -32.91
N GLY B 175 -39.83 10.10 -31.80
CA GLY B 175 -40.98 10.70 -31.14
C GLY B 175 -40.62 12.03 -30.49
N ASN B 176 -41.65 12.66 -29.93
CA ASN B 176 -41.48 13.96 -29.31
C ASN B 176 -40.53 13.87 -28.12
N HIS B 177 -39.49 14.68 -28.13
CA HIS B 177 -38.41 14.78 -27.14
C HIS B 177 -37.39 13.67 -27.28
N CYS B 178 -37.56 12.73 -28.22
CA CYS B 178 -36.59 11.68 -28.47
C CYS B 178 -35.43 12.22 -29.31
N PRO B 179 -34.28 11.54 -29.32
CA PRO B 179 -33.06 12.14 -29.90
C PRO B 179 -33.15 12.43 -31.39
N ALA B 180 -34.05 11.78 -32.13
CA ALA B 180 -34.23 12.07 -33.54
C ALA B 180 -35.58 12.70 -33.81
N GLY B 181 -36.20 13.28 -32.79
CA GLY B 181 -37.51 13.87 -32.92
C GLY B 181 -37.59 15.30 -32.45
N ASN B 182 -38.80 15.78 -32.27
CA ASN B 182 -39.01 17.18 -31.94
C ASN B 182 -38.45 17.51 -30.56
N SER B 183 -37.86 18.70 -30.46
CA SER B 183 -37.58 19.32 -29.17
C SER B 183 -36.76 18.39 -28.26
N TYR B 184 -35.60 18.00 -28.77
CA TYR B 184 -34.68 17.15 -28.04
C TYR B 184 -33.74 18.01 -27.20
N THR B 185 -33.66 17.69 -25.91
CA THR B 185 -32.69 18.33 -25.03
C THR B 185 -31.61 17.37 -24.56
N SER B 186 -32.02 16.24 -24.00
CA SER B 186 -31.10 15.19 -23.59
C SER B 186 -31.91 13.93 -23.37
N PHE B 187 -31.28 12.80 -23.65
CA PHE B 187 -31.89 11.56 -23.20
C PHE B 187 -31.61 11.38 -21.71
N ALA B 188 -32.42 10.56 -21.06
CA ALA B 188 -32.28 10.33 -19.63
C ALA B 188 -33.09 9.10 -19.27
N THR B 189 -32.70 8.45 -18.18
CA THR B 189 -33.50 7.36 -17.67
C THR B 189 -34.28 7.84 -16.45
N TYR B 190 -35.28 7.06 -16.05
CA TYR B 190 -36.06 7.44 -14.89
C TYR B 190 -36.74 6.20 -14.32
N HIS B 191 -37.18 6.32 -13.07
CA HIS B 191 -38.10 5.36 -12.47
C HIS B 191 -39.07 6.12 -11.58
N THR B 192 -40.19 5.48 -11.25
CA THR B 192 -41.30 6.12 -10.55
C THR B 192 -41.54 5.37 -9.25
N PRO B 193 -41.00 5.86 -8.12
CA PRO B 193 -41.01 5.02 -6.90
C PRO B 193 -42.38 4.54 -6.48
N ALA B 194 -43.41 5.37 -6.62
CA ALA B 194 -44.75 4.96 -6.20
C ALA B 194 -45.18 3.68 -6.91
N THR B 195 -44.88 3.57 -8.21
CA THR B 195 -45.31 2.42 -9.00
C THR B 195 -44.18 1.43 -9.29
N ASP B 196 -42.91 1.83 -9.11
CA ASP B 196 -41.78 0.96 -9.41
C ASP B 196 -41.10 0.38 -8.18
N CYS B 197 -41.30 0.96 -7.01
CA CYS B 197 -40.55 0.52 -5.84
C CYS B 197 -41.47 0.12 -4.69
N SER B 198 -42.64 -0.43 -5.01
CA SER B 198 -43.53 -0.96 -3.99
C SER B 198 -42.93 -2.20 -3.36
N ASP B 199 -43.12 -2.34 -2.06
CA ASP B 199 -42.55 -3.47 -1.31
C ASP B 199 -42.99 -4.79 -1.92
N GLY B 200 -42.01 -5.67 -2.16
CA GLY B 200 -42.28 -6.97 -2.74
C GLY B 200 -42.69 -6.96 -4.20
N ASN B 201 -42.53 -5.83 -4.88
CA ASN B 201 -42.98 -5.74 -6.27
C ASN B 201 -42.12 -4.73 -7.03
N TYR B 202 -40.81 -4.82 -6.87
CA TYR B 202 -39.89 -3.91 -7.54
C TYR B 202 -39.93 -4.15 -9.04
N ASN B 203 -39.92 -3.06 -9.82
CA ASN B 203 -39.92 -3.16 -11.27
C ASN B 203 -38.49 -3.33 -11.76
N ARG B 204 -38.15 -4.53 -12.23
CA ARG B 204 -36.79 -4.82 -12.65
C ARG B 204 -36.46 -4.26 -14.03
N ASN B 205 -37.45 -3.71 -14.75
CA ASN B 205 -37.21 -3.16 -16.09
C ASN B 205 -37.49 -1.67 -16.20
N ALA B 206 -37.68 -0.98 -15.07
CA ALA B 206 -38.11 0.42 -15.11
C ALA B 206 -37.09 1.30 -15.83
N SER B 207 -35.82 1.14 -15.49
CA SER B 207 -34.79 1.95 -16.13
C SER B 207 -34.56 1.52 -17.57
N LEU B 208 -34.50 0.21 -17.81
CA LEU B 208 -34.37 -0.27 -19.19
C LEU B 208 -35.51 0.25 -20.07
N ASN B 209 -36.74 0.23 -19.54
CA ASN B 209 -37.89 0.69 -20.32
C ASN B 209 -37.79 2.18 -20.64
N SER B 210 -37.28 2.98 -19.70
CA SER B 210 -37.15 4.40 -19.98
C SER B 210 -36.04 4.65 -21.01
N PHE B 211 -34.93 3.91 -20.91
CA PHE B 211 -33.89 3.98 -21.91
C PHE B 211 -34.42 3.60 -23.29
N LYS B 212 -35.25 2.56 -23.35
CA LYS B 212 -35.81 2.10 -24.62
C LYS B 212 -36.77 3.10 -25.24
N GLU B 213 -37.28 4.05 -24.45
CA GLU B 213 -38.10 5.10 -25.05
C GLU B 213 -37.28 6.05 -25.90
N TYR B 214 -36.01 6.28 -25.53
CA TYR B 214 -35.14 7.14 -26.33
C TYR B 214 -34.41 6.38 -27.44
N PHE B 215 -34.08 5.11 -27.23
CA PHE B 215 -33.29 4.33 -28.18
C PHE B 215 -33.93 2.98 -28.42
N ASN B 216 -33.95 2.54 -29.67
CA ASN B 216 -34.18 1.13 -29.97
C ASN B 216 -32.86 0.39 -29.85
N LEU B 217 -32.88 -0.75 -29.17
CA LEU B 217 -31.70 -1.59 -29.05
C LEU B 217 -31.69 -2.57 -30.21
N ARG B 218 -30.59 -2.58 -30.97
CA ARG B 218 -30.46 -3.41 -32.15
C ARG B 218 -29.18 -4.23 -32.08
N ASN B 219 -29.28 -5.49 -32.47
CA ASN B 219 -28.14 -6.38 -32.63
C ASN B 219 -27.30 -6.41 -31.36
N CYS B 220 -27.96 -6.81 -30.29
CA CYS B 220 -27.27 -6.86 -29.03
C CYS B 220 -26.50 -8.17 -28.92
N THR B 221 -25.20 -8.08 -28.66
CA THR B 221 -24.42 -9.30 -28.50
C THR B 221 -24.65 -9.97 -27.15
N PHE B 222 -24.86 -9.20 -26.10
CA PHE B 222 -25.09 -9.75 -24.77
C PHE B 222 -25.86 -8.75 -23.95
N MET B 223 -26.65 -9.26 -23.00
CA MET B 223 -27.28 -8.46 -21.96
C MET B 223 -27.16 -9.28 -20.67
N TYR B 224 -26.27 -8.87 -19.79
CA TYR B 224 -26.02 -9.55 -18.52
C TYR B 224 -26.72 -8.80 -17.39
N THR B 225 -27.14 -9.55 -16.37
CA THR B 225 -27.79 -8.96 -15.19
C THR B 225 -27.10 -9.47 -13.93
N TYR B 226 -26.71 -8.55 -13.06
CA TYR B 226 -26.12 -8.88 -11.76
C TYR B 226 -27.00 -8.33 -10.66
N ASN B 227 -27.29 -9.17 -9.68
CA ASN B 227 -28.13 -8.77 -8.57
C ASN B 227 -27.34 -7.98 -7.53
N ILE B 228 -28.03 -7.06 -6.86
CA ILE B 228 -27.44 -6.20 -5.84
C ILE B 228 -28.27 -6.32 -4.57
N THR B 229 -27.62 -6.54 -3.44
CA THR B 229 -28.28 -6.47 -2.15
C THR B 229 -28.52 -5.02 -1.77
N GLU B 230 -29.72 -4.74 -1.26
CA GLU B 230 -30.14 -3.38 -0.93
C GLU B 230 -29.52 -2.94 0.40
N ASP B 231 -28.74 -1.86 0.38
CA ASP B 231 -28.20 -1.26 1.60
C ASP B 231 -27.76 0.18 1.29
N GLU B 232 -27.17 0.83 2.29
CA GLU B 232 -26.68 2.20 2.18
C GLU B 232 -25.17 2.27 2.38
N ILE B 233 -24.46 1.17 2.11
CA ILE B 233 -23.03 1.10 2.38
C ILE B 233 -22.26 1.71 1.21
N LEU B 234 -21.21 2.47 1.53
CA LEU B 234 -20.35 3.04 0.51
C LEU B 234 -19.68 1.93 -0.29
N GLU B 235 -19.50 2.17 -1.59
CA GLU B 235 -19.12 1.10 -2.49
C GLU B 235 -18.27 1.68 -3.61
N TRP B 236 -17.31 0.90 -4.09
CA TRP B 236 -16.45 1.30 -5.19
C TRP B 236 -16.71 0.43 -6.42
N PHE B 237 -16.79 1.08 -7.58
CA PHE B 237 -16.95 0.42 -8.86
C PHE B 237 -15.79 0.81 -9.77
N GLY B 238 -15.35 -0.14 -10.59
CA GLY B 238 -14.26 0.11 -11.51
C GLY B 238 -14.49 -0.58 -12.84
N ILE B 239 -13.84 -0.05 -13.86
CA ILE B 239 -13.94 -0.62 -15.21
C ILE B 239 -12.61 -0.39 -15.92
N THR B 240 -12.10 -1.45 -16.56
CA THR B 240 -10.92 -1.39 -17.41
C THR B 240 -11.15 -2.24 -18.65
N GLN B 241 -10.17 -2.28 -19.54
CA GLN B 241 -10.28 -3.09 -20.75
C GLN B 241 -8.92 -3.64 -21.12
N THR B 242 -8.86 -4.94 -21.40
CA THR B 242 -7.66 -5.56 -21.97
C THR B 242 -8.05 -6.32 -23.24
N ALA B 243 -7.12 -7.12 -23.77
CA ALA B 243 -7.43 -7.92 -24.95
C ALA B 243 -8.49 -8.98 -24.67
N GLN B 244 -8.80 -9.26 -23.41
CA GLN B 244 -9.78 -10.27 -23.04
C GLN B 244 -11.16 -9.70 -22.76
N GLY B 245 -11.36 -8.40 -22.96
CA GLY B 245 -12.66 -7.77 -22.81
C GLY B 245 -12.65 -6.69 -21.77
N VAL B 246 -13.85 -6.16 -21.50
CA VAL B 246 -14.04 -5.09 -20.54
C VAL B 246 -14.29 -5.73 -19.18
N HIS B 247 -13.46 -5.37 -18.21
CA HIS B 247 -13.51 -5.95 -16.87
C HIS B 247 -14.26 -5.01 -15.94
N LEU B 248 -15.27 -5.54 -15.26
CA LEU B 248 -16.03 -4.81 -14.25
C LEU B 248 -15.53 -5.21 -12.87
N PHE B 249 -15.25 -4.21 -12.03
CA PHE B 249 -14.74 -4.42 -10.69
C PHE B 249 -15.70 -3.82 -9.67
N SER B 250 -15.70 -4.38 -8.47
CA SER B 250 -16.56 -3.87 -7.41
C SER B 250 -16.01 -4.29 -6.07
N SER B 251 -16.45 -3.59 -5.03
CA SER B 251 -16.13 -3.97 -3.66
C SER B 251 -17.28 -4.66 -2.95
N ARG B 252 -18.46 -4.72 -3.57
CA ARG B 252 -19.64 -5.20 -2.87
C ARG B 252 -19.51 -6.67 -2.49
N TYR B 253 -18.96 -7.49 -3.38
CA TYR B 253 -19.02 -8.94 -3.19
C TYR B 253 -17.91 -9.49 -2.33
N VAL B 254 -16.71 -8.89 -2.35
CA VAL B 254 -15.56 -9.45 -1.66
C VAL B 254 -15.13 -8.58 -0.48
N ASP B 255 -15.11 -7.27 -0.63
CA ASP B 255 -14.68 -6.35 0.42
C ASP B 255 -15.76 -5.28 0.67
N LEU B 256 -16.93 -5.74 1.09
CA LEU B 256 -18.09 -4.83 1.18
C LEU B 256 -17.86 -3.73 2.20
N TYR B 257 -17.17 -4.03 3.29
CA TYR B 257 -16.92 -3.07 4.35
C TYR B 257 -15.59 -2.35 4.23
N GLY B 258 -14.68 -2.84 3.37
CA GLY B 258 -13.36 -2.26 3.27
C GLY B 258 -13.14 -1.39 2.05
N GLY B 259 -13.61 -1.83 0.90
CA GLY B 259 -13.56 -1.01 -0.30
C GLY B 259 -12.65 -1.50 -1.41
N ASN B 260 -11.81 -2.50 -1.16
CA ASN B 260 -11.00 -3.07 -2.23
C ASN B 260 -11.90 -3.56 -3.36
N MET B 261 -11.46 -3.32 -4.58
CA MET B 261 -12.26 -3.67 -5.76
C MET B 261 -11.77 -4.98 -6.36
N PHE B 262 -12.71 -5.89 -6.60
CA PHE B 262 -12.42 -7.20 -7.17
C PHE B 262 -13.24 -7.37 -8.44
N GLN B 263 -12.66 -8.05 -9.42
CA GLN B 263 -13.34 -8.24 -10.70
C GLN B 263 -14.54 -9.15 -10.52
N PHE B 264 -15.69 -8.73 -11.04
CA PHE B 264 -16.87 -9.59 -11.00
C PHE B 264 -17.42 -9.95 -12.37
N ALA B 265 -16.86 -9.39 -13.45
CA ALA B 265 -17.35 -9.70 -14.78
C ALA B 265 -16.28 -9.34 -15.81
N THR B 266 -16.19 -10.14 -16.86
CA THR B 266 -15.42 -9.82 -18.06
C THR B 266 -16.37 -9.86 -19.24
N LEU B 267 -16.63 -8.70 -19.83
CA LEU B 267 -17.60 -8.57 -20.92
C LEU B 267 -16.91 -8.82 -22.27
N PRO B 268 -17.52 -9.62 -23.15
CA PRO B 268 -16.90 -9.85 -24.47
C PRO B 268 -16.94 -8.63 -25.38
N VAL B 269 -16.31 -7.55 -24.97
CA VAL B 269 -16.21 -6.35 -25.79
C VAL B 269 -14.76 -6.20 -26.22
N TYR B 270 -14.51 -6.36 -27.52
CA TYR B 270 -13.17 -6.35 -28.06
C TYR B 270 -12.87 -5.16 -28.96
N ASP B 271 -13.88 -4.36 -29.30
CA ASP B 271 -13.63 -3.03 -29.84
C ASP B 271 -13.07 -2.14 -28.74
N THR B 272 -12.02 -1.39 -29.04
CA THR B 272 -11.39 -0.56 -28.02
C THR B 272 -12.32 0.58 -27.61
N ILE B 273 -12.60 0.67 -26.31
CA ILE B 273 -13.42 1.74 -25.77
C ILE B 273 -12.59 3.02 -25.71
N LYS B 274 -13.05 4.05 -26.41
CA LYS B 274 -12.35 5.33 -26.44
C LYS B 274 -13.09 6.43 -25.70
N TYR B 275 -14.41 6.32 -25.55
CA TYR B 275 -15.22 7.39 -25.01
C TYR B 275 -16.26 6.82 -24.06
N TYR B 276 -16.74 7.69 -23.18
CA TYR B 276 -17.83 7.33 -22.28
C TYR B 276 -18.54 8.59 -21.82
N SER B 277 -19.79 8.42 -21.41
CA SER B 277 -20.51 9.49 -20.74
C SER B 277 -21.34 8.89 -19.61
N ILE B 278 -21.79 9.76 -18.72
CA ILE B 278 -22.65 9.38 -17.61
C ILE B 278 -24.09 9.60 -18.05
N ILE B 279 -24.90 8.57 -17.97
CA ILE B 279 -26.30 8.68 -18.39
C ILE B 279 -27.10 9.35 -17.28
N PRO B 280 -27.69 10.51 -17.53
CA PRO B 280 -28.46 11.18 -16.47
C PRO B 280 -29.71 10.39 -16.12
N HIS B 281 -29.99 10.33 -14.82
CA HIS B 281 -31.17 9.67 -14.30
C HIS B 281 -31.95 10.66 -13.45
N SER B 282 -33.26 10.64 -13.58
CA SER B 282 -34.13 11.51 -12.79
C SER B 282 -35.26 10.66 -12.22
N ILE B 283 -35.68 10.97 -11.00
CA ILE B 283 -36.61 10.14 -10.24
C ILE B 283 -37.98 10.81 -10.26
N ARG B 284 -39.01 10.05 -10.65
CA ARG B 284 -40.34 10.64 -10.81
C ARG B 284 -41.15 10.42 -9.54
N SER B 285 -40.85 11.25 -8.54
CA SER B 285 -41.58 11.26 -7.29
C SER B 285 -42.53 12.46 -7.25
N ILE B 286 -43.44 12.44 -6.28
CA ILE B 286 -44.23 13.63 -6.00
C ILE B 286 -43.37 14.55 -5.14
N GLN B 287 -43.84 15.79 -4.93
CA GLN B 287 -43.07 16.71 -4.09
C GLN B 287 -42.95 16.21 -2.66
N SER B 288 -44.00 15.53 -2.17
CA SER B 288 -43.99 15.02 -0.81
C SER B 288 -42.83 14.05 -0.57
N ASP B 289 -42.45 13.28 -1.58
CA ASP B 289 -41.51 12.17 -1.48
C ASP B 289 -40.18 12.53 -2.14
N ARG B 290 -39.82 13.80 -2.17
CA ARG B 290 -38.55 14.13 -2.80
C ARG B 290 -37.40 13.68 -1.92
N LYS B 291 -36.60 12.77 -2.43
CA LYS B 291 -35.45 12.31 -1.74
C LYS B 291 -34.22 13.02 -2.24
N ALA B 292 -33.11 12.79 -1.56
CA ALA B 292 -31.83 13.36 -1.91
C ALA B 292 -30.92 12.21 -2.20
N TRP B 293 -30.30 12.26 -3.36
CA TRP B 293 -29.48 11.19 -3.82
C TRP B 293 -28.02 11.49 -3.81
N ALA B 294 -27.25 10.55 -3.31
CA ALA B 294 -25.85 10.70 -3.20
C ALA B 294 -25.13 10.87 -4.49
N ALA B 295 -24.20 11.78 -4.49
CA ALA B 295 -23.36 12.05 -5.61
C ALA B 295 -22.35 10.95 -5.80
N PHE B 296 -21.88 10.77 -7.00
CA PHE B 296 -20.87 9.79 -7.29
C PHE B 296 -19.70 10.43 -7.98
N TYR B 297 -18.53 9.88 -7.74
CA TYR B 297 -17.29 10.43 -8.25
C TYR B 297 -16.51 9.52 -9.15
N VAL B 298 -16.07 10.05 -10.26
CA VAL B 298 -15.32 9.28 -11.21
C VAL B 298 -13.87 9.72 -11.26
N TYR B 299 -12.95 8.78 -11.19
CA TYR B 299 -11.54 9.09 -11.20
C TYR B 299 -10.84 8.24 -12.24
N LYS B 300 -10.10 8.88 -13.15
CA LYS B 300 -9.40 8.14 -14.20
C LYS B 300 -8.30 7.27 -13.61
N LEU B 301 -8.03 6.16 -14.30
CA LEU B 301 -6.93 5.26 -13.97
C LEU B 301 -5.77 5.47 -14.94
N GLN B 302 -4.55 5.28 -14.44
CA GLN B 302 -3.36 5.34 -15.27
C GLN B 302 -2.33 4.38 -14.70
N PRO B 303 -1.36 3.94 -15.52
CA PRO B 303 -0.29 3.07 -14.99
C PRO B 303 0.60 3.79 -14.00
N LEU B 304 0.52 3.40 -12.74
CA LEU B 304 1.28 4.01 -11.67
C LEU B 304 1.90 2.92 -10.80
N THR B 305 2.98 3.30 -10.12
CA THR B 305 3.67 2.42 -9.18
C THR B 305 3.20 2.76 -7.78
N PHE B 306 2.63 1.78 -7.09
CA PHE B 306 2.14 1.97 -5.73
C PHE B 306 2.88 1.06 -4.77
N LEU B 307 3.04 1.54 -3.54
CA LEU B 307 3.36 0.70 -2.40
C LEU B 307 2.04 0.25 -1.78
N LEU B 308 1.84 -1.06 -1.62
CA LEU B 308 0.59 -1.61 -1.11
C LEU B 308 0.88 -2.36 0.19
N ASP B 309 0.10 -2.08 1.22
CA ASP B 309 0.26 -2.74 2.52
C ASP B 309 -0.95 -3.66 2.72
N PHE B 310 -0.68 -4.95 2.75
CA PHE B 310 -1.70 -5.97 2.94
C PHE B 310 -1.82 -6.33 4.41
N SER B 311 -3.06 -6.46 4.87
CA SER B 311 -3.33 -6.90 6.24
C SER B 311 -3.15 -8.41 6.33
N VAL B 312 -3.28 -8.93 7.55
CA VAL B 312 -3.14 -10.37 7.75
C VAL B 312 -4.23 -11.13 7.01
N ASP B 313 -5.43 -10.55 6.92
CA ASP B 313 -6.51 -11.19 6.19
C ASP B 313 -6.43 -10.93 4.68
N GLY B 314 -5.41 -10.22 4.21
CA GLY B 314 -5.16 -10.10 2.80
C GLY B 314 -5.71 -8.87 2.11
N TYR B 315 -6.27 -7.92 2.85
CA TYR B 315 -6.87 -6.75 2.25
C TYR B 315 -5.88 -5.59 2.24
N ILE B 316 -6.03 -4.72 1.25
CA ILE B 316 -5.20 -3.53 1.15
C ILE B 316 -5.87 -2.42 1.96
N ARG B 317 -5.21 -2.01 3.06
CA ARG B 317 -5.73 -0.95 3.90
C ARG B 317 -4.93 0.34 3.79
N ARG B 318 -3.86 0.34 3.00
CA ARG B 318 -2.99 1.51 2.92
C ARG B 318 -2.14 1.40 1.67
N ALA B 319 -2.02 2.52 0.96
CA ALA B 319 -1.21 2.59 -0.26
C ALA B 319 -0.49 3.93 -0.32
N ILE B 320 0.61 3.96 -1.05
CA ILE B 320 1.38 5.18 -1.28
C ILE B 320 1.56 5.34 -2.78
N ASP B 321 1.14 6.49 -3.31
CA ASP B 321 1.36 6.86 -4.71
C ASP B 321 2.80 7.32 -4.84
N CYS B 322 3.66 6.42 -5.36
CA CYS B 322 5.09 6.67 -5.38
C CYS B 322 5.44 7.94 -6.17
N GLY B 323 4.74 8.19 -7.25
CA GLY B 323 5.07 9.33 -8.07
C GLY B 323 4.57 10.67 -7.57
N PHE B 324 3.85 10.70 -6.45
CA PHE B 324 3.15 11.91 -6.02
C PHE B 324 4.11 13.07 -5.78
N ASN B 325 5.22 12.82 -5.07
CA ASN B 325 6.26 13.82 -4.93
C ASN B 325 7.58 13.12 -4.60
N ASP B 326 8.62 13.91 -4.34
CA ASP B 326 9.93 13.32 -4.05
C ASP B 326 9.90 12.52 -2.76
N LEU B 327 9.29 13.06 -1.71
CA LEU B 327 9.17 12.33 -0.44
C LEU B 327 8.48 10.99 -0.65
N SER B 328 7.37 10.99 -1.41
CA SER B 328 6.64 9.74 -1.63
C SER B 328 7.51 8.73 -2.38
N GLN B 329 8.34 9.20 -3.31
CA GLN B 329 9.18 8.28 -4.07
C GLN B 329 10.22 7.60 -3.18
N LEU B 330 10.86 8.34 -2.28
CA LEU B 330 11.78 7.72 -1.35
C LEU B 330 11.04 6.82 -0.37
N HIS B 331 9.85 7.25 0.06
CA HIS B 331 8.97 6.39 0.86
C HIS B 331 8.84 5.02 0.22
N CYS B 332 8.76 4.96 -1.12
CA CYS B 332 8.60 3.70 -1.83
C CYS B 332 9.94 2.96 -1.98
N SER B 333 11.02 3.69 -2.24
CA SER B 333 12.32 3.05 -2.36
C SER B 333 12.68 2.29 -1.08
N TYR B 334 12.54 2.97 0.07
CA TYR B 334 12.88 2.38 1.36
C TYR B 334 11.74 1.56 1.96
N GLY B 335 10.55 1.59 1.39
CA GLY B 335 9.42 0.84 1.91
C GLY B 335 8.84 1.38 3.19
N SER B 336 9.38 2.48 3.72
CA SER B 336 8.93 3.06 4.98
C SER B 336 9.61 4.41 5.12
N LEU B 337 8.99 5.29 5.91
CA LEU B 337 9.62 6.51 6.37
C LEU B 337 9.94 6.46 7.86
N GLU B 338 9.71 5.32 8.50
CA GLU B 338 9.84 5.23 9.95
C GLU B 338 10.83 4.20 10.45
N VAL B 339 11.36 3.32 9.59
CA VAL B 339 12.34 2.32 10.00
C VAL B 339 13.21 1.95 8.82
N LEU B 340 14.52 1.83 9.07
CA LEU B 340 15.47 1.37 8.05
C LEU B 340 15.46 -0.15 7.98
N PHE B 341 15.04 -0.70 6.84
CA PHE B 341 15.04 -2.15 6.66
C PHE B 341 16.43 -2.66 6.31
N GLN C 1 60.18 -0.75 56.98
CA GLN C 1 60.55 -1.43 55.73
C GLN C 1 59.33 -2.02 55.01
N VAL C 2 59.45 -2.20 53.70
CA VAL C 2 58.36 -2.76 52.92
C VAL C 2 58.22 -4.24 53.27
N GLN C 3 57.00 -4.67 53.58
CA GLN C 3 56.79 -6.02 54.07
C GLN C 3 55.50 -6.59 53.49
N LEU C 4 55.60 -7.76 52.87
CA LEU C 4 54.44 -8.56 52.50
C LEU C 4 54.55 -9.86 53.29
N GLN C 5 53.69 -10.05 54.28
CA GLN C 5 53.77 -11.20 55.18
C GLN C 5 52.63 -12.15 54.86
N GLN C 6 52.97 -13.31 54.29
CA GLN C 6 51.96 -14.28 53.90
C GLN C 6 51.69 -15.26 55.03
N SER C 7 50.48 -15.81 55.02
CA SER C 7 50.04 -16.73 56.05
C SER C 7 50.72 -18.10 55.89
N GLY C 8 50.54 -18.95 56.91
CA GLY C 8 51.29 -20.19 56.99
C GLY C 8 50.80 -21.24 56.01
N GLY C 9 51.68 -22.21 55.74
CA GLY C 9 51.35 -23.26 54.80
C GLY C 9 50.16 -24.09 55.24
N GLU C 10 49.50 -24.68 54.26
CA GLU C 10 48.27 -25.45 54.52
C GLU C 10 48.31 -26.77 53.78
N LEU C 11 47.78 -27.80 54.43
CA LEU C 11 47.48 -29.08 53.78
C LEU C 11 45.98 -29.25 53.75
N VAL C 12 45.43 -29.52 52.57
CA VAL C 12 43.98 -29.70 52.44
C VAL C 12 43.70 -30.86 51.50
N LYS C 13 42.57 -31.51 51.73
CA LYS C 13 42.11 -32.62 50.91
C LYS C 13 41.49 -32.09 49.62
N PRO C 14 41.51 -32.88 48.55
CA PRO C 14 40.90 -32.42 47.30
C PRO C 14 39.43 -32.06 47.50
N GLY C 15 39.00 -31.00 46.82
CA GLY C 15 37.68 -30.45 47.01
C GLY C 15 37.57 -29.38 48.08
N ALA C 16 38.55 -29.26 48.98
CA ALA C 16 38.46 -28.28 50.05
C ALA C 16 38.76 -26.89 49.52
N SER C 17 38.60 -25.89 50.40
CA SER C 17 38.96 -24.51 50.09
C SER C 17 40.03 -24.02 51.06
N VAL C 18 40.78 -23.00 50.64
CA VAL C 18 41.75 -22.32 51.49
C VAL C 18 41.63 -20.82 51.27
N LYS C 19 41.91 -20.06 52.31
CA LYS C 19 41.98 -18.61 52.24
C LYS C 19 43.40 -18.20 52.62
N LEU C 20 44.16 -17.71 51.66
CA LEU C 20 45.49 -17.18 51.91
C LEU C 20 45.40 -15.69 52.16
N SER C 21 46.29 -15.19 53.02
CA SER C 21 46.33 -13.77 53.33
C SER C 21 47.74 -13.24 53.13
N CYS C 22 47.83 -11.92 53.04
CA CYS C 22 49.08 -11.23 52.76
C CYS C 22 49.01 -9.87 53.45
N LYS C 23 49.61 -9.76 54.63
CA LYS C 23 49.56 -8.54 55.42
C LYS C 23 50.71 -7.64 55.02
N THR C 24 50.38 -6.44 54.57
CA THR C 24 51.37 -5.55 53.98
C THR C 24 51.68 -4.39 54.92
N SER C 25 52.89 -3.86 54.80
CA SER C 25 53.37 -2.73 55.58
C SER C 25 54.34 -1.92 54.74
N GLY C 26 54.54 -0.67 55.15
CA GLY C 26 55.65 0.12 54.64
C GLY C 26 55.48 0.73 53.27
N PHE C 27 54.26 0.76 52.75
CA PHE C 27 53.97 1.43 51.48
C PHE C 27 52.48 1.71 51.44
N THR C 28 52.06 2.62 50.56
CA THR C 28 50.65 3.00 50.47
C THR C 28 49.84 1.88 49.83
N PHE C 29 49.04 1.22 50.64
CA PHE C 29 48.23 0.09 50.18
C PHE C 29 47.16 0.55 49.19
N SER C 30 46.46 1.64 49.54
CA SER C 30 45.25 2.03 48.83
C SER C 30 45.51 2.42 47.38
N SER C 31 46.76 2.66 46.99
CA SER C 31 47.05 3.06 45.62
C SER C 31 47.91 2.02 44.89
N SER C 32 47.93 0.79 45.34
CA SER C 32 48.76 -0.19 44.68
C SER C 32 47.97 -1.40 44.20
N TYR C 33 48.54 -2.08 43.23
CA TYR C 33 48.03 -3.35 42.77
C TYR C 33 48.62 -4.46 43.61
N ILE C 34 47.80 -5.46 43.94
CA ILE C 34 48.28 -6.69 44.55
C ILE C 34 47.94 -7.84 43.62
N SER C 35 48.96 -8.62 43.27
CA SER C 35 48.80 -9.80 42.43
C SER C 35 49.06 -11.07 43.23
N TRP C 36 48.44 -12.16 42.79
CA TRP C 36 48.71 -13.48 43.34
C TRP C 36 49.24 -14.38 42.23
N LEU C 37 50.22 -15.22 42.57
CA LEU C 37 50.90 -16.04 41.58
C LEU C 37 51.15 -17.42 42.14
N LYS C 38 51.31 -18.38 41.22
CA LYS C 38 51.48 -19.78 41.55
C LYS C 38 52.80 -20.26 40.95
N GLN C 39 53.51 -21.11 41.69
CA GLN C 39 54.75 -21.66 41.17
C GLN C 39 54.90 -23.08 41.68
N LYS C 40 55.02 -24.01 40.77
CA LYS C 40 55.34 -25.37 41.14
C LYS C 40 56.85 -25.55 41.17
N PRO C 41 57.36 -26.43 42.03
CA PRO C 41 58.80 -26.67 42.07
C PRO C 41 59.35 -27.01 40.69
N GLY C 42 60.46 -26.37 40.34
CA GLY C 42 61.11 -26.56 39.05
C GLY C 42 60.44 -25.88 37.88
N GLN C 43 59.38 -25.11 38.10
CA GLN C 43 58.61 -24.53 37.01
C GLN C 43 58.65 -23.00 37.10
N SER C 44 58.18 -22.38 36.03
CA SER C 44 58.06 -20.93 35.99
C SER C 44 56.84 -20.48 36.81
N LEU C 45 56.62 -19.19 36.87
CA LEU C 45 55.51 -18.65 37.65
C LEU C 45 54.26 -18.47 36.78
N GLU C 46 53.11 -18.59 37.43
CA GLU C 46 51.82 -18.45 36.76
C GLU C 46 51.00 -17.40 37.46
N TRP C 47 50.62 -16.34 36.75
CA TRP C 47 49.88 -15.25 37.37
C TRP C 47 48.40 -15.62 37.44
N ILE C 48 47.81 -15.41 38.61
CA ILE C 48 46.43 -15.82 38.87
C ILE C 48 45.47 -14.65 38.76
N ALA C 49 45.77 -13.55 39.42
CA ALA C 49 44.82 -12.45 39.50
C ALA C 49 45.51 -11.23 40.08
N TRP C 50 44.90 -10.08 39.89
CA TRP C 50 45.30 -8.90 40.62
C TRP C 50 44.06 -8.18 41.14
N ILE C 51 44.30 -7.32 42.12
CA ILE C 51 43.28 -6.44 42.66
C ILE C 51 43.92 -5.08 42.86
N TYR C 52 43.20 -4.04 42.49
CA TYR C 52 43.61 -2.67 42.81
C TYR C 52 43.01 -2.31 44.16
N ALA C 53 43.87 -2.15 45.17
CA ALA C 53 43.37 -2.02 46.54
C ALA C 53 42.45 -0.82 46.71
N GLY C 54 42.70 0.27 45.97
CA GLY C 54 41.91 1.48 46.13
C GLY C 54 40.47 1.36 45.71
N THR C 55 40.14 0.45 44.81
CA THR C 55 38.78 0.33 44.32
C THR C 55 38.16 -1.04 44.53
N GLY C 56 38.97 -2.06 44.80
CA GLY C 56 38.50 -3.43 44.80
C GLY C 56 38.35 -4.03 43.42
N GLY C 57 38.73 -3.31 42.36
CA GLY C 57 38.62 -3.85 41.02
C GLY C 57 39.64 -4.96 40.81
N THR C 58 39.19 -6.00 40.12
CA THR C 58 39.98 -7.21 39.95
C THR C 58 40.08 -7.59 38.48
N GLU C 59 41.16 -8.32 38.16
CA GLU C 59 41.34 -8.94 36.87
C GLU C 59 41.86 -10.34 37.14
N TYR C 60 41.27 -11.34 36.49
CA TYR C 60 41.59 -12.74 36.74
C TYR C 60 42.17 -13.40 35.49
N ASN C 61 43.13 -14.29 35.70
CA ASN C 61 43.46 -15.29 34.68
C ASN C 61 42.26 -16.22 34.51
N GLN C 62 41.73 -16.30 33.27
CA GLN C 62 40.50 -17.09 33.08
C GLN C 62 40.72 -18.58 33.28
N LYS C 63 41.96 -19.03 33.30
CA LYS C 63 42.25 -20.39 33.76
C LYS C 63 41.80 -20.60 35.20
N PHE C 64 41.79 -19.54 36.02
CA PHE C 64 41.44 -19.64 37.43
C PHE C 64 40.08 -19.02 37.75
N THR C 65 39.34 -18.60 36.74
CA THR C 65 38.00 -18.09 37.00
C THR C 65 37.13 -19.20 37.57
N GLY C 66 36.43 -18.89 38.66
CA GLY C 66 35.60 -19.84 39.34
C GLY C 66 36.26 -20.55 40.51
N LYS C 67 37.59 -20.49 40.60
CA LYS C 67 38.34 -21.15 41.66
C LYS C 67 39.02 -20.17 42.61
N ALA C 68 39.41 -18.99 42.12
CA ALA C 68 40.08 -17.99 42.93
C ALA C 68 39.23 -16.73 43.06
N GLN C 69 39.19 -16.15 44.26
CA GLN C 69 38.61 -14.83 44.48
C GLN C 69 39.55 -14.01 45.35
N VAL C 70 40.02 -12.88 44.83
CA VAL C 70 40.91 -12.01 45.59
C VAL C 70 40.11 -10.84 46.14
N THR C 71 40.37 -10.49 47.40
CA THR C 71 39.74 -9.35 48.04
C THR C 71 40.81 -8.61 48.84
N VAL C 72 40.47 -7.42 49.31
CA VAL C 72 41.34 -6.68 50.22
C VAL C 72 40.51 -6.19 51.39
N ASP C 73 41.20 -5.99 52.51
CA ASP C 73 40.67 -5.21 53.62
C ASP C 73 41.61 -4.02 53.75
N THR C 74 41.15 -2.86 53.28
CA THR C 74 41.99 -1.67 53.24
C THR C 74 42.32 -1.13 54.62
N SER C 75 41.51 -1.45 55.63
CA SER C 75 41.77 -0.94 56.97
C SER C 75 42.97 -1.61 57.63
N SER C 76 43.33 -2.82 57.18
CA SER C 76 44.47 -3.54 57.74
C SER C 76 45.56 -3.79 56.69
N SER C 77 45.44 -3.18 55.51
CA SER C 77 46.42 -3.35 54.43
C SER C 77 46.72 -4.82 54.14
N THR C 78 45.65 -5.63 54.08
CA THR C 78 45.78 -7.06 53.89
C THR C 78 45.07 -7.47 52.62
N ALA C 79 45.73 -8.31 51.81
CA ALA C 79 45.13 -8.91 50.64
C ALA C 79 44.84 -10.38 50.92
N TYR C 80 43.75 -10.89 50.36
CA TYR C 80 43.34 -12.26 50.58
C TYR C 80 43.10 -12.94 49.24
N MET C 81 43.29 -14.26 49.21
CA MET C 81 42.83 -15.04 48.07
C MET C 81 42.11 -16.29 48.56
N GLN C 82 40.85 -16.40 48.19
CA GLN C 82 40.06 -17.60 48.45
C GLN C 82 40.24 -18.56 47.28
N PHE C 83 40.70 -19.77 47.57
CA PHE C 83 40.82 -20.83 46.59
C PHE C 83 39.82 -21.91 46.93
N SER C 84 39.02 -22.31 45.96
CA SER C 84 37.99 -23.32 46.19
C SER C 84 38.10 -24.42 45.16
N SER C 85 37.48 -25.57 45.47
CA SER C 85 37.48 -26.74 44.61
C SER C 85 38.91 -27.19 44.26
N LEU C 86 39.72 -27.37 45.30
CA LEU C 86 41.15 -27.60 45.09
C LEU C 86 41.42 -28.99 44.54
N THR C 87 42.37 -29.07 43.62
CA THR C 87 42.82 -30.31 43.02
C THR C 87 44.29 -30.52 43.36
N THR C 88 44.77 -31.77 43.20
CA THR C 88 46.19 -32.03 43.42
C THR C 88 47.06 -31.19 42.50
N GLU C 89 46.53 -30.80 41.33
CA GLU C 89 47.23 -29.87 40.46
C GLU C 89 47.39 -28.49 41.07
N ASP C 90 46.67 -28.18 42.15
CA ASP C 90 46.77 -26.87 42.77
C ASP C 90 47.88 -26.81 43.83
N SER C 91 48.54 -27.93 44.10
CA SER C 91 49.66 -27.93 45.03
C SER C 91 50.81 -27.13 44.44
N ALA C 92 51.26 -26.11 45.15
CA ALA C 92 52.32 -25.21 44.71
C ALA C 92 52.65 -24.21 45.80
N ILE C 93 53.60 -23.34 45.53
CA ILE C 93 53.81 -22.17 46.36
C ILE C 93 53.06 -21.01 45.74
N TYR C 94 52.35 -20.25 46.59
CA TYR C 94 51.57 -19.10 46.15
C TYR C 94 52.18 -17.82 46.71
N TYR C 95 52.43 -16.85 45.83
CA TYR C 95 53.00 -15.56 46.21
C TYR C 95 51.95 -14.46 46.08
N CYS C 96 52.00 -13.50 46.99
CA CYS C 96 51.44 -12.17 46.75
C CYS C 96 52.59 -11.25 46.38
N ALA C 97 52.35 -10.39 45.40
CA ALA C 97 53.34 -9.40 45.01
C ALA C 97 52.63 -8.08 44.84
N ARG C 98 53.34 -6.99 45.10
CA ARG C 98 52.80 -5.67 44.78
C ARG C 98 53.10 -5.36 43.33
N GLY C 99 52.06 -5.20 42.53
CA GLY C 99 52.21 -5.05 41.11
C GLY C 99 51.03 -5.70 40.41
N GLY C 100 50.90 -5.47 39.11
CA GLY C 100 49.69 -5.83 38.41
C GLY C 100 49.44 -4.79 37.35
N SER C 101 48.49 -5.05 36.44
CA SER C 101 48.26 -4.18 35.27
C SER C 101 49.63 -3.98 34.62
N SER C 102 50.00 -2.75 34.26
CA SER C 102 51.29 -2.52 33.63
C SER C 102 52.42 -2.30 34.63
N PHE C 103 52.14 -2.37 35.93
CA PHE C 103 53.15 -2.14 36.97
C PHE C 103 53.88 -3.43 37.28
N ALA C 104 55.20 -3.41 37.11
CA ALA C 104 56.00 -4.60 37.41
C ALA C 104 55.87 -4.95 38.89
N MET C 105 55.92 -6.24 39.20
CA MET C 105 55.80 -6.67 40.58
C MET C 105 57.14 -6.46 41.27
N ASP C 106 57.22 -5.44 42.13
CA ASP C 106 58.52 -5.08 42.69
C ASP C 106 58.74 -5.55 44.12
N TYR C 107 57.68 -5.79 44.89
CA TYR C 107 57.85 -6.35 46.22
C TYR C 107 57.04 -7.63 46.32
N TRP C 108 57.63 -8.66 46.93
CA TRP C 108 57.04 -9.98 46.96
C TRP C 108 56.91 -10.50 48.39
N GLY C 109 55.83 -11.23 48.63
CA GLY C 109 55.73 -12.01 49.84
C GLY C 109 56.69 -13.18 49.81
N GLN C 110 56.82 -13.84 50.96
CA GLN C 110 57.76 -14.95 51.07
C GLN C 110 57.22 -16.22 50.44
N GLY C 111 55.93 -16.30 50.20
CA GLY C 111 55.32 -17.49 49.66
C GLY C 111 54.57 -18.28 50.71
N THR C 112 53.46 -18.89 50.29
CA THR C 112 52.66 -19.79 51.12
C THR C 112 52.54 -21.13 50.40
N SER C 113 52.97 -22.19 51.08
CA SER C 113 52.93 -23.54 50.51
C SER C 113 51.55 -24.16 50.69
N VAL C 114 50.96 -24.62 49.59
CA VAL C 114 49.66 -25.27 49.63
C VAL C 114 49.83 -26.67 49.06
N THR C 115 49.56 -27.67 49.90
CA THR C 115 49.54 -29.05 49.47
C THR C 115 48.11 -29.53 49.43
N VAL C 116 47.69 -30.08 48.29
CA VAL C 116 46.37 -30.66 48.11
C VAL C 116 46.58 -32.15 47.96
N SER C 117 46.20 -32.92 48.98
CA SER C 117 46.43 -34.34 48.96
C SER C 117 45.42 -35.01 49.87
N SER C 118 45.12 -36.26 49.56
CA SER C 118 44.36 -37.09 50.47
C SER C 118 45.26 -37.90 51.40
N ALA C 119 46.56 -37.94 51.14
CA ALA C 119 47.49 -38.66 52.01
C ALA C 119 47.44 -38.09 53.42
N SER C 120 47.73 -38.95 54.41
CA SER C 120 47.68 -38.53 55.80
C SER C 120 48.98 -37.87 56.22
N THR C 121 48.86 -36.90 57.13
CA THR C 121 50.04 -36.28 57.73
C THR C 121 50.84 -37.32 58.49
N THR C 122 52.15 -37.30 58.30
CA THR C 122 53.03 -38.28 58.91
C THR C 122 54.24 -37.52 59.46
N PRO C 123 54.58 -37.73 60.72
CA PRO C 123 55.75 -37.06 61.29
C PRO C 123 57.03 -37.71 60.83
N PRO C 124 58.12 -36.96 60.74
CA PRO C 124 59.39 -37.57 60.32
C PRO C 124 59.97 -38.48 61.39
N SER C 125 60.68 -39.50 60.93
CA SER C 125 61.66 -40.20 61.75
C SER C 125 63.02 -39.56 61.50
N VAL C 126 63.74 -39.25 62.58
CA VAL C 126 65.02 -38.54 62.50
C VAL C 126 66.13 -39.50 62.92
N TYR C 127 67.07 -39.73 62.01
CA TYR C 127 68.12 -40.71 62.26
C TYR C 127 69.48 -40.04 62.21
N PRO C 128 70.33 -40.25 63.20
CA PRO C 128 71.65 -39.63 63.17
C PRO C 128 72.59 -40.38 62.24
N LEU C 129 73.48 -39.62 61.60
CA LEU C 129 74.48 -40.16 60.68
C LEU C 129 75.87 -39.87 61.24
N ALA C 130 76.44 -40.85 61.93
CA ALA C 130 77.78 -40.75 62.45
C ALA C 130 78.70 -41.66 61.67
N PRO C 131 79.96 -41.25 61.45
CA PRO C 131 80.93 -42.06 60.68
C PRO C 131 81.28 -43.35 61.39
N SER C 139 92.10 -32.14 60.01
CA SER C 139 91.04 -33.06 59.63
C SER C 139 89.66 -32.44 59.91
N MET C 140 88.77 -32.57 58.94
CA MET C 140 87.35 -32.28 59.10
C MET C 140 86.59 -33.59 59.21
N VAL C 141 85.45 -33.56 59.88
CA VAL C 141 84.58 -34.73 59.95
C VAL C 141 83.18 -34.31 59.50
N THR C 142 82.56 -35.15 58.67
CA THR C 142 81.22 -34.88 58.17
C THR C 142 80.22 -35.69 59.00
N LEU C 143 79.20 -35.02 59.49
CA LEU C 143 78.10 -35.68 60.19
C LEU C 143 76.81 -35.46 59.41
N GLY C 144 75.77 -36.18 59.79
CA GLY C 144 74.56 -36.12 58.99
C GLY C 144 73.30 -36.35 59.80
N CYS C 145 72.19 -36.04 59.13
CA CYS C 145 70.86 -36.19 59.68
C CYS C 145 69.96 -36.70 58.56
N LEU C 146 69.33 -37.85 58.77
CA LEU C 146 68.40 -38.41 57.79
C LEU C 146 66.98 -38.25 58.32
N VAL C 147 66.14 -37.56 57.55
CA VAL C 147 64.79 -37.20 57.95
C VAL C 147 63.85 -37.91 56.99
N LYS C 148 63.21 -38.98 57.46
CA LYS C 148 62.58 -39.97 56.61
C LYS C 148 61.10 -40.13 56.92
N GLY C 149 60.30 -40.30 55.88
CA GLY C 149 58.93 -40.79 56.02
C GLY C 149 57.92 -39.79 56.52
N TYR C 150 58.02 -38.53 56.09
CA TYR C 150 57.09 -37.51 56.55
C TYR C 150 56.25 -36.97 55.41
N PHE C 151 55.11 -36.38 55.77
CA PHE C 151 54.20 -35.73 54.87
C PHE C 151 53.36 -34.77 55.68
N PRO C 152 53.07 -33.57 55.18
CA PRO C 152 53.62 -33.06 53.94
C PRO C 152 54.90 -32.28 54.18
N GLU C 153 55.37 -31.61 53.14
CA GLU C 153 56.42 -30.62 53.29
C GLU C 153 55.85 -29.36 53.93
N PRO C 154 56.70 -28.51 54.54
CA PRO C 154 58.15 -28.67 54.68
C PRO C 154 58.58 -29.18 56.04
N VAL C 155 59.84 -29.60 56.16
CA VAL C 155 60.52 -29.68 57.44
C VAL C 155 61.64 -28.65 57.41
N THR C 156 62.02 -28.16 58.58
CA THR C 156 63.17 -27.28 58.71
C THR C 156 64.25 -27.99 59.51
N VAL C 157 65.48 -27.93 59.01
CA VAL C 157 66.63 -28.59 59.63
C VAL C 157 67.64 -27.52 59.97
N THR C 158 68.05 -27.46 61.24
CA THR C 158 69.17 -26.64 61.67
C THR C 158 70.13 -27.51 62.47
N TRP C 159 71.33 -26.97 62.70
CA TRP C 159 72.34 -27.65 63.51
C TRP C 159 72.68 -26.76 64.70
N ASN C 160 72.68 -27.37 65.89
CA ASN C 160 72.97 -26.66 67.15
C ASN C 160 72.17 -25.36 67.23
N SER C 161 70.86 -25.49 66.99
CA SER C 161 69.91 -24.38 67.09
C SER C 161 70.26 -23.23 66.16
N GLY C 162 70.87 -23.54 65.01
CA GLY C 162 71.24 -22.53 64.05
C GLY C 162 72.63 -21.94 64.24
N SER C 163 73.26 -22.15 65.39
CA SER C 163 74.59 -21.57 65.61
C SER C 163 75.66 -22.25 64.76
N LEU C 164 75.36 -23.37 64.13
CA LEU C 164 76.29 -24.04 63.24
C LEU C 164 75.66 -24.03 61.84
N SER C 165 76.14 -23.12 60.98
CA SER C 165 75.56 -22.91 59.67
C SER C 165 76.55 -23.03 58.53
N SER C 166 77.84 -22.84 58.75
CA SER C 166 78.84 -23.05 57.72
C SER C 166 79.10 -24.54 57.53
N GLY C 167 79.37 -24.93 56.30
CA GLY C 167 79.59 -26.32 56.02
C GLY C 167 78.37 -27.20 56.13
N VAL C 168 77.18 -26.61 56.08
CA VAL C 168 75.92 -27.36 56.08
C VAL C 168 75.41 -27.48 54.65
N HIS C 169 75.04 -28.69 54.25
CA HIS C 169 74.30 -28.91 53.01
C HIS C 169 73.01 -29.63 53.37
N THR C 170 71.88 -28.93 53.24
CA THR C 170 70.58 -29.54 53.45
C THR C 170 69.93 -29.75 52.09
N PHE C 171 69.58 -30.97 51.81
CA PHE C 171 69.23 -31.36 50.45
C PHE C 171 67.72 -31.30 50.24
N PRO C 172 67.28 -31.00 49.02
CA PRO C 172 65.84 -30.94 48.74
C PRO C 172 65.18 -32.29 49.01
N ALA C 173 64.00 -32.24 49.61
CA ALA C 173 63.25 -33.46 49.90
C ALA C 173 62.89 -34.20 48.62
N VAL C 174 62.88 -35.52 48.70
CA VAL C 174 62.47 -36.38 47.60
C VAL C 174 61.21 -37.13 48.01
N LEU C 175 60.22 -37.15 47.13
CA LEU C 175 58.96 -37.83 47.40
C LEU C 175 58.99 -39.21 46.77
N GLN C 176 58.66 -40.23 47.56
CA GLN C 176 58.46 -41.59 47.04
C GLN C 176 57.28 -42.21 47.77
N SER C 177 56.24 -42.56 47.02
CA SER C 177 55.07 -43.25 47.56
C SER C 177 54.45 -42.46 48.71
N ASP C 178 54.20 -41.17 48.45
CA ASP C 178 53.47 -40.27 49.34
C ASP C 178 54.19 -40.03 50.67
N LEU C 179 55.51 -40.20 50.70
CA LEU C 179 56.30 -39.85 51.87
C LEU C 179 57.58 -39.17 51.42
N TYR C 180 57.99 -38.14 52.16
CA TYR C 180 59.18 -37.38 51.82
C TYR C 180 60.37 -37.88 52.61
N THR C 181 61.55 -37.76 52.01
CA THR C 181 62.80 -38.03 52.69
C THR C 181 63.79 -36.94 52.34
N LEU C 182 64.42 -36.35 53.35
CA LEU C 182 65.53 -35.45 53.07
C LEU C 182 66.69 -35.80 53.98
N SER C 183 67.85 -35.23 53.66
CA SER C 183 69.05 -35.45 54.45
C SER C 183 69.77 -34.12 54.59
N SER C 184 70.64 -34.04 55.58
CA SER C 184 71.39 -32.83 55.87
C SER C 184 72.75 -33.25 56.39
N SER C 185 73.80 -32.68 55.79
CA SER C 185 75.16 -32.95 56.20
C SER C 185 75.80 -31.69 56.75
N VAL C 186 76.65 -31.86 57.76
CA VAL C 186 77.42 -30.78 58.33
C VAL C 186 78.85 -31.27 58.49
N THR C 187 79.80 -30.43 58.11
CA THR C 187 81.21 -30.77 58.18
C THR C 187 81.86 -29.85 59.22
N VAL C 188 82.54 -30.45 60.19
CA VAL C 188 83.10 -29.70 61.32
C VAL C 188 84.55 -30.14 61.54
N PRO C 189 85.39 -29.27 62.10
CA PRO C 189 86.75 -29.70 62.46
C PRO C 189 86.71 -30.86 63.45
N SER C 190 87.64 -31.80 63.27
CA SER C 190 87.62 -33.01 64.08
C SER C 190 87.95 -32.75 65.54
N SER C 191 88.55 -31.60 65.85
CA SER C 191 88.75 -31.20 67.23
C SER C 191 87.47 -30.73 67.89
N THR C 192 86.42 -30.52 67.11
CA THR C 192 85.13 -30.02 67.56
C THR C 192 84.14 -31.12 67.88
N TRP C 193 84.31 -32.32 67.30
CA TRP C 193 83.40 -33.42 67.54
C TRP C 193 84.20 -34.71 67.52
N PRO C 194 83.94 -35.64 68.46
CA PRO C 194 82.85 -35.66 69.45
C PRO C 194 83.15 -35.00 70.81
N SER C 195 84.26 -34.27 70.92
CA SER C 195 84.58 -33.61 72.19
C SER C 195 83.52 -32.58 72.57
N GLU C 196 82.80 -32.03 71.60
CA GLU C 196 81.70 -31.11 71.85
C GLU C 196 80.46 -31.58 71.09
N THR C 197 79.30 -31.02 71.45
CA THR C 197 78.02 -31.54 70.98
C THR C 197 77.69 -31.02 69.59
N VAL C 198 77.22 -31.92 68.73
CA VAL C 198 76.58 -31.56 67.46
C VAL C 198 75.19 -32.18 67.45
N THR C 199 74.16 -31.35 67.31
CA THR C 199 72.77 -31.79 67.38
C THR C 199 72.01 -31.32 66.14
N CYS C 200 71.20 -32.22 65.60
CA CYS C 200 70.30 -31.94 64.49
C CYS C 200 68.94 -31.52 65.05
N ASN C 201 68.43 -30.38 64.59
CA ASN C 201 67.11 -29.89 65.04
C ASN C 201 66.14 -29.94 63.87
N VAL C 202 65.07 -30.70 64.03
CA VAL C 202 64.12 -30.95 62.95
C VAL C 202 62.75 -30.51 63.42
N ALA C 203 62.15 -29.56 62.69
CA ALA C 203 60.79 -29.14 62.94
C ALA C 203 59.92 -29.56 61.77
N HIS C 204 58.77 -30.19 62.08
CA HIS C 204 57.75 -30.53 61.10
C HIS C 204 56.44 -29.88 61.53
N PRO C 205 56.17 -28.65 61.10
CA PRO C 205 54.98 -27.94 61.61
C PRO C 205 53.67 -28.64 61.31
N ALA C 206 53.54 -29.28 60.14
CA ALA C 206 52.28 -29.92 59.79
C ALA C 206 51.88 -30.99 60.80
N SER C 207 52.84 -31.70 61.40
CA SER C 207 52.53 -32.69 62.42
C SER C 207 52.77 -32.18 63.82
N SER C 208 53.09 -30.89 63.97
CA SER C 208 53.33 -30.26 65.27
C SER C 208 54.41 -31.00 66.06
N THR C 209 55.57 -31.16 65.42
CA THR C 209 56.64 -32.03 65.92
C THR C 209 57.96 -31.28 65.82
N LYS C 210 58.76 -31.33 66.88
CA LYS C 210 60.16 -30.90 66.85
C LYS C 210 61.00 -32.03 67.43
N VAL C 211 62.04 -32.41 66.70
CA VAL C 211 62.96 -33.47 67.12
C VAL C 211 64.36 -32.88 67.19
N ASP C 212 65.03 -33.09 68.31
CA ASP C 212 66.45 -32.81 68.48
C ASP C 212 67.20 -34.14 68.57
N LYS C 213 68.13 -34.36 67.65
CA LYS C 213 68.90 -35.59 67.60
C LYS C 213 70.38 -35.26 67.77
N LYS C 214 70.92 -35.60 68.93
CA LYS C 214 72.35 -35.48 69.17
C LYS C 214 73.11 -36.55 68.39
N ILE C 215 74.17 -36.15 67.70
CA ILE C 215 75.01 -37.09 66.95
C ILE C 215 76.09 -37.62 67.88
N VAL C 216 76.01 -38.90 68.23
CA VAL C 216 77.00 -39.50 69.11
C VAL C 216 77.83 -40.50 68.32
N PRO C 217 79.11 -40.68 68.63
CA PRO C 217 79.95 -41.60 67.84
C PRO C 217 79.46 -43.02 67.96
N ARG C 218 79.69 -43.79 66.90
CA ARG C 218 79.23 -45.17 66.84
C ARG C 218 79.95 -46.02 67.89
N ASP C 219 79.26 -47.05 68.37
CA ASP C 219 79.85 -47.99 69.33
C ASP C 219 80.25 -49.28 68.62
N CYS C 220 81.49 -49.73 68.83
CA CYS C 220 81.92 -51.07 68.41
C CYS C 220 82.86 -51.80 69.36
N GLN D 1 48.16 -16.40 26.87
CA GLN D 1 48.03 -16.48 25.42
C GLN D 1 49.24 -15.85 24.74
N LEU D 2 49.80 -14.81 25.36
CA LEU D 2 51.04 -14.21 24.88
C LEU D 2 52.22 -15.01 25.43
N VAL D 3 52.99 -15.62 24.53
CA VAL D 3 54.00 -16.60 24.92
C VAL D 3 55.37 -15.97 24.76
N LEU D 4 56.20 -16.13 25.78
CA LEU D 4 57.57 -15.63 25.78
C LEU D 4 58.50 -16.84 25.76
N THR D 5 59.39 -16.89 24.77
CA THR D 5 60.35 -17.98 24.66
C THR D 5 61.73 -17.43 24.99
N GLN D 6 62.33 -17.96 26.06
CA GLN D 6 63.67 -17.54 26.47
C GLN D 6 64.73 -18.39 25.81
N SER D 7 65.91 -17.79 25.64
CA SER D 7 67.11 -18.44 25.12
C SER D 7 68.31 -17.91 25.88
N PRO D 8 69.27 -18.78 26.24
CA PRO D 8 69.14 -20.25 26.11
C PRO D 8 68.46 -20.81 27.35
N ALA D 9 68.21 -22.12 27.40
CA ALA D 9 67.63 -22.69 28.62
C ALA D 9 68.59 -22.59 29.80
N SER D 10 69.89 -22.77 29.55
CA SER D 10 70.89 -22.58 30.60
C SER D 10 72.18 -22.09 29.98
N LEU D 11 73.03 -21.50 30.80
CA LEU D 11 74.34 -21.05 30.34
C LEU D 11 75.26 -20.92 31.55
N ALA D 12 76.54 -21.14 31.29
CA ALA D 12 77.58 -21.12 32.30
C ALA D 12 78.57 -20.03 31.93
N VAL D 13 78.89 -19.15 32.87
CA VAL D 13 79.74 -18.00 32.64
C VAL D 13 80.80 -17.95 33.72
N SER D 14 82.01 -17.53 33.36
CA SER D 14 83.04 -17.30 34.34
C SER D 14 82.83 -15.95 35.03
N LEU D 15 83.37 -15.85 36.25
CA LEU D 15 83.36 -14.59 36.99
C LEU D 15 83.90 -13.45 36.14
N GLY D 16 83.16 -12.34 36.10
CA GLY D 16 83.62 -11.15 35.42
C GLY D 16 83.26 -11.06 33.95
N GLN D 17 82.74 -12.12 33.35
CA GLN D 17 82.39 -12.10 31.94
C GLN D 17 80.92 -11.73 31.79
N ARG D 18 80.47 -11.58 30.53
CA ARG D 18 79.10 -11.20 30.22
C ARG D 18 78.19 -12.42 30.07
N ALA D 19 76.99 -12.32 30.63
CA ALA D 19 75.92 -13.27 30.39
C ALA D 19 74.81 -12.56 29.63
N THR D 20 74.32 -13.19 28.56
CA THR D 20 73.31 -12.60 27.69
C THR D 20 72.14 -13.57 27.56
N ILE D 21 70.97 -13.16 28.05
CA ILE D 21 69.75 -13.94 27.96
C ILE D 21 68.77 -13.17 27.09
N SER D 22 68.13 -13.85 26.16
CA SER D 22 67.19 -13.21 25.25
C SER D 22 65.79 -13.77 25.46
N CYS D 23 64.79 -12.94 25.22
CA CYS D 23 63.39 -13.28 25.35
C CYS D 23 62.67 -12.82 24.10
N ARG D 24 61.88 -13.70 23.51
CA ARG D 24 61.11 -13.36 22.32
C ARG D 24 59.64 -13.56 22.61
N ALA D 25 58.84 -12.51 22.37
CA ALA D 25 57.40 -12.58 22.54
C ALA D 25 56.74 -13.02 21.25
N SER D 26 55.66 -13.79 21.38
CA SER D 26 54.96 -14.29 20.20
C SER D 26 54.32 -13.16 19.41
N GLU D 27 53.76 -12.17 20.09
CA GLU D 27 53.26 -10.96 19.45
C GLU D 27 54.04 -9.77 19.97
N SER D 28 53.78 -8.61 19.40
CA SER D 28 54.54 -7.40 19.72
C SER D 28 54.13 -6.87 21.09
N VAL D 29 55.11 -6.70 21.97
CA VAL D 29 54.86 -6.09 23.27
C VAL D 29 54.92 -4.56 23.20
N ASP D 30 55.58 -4.01 22.18
CA ASP D 30 55.87 -2.58 22.17
C ASP D 30 54.63 -1.76 21.80
N ASN D 31 54.56 -0.56 22.38
CA ASN D 31 53.53 0.42 22.05
C ASN D 31 54.25 1.71 21.67
N TYR D 32 54.72 1.76 20.42
CA TYR D 32 55.44 2.92 19.89
C TYR D 32 56.73 3.19 20.65
N GLY D 33 57.44 2.13 21.03
CA GLY D 33 58.75 2.23 21.63
C GLY D 33 58.80 1.88 23.10
N ILE D 34 57.70 1.97 23.83
CA ILE D 34 57.66 1.61 25.25
C ILE D 34 57.07 0.23 25.39
N SER D 35 57.83 -0.68 26.00
CA SER D 35 57.45 -2.08 26.11
C SER D 35 57.41 -2.48 27.58
N PHE D 36 56.27 -3.04 28.00
CA PHE D 36 56.07 -3.46 29.37
C PHE D 36 56.67 -4.86 29.58
N MET D 37 57.99 -4.93 29.43
CA MET D 37 58.75 -6.16 29.60
C MET D 37 59.61 -6.06 30.86
N ASN D 38 59.51 -7.08 31.71
CA ASN D 38 60.23 -7.12 32.96
C ASN D 38 61.15 -8.33 32.99
N TRP D 39 62.16 -8.25 33.87
CA TRP D 39 63.10 -9.33 34.11
C TRP D 39 63.20 -9.56 35.61
N PHE D 40 63.24 -10.84 35.99
CA PHE D 40 63.32 -11.26 37.38
C PHE D 40 64.49 -12.21 37.56
N GLN D 41 65.03 -12.20 38.78
CA GLN D 41 65.98 -13.20 39.24
C GLN D 41 65.31 -13.98 40.35
N GLN D 42 65.52 -15.30 40.37
CA GLN D 42 65.01 -16.12 41.47
C GLN D 42 66.10 -17.07 41.96
N LYS D 43 66.46 -16.95 43.21
CA LYS D 43 67.36 -17.88 43.83
C LYS D 43 66.57 -18.95 44.57
N PRO D 44 67.18 -20.12 44.84
CA PRO D 44 66.43 -21.22 45.48
C PRO D 44 65.84 -20.82 46.83
N GLY D 45 64.63 -21.31 47.08
CA GLY D 45 63.94 -21.04 48.34
C GLY D 45 63.54 -19.58 48.55
N GLN D 46 63.54 -18.77 47.51
CA GLN D 46 63.25 -17.34 47.60
C GLN D 46 62.19 -16.94 46.59
N PRO D 47 61.42 -15.89 46.86
CA PRO D 47 60.55 -15.33 45.84
C PRO D 47 61.38 -14.67 44.76
N PRO D 48 60.80 -14.43 43.58
CA PRO D 48 61.53 -13.68 42.56
C PRO D 48 61.89 -12.29 43.04
N LYS D 49 62.88 -11.69 42.37
CA LYS D 49 63.27 -10.33 42.63
C LYS D 49 63.25 -9.60 41.30
N LEU D 50 62.69 -8.39 41.31
CA LEU D 50 62.60 -7.60 40.09
C LEU D 50 63.96 -7.01 39.75
N LEU D 51 64.40 -7.23 38.52
CA LEU D 51 65.64 -6.63 38.02
C LEU D 51 65.38 -5.41 37.16
N ILE D 52 64.59 -5.59 36.09
CA ILE D 52 64.36 -4.59 35.06
C ILE D 52 62.86 -4.47 34.86
N HIS D 53 62.38 -3.25 34.66
CA HIS D 53 61.02 -3.04 34.19
C HIS D 53 61.03 -2.16 32.96
N THR D 54 59.89 -2.18 32.26
CA THR D 54 59.70 -1.44 31.01
C THR D 54 60.91 -1.56 30.10
N ALA D 55 61.38 -2.81 29.96
CA ALA D 55 62.40 -3.21 29.00
C ALA D 55 63.81 -2.80 29.44
N SER D 56 64.00 -1.54 29.83
CA SER D 56 65.38 -1.08 30.06
C SER D 56 65.56 -0.25 31.34
N ASN D 57 64.57 -0.15 32.21
CA ASN D 57 64.71 0.63 33.44
C ASN D 57 65.04 -0.30 34.60
N GLN D 58 66.02 0.07 35.40
CA GLN D 58 66.47 -0.80 36.48
C GLN D 58 65.59 -0.62 37.69
N GLY D 59 65.23 -1.75 38.32
CA GLY D 59 64.54 -1.70 39.59
C GLY D 59 65.35 -0.97 40.64
N SER D 60 64.65 -0.46 41.66
CA SER D 60 65.31 0.28 42.73
C SER D 60 66.31 -0.61 43.46
N GLY D 61 67.55 -0.13 43.57
CA GLY D 61 68.59 -0.85 44.27
C GLY D 61 69.21 -2.00 43.51
N VAL D 62 68.84 -2.21 42.25
CA VAL D 62 69.37 -3.33 41.47
C VAL D 62 70.77 -2.96 40.97
N PRO D 63 71.77 -3.82 41.16
CA PRO D 63 73.13 -3.49 40.72
C PRO D 63 73.18 -3.19 39.23
N ALA D 64 74.10 -2.29 38.85
CA ALA D 64 74.18 -1.82 37.46
C ALA D 64 74.63 -2.89 36.49
N ARG D 65 75.18 -4.01 36.98
CA ARG D 65 75.61 -5.08 36.10
C ARG D 65 74.46 -5.80 35.42
N PHE D 66 73.22 -5.67 35.92
CA PHE D 66 72.05 -6.17 35.24
C PHE D 66 71.49 -5.07 34.34
N SER D 67 71.37 -5.35 33.04
CA SER D 67 70.82 -4.34 32.15
C SER D 67 69.91 -4.99 31.12
N GLY D 68 68.86 -4.27 30.76
CA GLY D 68 67.86 -4.78 29.83
C GLY D 68 67.75 -3.91 28.59
N SER D 69 67.40 -4.54 27.48
CA SER D 69 67.24 -3.83 26.22
C SER D 69 66.22 -4.57 25.36
N GLY D 70 65.90 -3.95 24.23
CA GLY D 70 65.01 -4.55 23.25
C GLY D 70 63.73 -3.75 23.08
N SER D 71 63.00 -4.12 22.02
CA SER D 71 61.72 -3.53 21.71
C SER D 71 60.97 -4.49 20.79
N GLY D 72 59.69 -4.20 20.58
CA GLY D 72 58.86 -5.03 19.73
C GLY D 72 58.68 -6.41 20.32
N THR D 73 59.28 -7.41 19.68
CA THR D 73 59.17 -8.79 20.12
C THR D 73 60.43 -9.32 20.78
N ASP D 74 61.56 -8.62 20.68
CA ASP D 74 62.86 -9.15 21.07
C ASP D 74 63.48 -8.32 22.20
N PHE D 75 63.85 -9.00 23.27
CA PHE D 75 64.46 -8.34 24.42
C PHE D 75 65.63 -9.17 24.90
N SER D 76 66.53 -8.51 25.64
CA SER D 76 67.66 -9.22 26.20
C SER D 76 68.00 -8.67 27.58
N LEU D 77 68.47 -9.56 28.43
CA LEU D 77 69.03 -9.22 29.73
C LEU D 77 70.53 -9.51 29.68
N ASN D 78 71.35 -8.50 29.95
CA ASN D 78 72.79 -8.65 30.00
C ASN D 78 73.28 -8.53 31.44
N ILE D 79 74.15 -9.46 31.85
CA ILE D 79 74.77 -9.41 33.17
C ILE D 79 76.28 -9.30 32.97
N HIS D 80 76.85 -8.18 33.41
CA HIS D 80 78.28 -7.94 33.25
C HIS D 80 78.74 -6.82 34.18
N PRO D 81 79.80 -7.04 34.98
CA PRO D 81 80.51 -8.32 35.12
C PRO D 81 79.75 -9.30 36.01
N VAL D 82 79.66 -10.56 35.56
CA VAL D 82 78.98 -11.59 36.32
C VAL D 82 79.72 -11.82 37.65
N GLU D 83 78.95 -11.98 38.73
CA GLU D 83 79.50 -12.26 40.05
C GLU D 83 78.98 -13.60 40.55
N ASP D 84 79.63 -14.12 41.60
CA ASP D 84 79.32 -15.49 42.03
C ASP D 84 77.90 -15.61 42.57
N ASP D 85 77.37 -14.54 43.19
CA ASP D 85 76.00 -14.57 43.66
C ASP D 85 74.97 -14.51 42.54
N ASP D 86 75.39 -14.39 41.29
CA ASP D 86 74.42 -14.27 40.20
C ASP D 86 73.92 -15.63 39.70
N THR D 87 74.42 -16.74 40.25
CA THR D 87 73.88 -18.04 39.90
C THR D 87 72.42 -18.12 40.36
N ALA D 88 71.50 -18.27 39.40
CA ALA D 88 70.08 -18.19 39.69
C ALA D 88 69.26 -18.50 38.44
N MET D 89 67.94 -18.51 38.58
CA MET D 89 67.04 -18.51 37.44
C MET D 89 66.69 -17.08 37.07
N TYR D 90 66.56 -16.82 35.77
CA TYR D 90 66.13 -15.52 35.25
C TYR D 90 64.91 -15.73 34.37
N PHE D 91 63.86 -14.95 34.66
CA PHE D 91 62.60 -15.00 33.94
C PHE D 91 62.33 -13.64 33.31
N CYS D 92 61.95 -13.64 32.03
CA CYS D 92 61.29 -12.49 31.45
C CYS D 92 59.79 -12.60 31.71
N GLN D 93 59.10 -11.47 31.61
CA GLN D 93 57.70 -11.40 32.00
C GLN D 93 57.08 -10.16 31.35
N GLN D 94 55.96 -10.33 30.67
CA GLN D 94 55.32 -9.22 29.99
C GLN D 94 54.13 -8.73 30.80
N SER D 95 53.94 -7.41 30.81
CA SER D 95 52.83 -6.80 31.54
C SER D 95 51.96 -5.94 30.62
N GLU D 96 51.91 -6.32 29.34
CA GLU D 96 51.15 -5.59 28.33
C GLU D 96 49.77 -6.20 28.11
N GLU D 97 49.64 -7.52 28.18
CA GLU D 97 48.39 -8.20 27.89
C GLU D 97 48.02 -9.11 29.05
N VAL D 98 46.72 -9.29 29.23
CA VAL D 98 46.17 -10.25 30.18
C VAL D 98 45.93 -11.55 29.42
N PRO D 99 46.34 -12.70 29.94
CA PRO D 99 46.98 -12.87 31.24
C PRO D 99 48.45 -12.49 31.21
N LEU D 100 48.92 -11.89 32.29
CA LEU D 100 50.35 -11.70 32.50
C LEU D 100 51.04 -13.06 32.43
N THR D 101 52.13 -13.13 31.65
CA THR D 101 52.81 -14.40 31.45
C THR D 101 54.30 -14.22 31.68
N PHE D 102 54.93 -15.28 32.17
CA PHE D 102 56.38 -15.36 32.33
C PHE D 102 56.98 -16.24 31.24
N GLY D 103 58.27 -16.02 30.97
CA GLY D 103 59.04 -17.02 30.26
C GLY D 103 59.31 -18.24 31.13
N ALA D 104 59.74 -19.33 30.47
CA ALA D 104 60.01 -20.56 31.18
C ALA D 104 61.29 -20.50 32.02
N GLY D 105 62.15 -19.52 31.78
CA GLY D 105 63.28 -19.31 32.66
C GLY D 105 64.59 -19.76 32.05
N THR D 106 65.67 -19.10 32.45
CA THR D 106 67.03 -19.45 32.07
C THR D 106 67.84 -19.65 33.34
N LYS D 107 68.49 -20.81 33.45
CA LYS D 107 69.38 -21.08 34.58
C LYS D 107 70.78 -20.57 34.24
N LEU D 108 71.29 -19.65 35.06
CA LEU D 108 72.65 -19.14 34.93
C LEU D 108 73.51 -19.83 35.96
N GLU D 109 74.56 -20.51 35.50
CA GLU D 109 75.52 -21.15 36.38
C GLU D 109 76.87 -20.44 36.24
N ILE D 110 77.62 -20.41 37.34
CA ILE D 110 78.95 -19.80 37.36
C ILE D 110 79.99 -20.88 37.10
N LYS D 111 80.91 -20.60 36.19
CA LYS D 111 82.03 -21.49 35.95
C LYS D 111 83.14 -21.24 36.96
N ARG D 112 83.77 -22.32 37.41
CA ARG D 112 84.92 -22.25 38.30
C ARG D 112 85.85 -23.40 37.93
N THR D 113 87.00 -23.46 38.58
CA THR D 113 87.89 -24.58 38.35
C THR D 113 87.26 -25.86 38.87
N ASP D 114 87.75 -26.98 38.36
CA ASP D 114 87.17 -28.27 38.74
C ASP D 114 87.48 -28.58 40.19
N ALA D 115 86.52 -29.21 40.87
CA ALA D 115 86.65 -29.58 42.27
C ALA D 115 86.11 -30.98 42.46
N ALA D 116 86.94 -31.87 42.98
CA ALA D 116 86.53 -33.25 43.21
C ALA D 116 85.57 -33.33 44.40
N PRO D 117 84.61 -34.24 44.35
CA PRO D 117 83.65 -34.35 45.46
C PRO D 117 84.31 -34.91 46.71
N THR D 118 83.82 -34.47 47.85
CA THR D 118 84.14 -35.08 49.13
C THR D 118 83.02 -36.06 49.45
N VAL D 119 83.38 -37.33 49.59
CA VAL D 119 82.42 -38.42 49.70
C VAL D 119 82.44 -38.98 51.11
N SER D 120 81.27 -39.10 51.72
CA SER D 120 81.13 -39.68 53.04
C SER D 120 79.99 -40.67 53.01
N ILE D 121 80.20 -41.84 53.59
CA ILE D 121 79.20 -42.89 53.60
C ILE D 121 78.85 -43.19 55.05
N PHE D 122 77.58 -43.48 55.29
CA PHE D 122 77.09 -43.67 56.64
C PHE D 122 76.26 -44.94 56.69
N PRO D 123 76.57 -45.86 57.59
CA PRO D 123 75.73 -47.04 57.76
C PRO D 123 74.39 -46.66 58.39
N PRO D 124 73.42 -47.54 58.38
CA PRO D 124 72.16 -47.25 59.08
C PRO D 124 72.40 -47.06 60.56
N SER D 125 71.64 -46.13 61.14
CA SER D 125 71.66 -45.92 62.57
C SER D 125 70.94 -47.06 63.28
N SER D 126 71.36 -47.33 64.52
CA SER D 126 70.67 -48.33 65.32
C SER D 126 69.22 -47.95 65.57
N GLU D 127 68.95 -46.65 65.71
CA GLU D 127 67.56 -46.19 65.84
C GLU D 127 66.70 -46.72 64.70
N GLN D 128 67.17 -46.55 63.46
CA GLN D 128 66.39 -47.03 62.33
C GLN D 128 66.33 -48.55 62.30
N LEU D 129 67.45 -49.21 62.60
CA LEU D 129 67.48 -50.67 62.61
C LEU D 129 66.47 -51.24 63.59
N THR D 130 66.23 -50.58 64.74
CA THR D 130 65.21 -51.08 65.65
C THR D 130 63.81 -50.94 65.07
N SER D 131 63.61 -50.09 64.08
CA SER D 131 62.31 -49.98 63.44
C SER D 131 62.15 -50.87 62.22
N GLY D 132 63.16 -51.67 61.87
CA GLY D 132 63.03 -52.67 60.82
C GLY D 132 63.52 -52.25 59.45
N GLY D 133 63.95 -51.00 59.28
CA GLY D 133 64.53 -50.54 58.03
C GLY D 133 66.02 -50.29 58.19
N ALA D 134 66.64 -49.94 57.06
CA ALA D 134 68.08 -49.69 57.06
C ALA D 134 68.43 -48.84 55.83
N SER D 135 68.79 -47.59 56.06
CA SER D 135 69.20 -46.69 55.00
C SER D 135 70.71 -46.46 55.09
N VAL D 136 71.38 -46.57 53.95
CA VAL D 136 72.77 -46.17 53.82
C VAL D 136 72.78 -44.85 53.04
N VAL D 137 73.56 -43.89 53.51
CA VAL D 137 73.54 -42.54 52.95
C VAL D 137 74.95 -42.19 52.47
N CYS D 138 75.02 -41.66 51.27
CA CYS D 138 76.26 -41.14 50.70
C CYS D 138 76.11 -39.65 50.44
N PHE D 139 77.04 -38.86 50.97
CA PHE D 139 77.10 -37.44 50.67
C PHE D 139 78.29 -37.20 49.74
N LEU D 140 78.05 -36.46 48.65
CA LEU D 140 79.09 -36.08 47.71
C LEU D 140 79.07 -34.56 47.62
N ASN D 141 79.99 -33.91 48.33
CA ASN D 141 79.87 -32.49 48.62
C ASN D 141 80.90 -31.66 47.87
N ASN D 142 80.45 -30.48 47.41
CA ASN D 142 81.34 -29.42 46.94
C ASN D 142 82.16 -29.85 45.72
N PHE D 143 81.46 -30.33 44.70
CA PHE D 143 82.13 -30.71 43.47
C PHE D 143 81.70 -29.77 42.33
N TYR D 144 82.51 -29.79 41.27
CA TYR D 144 82.29 -29.02 40.04
C TYR D 144 83.08 -29.72 38.95
N PRO D 145 82.51 -29.94 37.75
CA PRO D 145 81.16 -29.50 37.35
C PRO D 145 80.04 -30.37 37.90
N LYS D 146 78.80 -30.00 37.58
CA LYS D 146 77.63 -30.60 38.20
C LYS D 146 77.39 -32.04 37.78
N ASP D 147 77.92 -32.46 36.63
CA ASP D 147 77.63 -33.79 36.10
C ASP D 147 78.32 -34.85 36.94
N ILE D 148 77.53 -35.75 37.51
CA ILE D 148 78.06 -36.80 38.35
C ILE D 148 77.11 -37.98 38.28
N ASN D 149 77.65 -39.19 38.42
CA ASN D 149 76.83 -40.39 38.43
C ASN D 149 77.24 -41.24 39.62
N VAL D 150 76.25 -41.74 40.34
CA VAL D 150 76.46 -42.48 41.57
C VAL D 150 75.82 -43.84 41.44
N LYS D 151 76.62 -44.88 41.69
CA LYS D 151 76.12 -46.25 41.71
C LYS D 151 76.34 -46.84 43.11
N TRP D 152 75.36 -47.61 43.56
CA TRP D 152 75.50 -48.37 44.78
C TRP D 152 75.87 -49.80 44.45
N LYS D 153 76.83 -50.33 45.20
CA LYS D 153 77.23 -51.73 45.09
C LYS D 153 77.02 -52.41 46.43
N ILE D 154 76.48 -53.62 46.38
CA ILE D 154 76.28 -54.44 47.57
C ILE D 154 76.94 -55.78 47.29
N ASP D 155 77.99 -56.09 48.04
CA ASP D 155 78.85 -57.25 47.75
C ASP D 155 79.27 -57.27 46.29
N GLY D 156 79.69 -56.11 45.79
CA GLY D 156 80.21 -55.97 44.45
C GLY D 156 79.19 -55.85 43.34
N SER D 157 77.91 -56.12 43.61
CA SER D 157 76.87 -56.09 42.58
C SER D 157 76.04 -54.82 42.70
N GLU D 158 75.72 -54.22 41.56
CA GLU D 158 75.01 -52.96 41.55
C GLU D 158 73.57 -53.12 42.05
N ARG D 159 73.09 -52.07 42.73
CA ARG D 159 71.74 -52.02 43.27
C ARG D 159 71.11 -50.71 42.83
N GLN D 160 69.99 -50.79 42.10
CA GLN D 160 69.30 -49.61 41.61
C GLN D 160 68.02 -49.29 42.35
N ASN D 161 67.27 -50.29 42.79
CA ASN D 161 65.98 -50.03 43.42
C ASN D 161 66.16 -49.69 44.88
N GLY D 162 65.34 -48.75 45.36
CA GLY D 162 65.45 -48.25 46.71
C GLY D 162 66.36 -47.05 46.86
N VAL D 163 66.75 -46.41 45.76
CA VAL D 163 67.73 -45.34 45.76
C VAL D 163 67.01 -44.01 45.60
N LEU D 164 67.34 -43.05 46.46
CA LEU D 164 66.76 -41.72 46.40
C LEU D 164 67.89 -40.70 46.34
N ASN D 165 67.91 -39.91 45.26
CA ASN D 165 68.98 -38.95 45.03
C ASN D 165 68.41 -37.54 45.15
N SER D 166 69.25 -36.63 45.59
CA SER D 166 68.88 -35.24 45.76
C SER D 166 70.10 -34.38 45.46
N TRP D 167 69.90 -33.27 44.76
CA TRP D 167 70.97 -32.37 44.38
C TRP D 167 70.67 -30.97 44.89
N THR D 168 71.70 -30.29 45.38
CA THR D 168 71.57 -28.87 45.69
C THR D 168 71.76 -28.04 44.44
N ASP D 169 71.28 -26.81 44.48
CA ASP D 169 71.65 -25.89 43.42
C ASP D 169 73.04 -25.33 43.70
N GLN D 170 73.64 -24.75 42.66
CA GLN D 170 75.00 -24.23 42.76
C GLN D 170 75.10 -23.26 43.93
N ASP D 171 76.14 -23.46 44.73
CA ASP D 171 76.38 -22.59 45.88
C ASP D 171 76.72 -21.18 45.42
N SER D 172 76.18 -20.18 46.12
CA SER D 172 76.34 -18.79 45.70
C SER D 172 77.68 -18.19 46.09
N LYS D 173 78.52 -18.90 46.86
CA LYS D 173 79.83 -18.38 47.23
C LYS D 173 80.97 -19.15 46.59
N ASP D 174 81.02 -20.48 46.70
CA ASP D 174 82.12 -21.23 46.11
C ASP D 174 81.77 -21.87 44.77
N SER D 175 80.54 -21.69 44.29
CA SER D 175 80.11 -22.14 42.96
C SER D 175 80.16 -23.65 42.78
N THR D 176 80.11 -24.43 43.86
CA THR D 176 80.14 -25.87 43.76
C THR D 176 78.74 -26.45 43.93
N TYR D 177 78.61 -27.73 43.61
CA TYR D 177 77.38 -28.48 43.81
C TYR D 177 77.59 -29.56 44.85
N SER D 178 76.49 -30.06 45.40
CA SER D 178 76.53 -31.19 46.32
C SER D 178 75.43 -32.18 45.94
N MET D 179 75.60 -33.41 46.40
CA MET D 179 74.62 -34.45 46.13
C MET D 179 74.50 -35.38 47.32
N SER D 180 73.28 -35.88 47.54
CA SER D 180 72.99 -36.85 48.58
C SER D 180 72.28 -38.06 47.95
N SER D 181 72.73 -39.25 48.31
CA SER D 181 72.16 -40.49 47.80
C SER D 181 71.87 -41.44 48.95
N THR D 182 70.63 -41.92 49.03
CA THR D 182 70.17 -42.76 50.13
C THR D 182 69.69 -44.09 49.55
N LEU D 183 70.28 -45.18 50.02
CA LEU D 183 69.87 -46.53 49.65
C LEU D 183 69.16 -47.15 50.85
N THR D 184 67.88 -47.45 50.69
CA THR D 184 67.07 -47.98 51.78
C THR D 184 66.73 -49.44 51.54
N LEU D 185 66.99 -50.28 52.54
CA LEU D 185 66.69 -51.69 52.52
C LEU D 185 65.82 -52.04 53.72
N THR D 186 65.27 -53.25 53.73
CA THR D 186 64.77 -53.77 54.98
C THR D 186 65.96 -54.14 55.87
N LYS D 187 65.67 -54.29 57.17
CA LYS D 187 66.70 -54.72 58.10
C LYS D 187 67.19 -56.13 57.76
N ASP D 188 66.26 -57.01 57.37
CA ASP D 188 66.64 -58.38 57.06
C ASP D 188 67.59 -58.46 55.88
N GLU D 189 67.29 -57.75 54.78
CA GLU D 189 68.20 -57.82 53.64
C GLU D 189 69.52 -57.13 53.96
N TYR D 190 69.50 -56.07 54.77
CA TYR D 190 70.73 -55.39 55.15
C TYR D 190 71.71 -56.34 55.83
N GLU D 191 71.23 -57.13 56.77
CA GLU D 191 72.11 -58.03 57.51
C GLU D 191 72.46 -59.29 56.73
N ARG D 192 71.98 -59.43 55.50
CA ARG D 192 72.34 -60.56 54.65
C ARG D 192 73.48 -60.23 53.70
N HIS D 193 74.03 -59.03 53.78
CA HIS D 193 75.19 -58.64 52.98
C HIS D 193 76.17 -57.91 53.88
N ASN D 194 77.43 -57.89 53.46
CA ASN D 194 78.46 -57.24 54.27
C ASN D 194 79.00 -55.95 53.66
N SER D 195 79.35 -55.96 52.37
CA SER D 195 80.05 -54.84 51.75
C SER D 195 79.06 -53.86 51.10
N TYR D 196 79.07 -52.62 51.58
CA TYR D 196 78.19 -51.57 51.06
C TYR D 196 79.04 -50.43 50.53
N THR D 197 78.81 -50.07 49.27
CA THR D 197 79.75 -49.24 48.54
C THR D 197 79.01 -48.18 47.75
N CYS D 198 79.48 -46.95 47.88
CA CYS D 198 78.99 -45.80 47.12
C CYS D 198 80.06 -45.39 46.12
N GLU D 199 79.76 -45.48 44.82
CA GLU D 199 80.72 -45.21 43.76
C GLU D 199 80.25 -44.04 42.92
N ALA D 200 81.12 -43.06 42.73
CA ALA D 200 80.82 -41.86 41.96
C ALA D 200 81.81 -41.73 40.81
N THR D 201 81.28 -41.55 39.61
CA THR D 201 82.11 -41.17 38.48
C THR D 201 81.96 -39.67 38.26
N HIS D 202 83.08 -39.00 38.07
CA HIS D 202 83.13 -37.55 37.94
C HIS D 202 84.36 -37.20 37.13
N LYS D 203 84.29 -36.07 36.43
CA LYS D 203 85.35 -35.72 35.47
C LYS D 203 86.71 -35.47 36.15
N THR D 204 86.72 -35.22 37.45
CA THR D 204 87.97 -34.98 38.18
C THR D 204 88.78 -36.25 38.42
N SER D 205 88.38 -37.41 37.89
CA SER D 205 89.20 -38.61 38.04
C SER D 205 88.79 -39.64 37.00
N THR D 206 89.78 -40.42 36.56
CA THR D 206 89.52 -41.54 35.64
C THR D 206 88.71 -42.63 36.33
N SER D 207 89.23 -43.16 37.42
CA SER D 207 88.51 -44.20 38.14
C SER D 207 87.37 -43.61 38.94
N PRO D 208 86.32 -44.39 39.18
CA PRO D 208 85.24 -43.90 40.06
C PRO D 208 85.77 -43.62 41.45
N ILE D 209 85.12 -42.67 42.12
CA ILE D 209 85.44 -42.33 43.49
C ILE D 209 84.53 -43.17 44.38
N VAL D 210 85.11 -44.17 45.01
CA VAL D 210 84.39 -45.15 45.81
C VAL D 210 84.23 -44.61 47.22
N LYS D 211 83.39 -45.25 48.03
CA LYS D 211 83.39 -45.11 49.48
C LYS D 211 82.65 -46.32 50.01
N SER D 212 83.26 -47.06 50.94
CA SER D 212 82.72 -48.33 51.37
C SER D 212 82.80 -48.46 52.88
N PHE D 213 81.96 -49.38 53.39
CA PHE D 213 82.11 -49.88 54.74
C PHE D 213 81.66 -51.33 54.73
N ASN D 214 82.20 -52.11 55.66
CA ASN D 214 81.77 -53.48 55.88
C ASN D 214 80.96 -53.50 57.16
N ARG D 215 79.75 -54.09 57.08
CA ARG D 215 78.83 -54.12 58.20
C ARG D 215 79.45 -54.67 59.48
N ASN D 216 80.57 -55.40 59.36
CA ASN D 216 81.23 -56.01 60.52
C ASN D 216 82.30 -55.12 61.15
N GLU D 217 82.83 -54.12 60.42
CA GLU D 217 84.15 -53.61 60.75
C GLU D 217 84.19 -52.30 61.58
N CYS D 218 83.09 -51.53 61.67
CA CYS D 218 83.10 -50.23 62.37
C CYS D 218 84.23 -49.36 61.88
N GLN E 1 -52.02 30.72 -42.31
CA GLN E 1 -53.06 29.85 -42.84
C GLN E 1 -52.32 28.64 -43.34
N VAL E 2 -52.58 27.53 -42.74
CA VAL E 2 -51.92 26.28 -43.09
C VAL E 2 -52.66 25.64 -44.24
N GLN E 3 -51.90 25.14 -45.21
CA GLN E 3 -52.44 24.35 -46.30
C GLN E 3 -51.52 23.17 -46.54
N LEU E 4 -52.11 22.00 -46.75
CA LEU E 4 -51.40 20.83 -47.26
C LEU E 4 -52.04 20.46 -48.59
N GLN E 5 -51.25 20.47 -49.65
CA GLN E 5 -51.73 20.23 -51.00
C GLN E 5 -51.13 18.92 -51.50
N GLN E 6 -51.98 17.93 -51.73
CA GLN E 6 -51.55 16.60 -52.14
C GLN E 6 -51.59 16.47 -53.65
N SER E 7 -50.73 15.60 -54.18
CA SER E 7 -50.64 15.37 -55.61
C SER E 7 -51.90 14.71 -56.14
N GLY E 8 -52.02 14.70 -57.48
CA GLY E 8 -53.24 14.26 -58.14
C GLY E 8 -53.47 12.76 -58.08
N GLY E 9 -54.70 12.36 -58.40
CA GLY E 9 -55.07 10.95 -58.35
C GLY E 9 -54.18 10.10 -59.24
N GLU E 10 -54.08 8.82 -58.89
CA GLU E 10 -53.14 7.93 -59.55
C GLU E 10 -53.84 6.65 -60.01
N LEU E 11 -53.25 6.02 -61.03
CA LEU E 11 -53.63 4.69 -61.47
C LEU E 11 -52.33 3.93 -61.75
N VAL E 12 -52.10 2.84 -61.02
CA VAL E 12 -50.89 2.05 -61.22
C VAL E 12 -51.27 0.59 -61.42
N LYS E 13 -50.47 -0.10 -62.22
CA LYS E 13 -50.70 -1.52 -62.44
C LYS E 13 -50.34 -2.31 -61.19
N PRO E 14 -50.92 -3.49 -61.02
CA PRO E 14 -50.50 -4.36 -59.91
C PRO E 14 -49.01 -4.62 -59.97
N GLY E 15 -48.35 -4.49 -58.81
CA GLY E 15 -46.92 -4.68 -58.73
C GLY E 15 -46.09 -3.45 -59.02
N ALA E 16 -46.71 -2.36 -59.45
CA ALA E 16 -45.98 -1.15 -59.80
C ALA E 16 -45.77 -0.27 -58.56
N SER E 17 -45.17 0.89 -58.77
CA SER E 17 -44.90 1.83 -57.69
C SER E 17 -45.57 3.16 -57.97
N VAL E 18 -45.74 3.93 -56.90
CA VAL E 18 -46.29 5.28 -56.99
C VAL E 18 -45.64 6.12 -55.91
N LYS E 19 -45.37 7.39 -56.23
CA LYS E 19 -44.80 8.33 -55.29
C LYS E 19 -45.80 9.47 -55.11
N LEU E 20 -46.32 9.61 -53.89
CA LEU E 20 -47.22 10.71 -53.57
C LEU E 20 -46.42 11.86 -52.99
N SER E 21 -46.96 13.06 -53.15
CA SER E 21 -46.34 14.26 -52.61
C SER E 21 -47.38 15.08 -51.86
N CYS E 22 -46.89 15.94 -50.98
CA CYS E 22 -47.75 16.72 -50.10
C CYS E 22 -47.03 18.03 -49.82
N LYS E 23 -47.39 19.08 -50.57
CA LYS E 23 -46.77 20.39 -50.41
C LYS E 23 -47.43 21.16 -49.27
N THR E 24 -46.62 21.69 -48.36
CA THR E 24 -47.14 22.36 -47.18
C THR E 24 -46.78 23.84 -47.19
N SER E 25 -47.56 24.62 -46.44
CA SER E 25 -47.31 26.04 -46.29
C SER E 25 -48.08 26.53 -45.07
N GLY E 26 -47.62 27.65 -44.52
CA GLY E 26 -48.28 28.29 -43.41
C GLY E 26 -47.79 27.89 -42.05
N PHE E 27 -46.78 27.03 -41.97
CA PHE E 27 -46.19 26.62 -40.69
C PHE E 27 -44.73 26.28 -40.93
N THR E 28 -44.00 26.08 -39.84
CA THR E 28 -42.58 25.76 -39.92
C THR E 28 -42.41 24.28 -40.21
N PHE E 29 -42.06 23.96 -41.45
CA PHE E 29 -41.98 22.57 -41.88
C PHE E 29 -40.95 21.79 -41.09
N SER E 30 -39.77 22.38 -40.87
CA SER E 30 -38.70 21.63 -40.25
C SER E 30 -38.90 21.41 -38.76
N SER E 31 -40.04 21.84 -38.19
CA SER E 31 -40.33 21.60 -36.78
C SER E 31 -41.55 20.71 -36.57
N SER E 32 -42.07 20.08 -37.61
CA SER E 32 -43.33 19.38 -37.49
C SER E 32 -43.21 17.91 -37.89
N TYR E 33 -44.12 17.12 -37.36
CA TYR E 33 -44.32 15.77 -37.85
C TYR E 33 -45.24 15.81 -39.07
N ILE E 34 -44.96 14.93 -40.03
CA ILE E 34 -45.86 14.67 -41.14
C ILE E 34 -46.21 13.20 -41.11
N SER E 35 -47.50 12.90 -41.17
CA SER E 35 -47.98 11.53 -41.17
C SER E 35 -48.71 11.24 -42.48
N TRP E 36 -48.74 9.96 -42.84
CA TRP E 36 -49.49 9.49 -43.98
C TRP E 36 -50.45 8.41 -43.54
N LEU E 37 -51.68 8.46 -44.06
CA LEU E 37 -52.75 7.58 -43.66
C LEU E 37 -53.46 7.03 -44.89
N LYS E 38 -54.20 5.94 -44.66
CA LYS E 38 -54.89 5.21 -45.70
C LYS E 38 -56.34 5.02 -45.29
N GLN E 39 -57.25 5.15 -46.25
CA GLN E 39 -58.68 4.99 -45.97
C GLN E 39 -59.35 4.39 -47.19
N LYS E 40 -59.93 3.23 -47.01
CA LYS E 40 -60.70 2.65 -48.11
C LYS E 40 -62.16 3.11 -48.00
N PRO E 41 -62.86 3.17 -49.12
CA PRO E 41 -64.27 3.60 -49.10
C PRO E 41 -65.09 2.88 -48.03
N GLY E 42 -65.74 3.67 -47.18
CA GLY E 42 -66.61 3.13 -46.16
C GLY E 42 -65.92 2.52 -44.96
N GLN E 43 -64.63 2.78 -44.77
CA GLN E 43 -63.88 2.21 -43.66
C GLN E 43 -63.22 3.31 -42.85
N SER E 44 -62.60 2.91 -41.75
CA SER E 44 -61.87 3.83 -40.89
C SER E 44 -60.50 4.12 -41.52
N LEU E 45 -59.66 4.86 -40.81
CA LEU E 45 -58.35 5.21 -41.32
C LEU E 45 -57.27 4.36 -40.69
N GLU E 46 -56.21 4.09 -41.45
CA GLU E 46 -55.04 3.36 -40.97
C GLU E 46 -53.84 4.27 -41.05
N TRP E 47 -53.14 4.42 -39.93
CA TRP E 47 -51.91 5.19 -39.93
C TRP E 47 -50.80 4.34 -40.54
N ILE E 48 -50.04 4.94 -41.46
CA ILE E 48 -48.96 4.24 -42.18
C ILE E 48 -47.60 4.53 -41.58
N ALA E 49 -47.27 5.80 -41.39
CA ALA E 49 -45.93 6.21 -40.99
C ALA E 49 -45.94 7.70 -40.67
N TRP E 50 -44.98 8.12 -39.87
CA TRP E 50 -44.69 9.54 -39.72
C TRP E 50 -43.23 9.80 -40.02
N ILE E 51 -42.93 11.05 -40.32
CA ILE E 51 -41.56 11.54 -40.43
C ILE E 51 -41.49 12.86 -39.68
N TYR E 52 -40.44 13.04 -38.89
CA TYR E 52 -40.14 14.34 -38.31
C TYR E 52 -39.27 15.10 -39.32
N ALA E 53 -39.83 16.17 -39.87
CA ALA E 53 -39.18 16.82 -41.01
C ALA E 53 -37.81 17.38 -40.64
N GLY E 54 -37.60 17.78 -39.38
CA GLY E 54 -36.34 18.38 -39.02
C GLY E 54 -35.16 17.43 -38.97
N THR E 55 -35.40 16.14 -38.76
CA THR E 55 -34.32 15.16 -38.67
C THR E 55 -34.39 14.08 -39.72
N GLY E 56 -35.51 13.92 -40.41
CA GLY E 56 -35.72 12.77 -41.25
C GLY E 56 -36.06 11.51 -40.51
N GLY E 57 -36.18 11.57 -39.19
CA GLY E 57 -36.47 10.38 -38.41
C GLY E 57 -37.89 9.89 -38.66
N THR E 58 -38.04 8.59 -38.86
CA THR E 58 -39.29 8.01 -39.31
C THR E 58 -39.72 6.88 -38.39
N GLU E 59 -41.02 6.66 -38.35
CA GLU E 59 -41.61 5.53 -37.64
C GLU E 59 -42.70 4.96 -38.52
N TYR E 60 -42.74 3.64 -38.68
CA TYR E 60 -43.63 2.99 -39.64
C TYR E 60 -44.56 2.03 -38.94
N ASN E 61 -45.80 2.00 -39.37
CA ASN E 61 -46.67 0.88 -39.05
C ASN E 61 -46.04 -0.39 -39.62
N GLN E 62 -45.80 -1.38 -38.75
CA GLN E 62 -45.03 -2.54 -39.22
C GLN E 62 -45.75 -3.26 -40.34
N LYS E 63 -47.07 -3.15 -40.41
CA LYS E 63 -47.84 -3.73 -41.49
C LYS E 63 -47.39 -3.19 -42.85
N PHE E 64 -46.96 -1.92 -42.89
CA PHE E 64 -46.59 -1.27 -44.15
C PHE E 64 -45.09 -1.19 -44.40
N THR E 65 -44.24 -1.66 -43.49
CA THR E 65 -42.80 -1.52 -43.71
C THR E 65 -42.36 -2.53 -44.77
N GLY E 66 -41.51 -2.08 -45.69
CA GLY E 66 -41.23 -2.87 -46.87
C GLY E 66 -42.04 -2.49 -48.08
N LYS E 67 -43.17 -1.82 -47.90
CA LYS E 67 -43.95 -1.30 -49.02
C LYS E 67 -43.99 0.23 -49.06
N ALA E 68 -43.79 0.90 -47.94
CA ALA E 68 -43.83 2.36 -47.87
C ALA E 68 -42.49 2.92 -47.46
N GLN E 69 -42.15 4.08 -48.01
CA GLN E 69 -40.99 4.84 -47.55
C GLN E 69 -41.40 6.30 -47.55
N VAL E 70 -41.27 6.97 -46.42
CA VAL E 70 -41.60 8.39 -46.33
C VAL E 70 -40.31 9.20 -46.32
N THR E 71 -40.30 10.30 -47.08
CA THR E 71 -39.16 11.20 -47.13
C THR E 71 -39.67 12.63 -47.10
N VAL E 72 -38.75 13.58 -46.97
CA VAL E 72 -39.08 15.00 -47.06
C VAL E 72 -38.00 15.71 -47.86
N ASP E 73 -38.39 16.82 -48.49
CA ASP E 73 -37.47 17.80 -49.06
C ASP E 73 -37.67 19.08 -48.24
N THR E 74 -36.75 19.38 -47.32
CA THR E 74 -36.96 20.54 -46.45
C THR E 74 -36.86 21.85 -47.23
N SER E 75 -36.00 21.89 -48.25
CA SER E 75 -35.83 23.12 -49.02
C SER E 75 -37.11 23.59 -49.67
N SER E 76 -38.14 22.75 -49.71
CA SER E 76 -39.40 23.14 -50.33
C SER E 76 -40.62 22.67 -49.55
N SER E 77 -40.44 22.23 -48.30
CA SER E 77 -41.54 21.90 -47.40
C SER E 77 -42.49 20.85 -48.01
N THR E 78 -41.93 19.85 -48.66
CA THR E 78 -42.72 18.80 -49.29
C THR E 78 -42.43 17.46 -48.62
N ALA E 79 -43.49 16.78 -48.20
CA ALA E 79 -43.41 15.40 -47.75
C ALA E 79 -43.74 14.46 -48.90
N TYR E 80 -43.05 13.33 -48.94
CA TYR E 80 -43.23 12.35 -50.00
C TYR E 80 -43.54 10.99 -49.43
N MET E 81 -44.33 10.21 -50.16
CA MET E 81 -44.63 8.84 -49.78
C MET E 81 -44.45 7.95 -51.01
N GLN E 82 -43.56 6.96 -50.90
CA GLN E 82 -43.26 6.05 -51.99
C GLN E 82 -43.82 4.68 -51.61
N PHE E 83 -44.66 4.13 -52.48
CA PHE E 83 -45.21 2.80 -52.32
C PHE E 83 -44.68 1.87 -53.41
N SER E 84 -44.38 0.63 -53.04
CA SER E 84 -43.93 -0.36 -53.99
C SER E 84 -44.79 -1.61 -53.85
N SER E 85 -44.68 -2.49 -54.85
CA SER E 85 -45.34 -3.80 -54.84
C SER E 85 -46.83 -3.69 -54.54
N LEU E 86 -47.49 -2.78 -55.23
CA LEU E 86 -48.89 -2.48 -54.94
C LEU E 86 -49.82 -3.56 -55.47
N THR E 87 -50.78 -3.97 -54.64
CA THR E 87 -51.84 -4.90 -55.00
C THR E 87 -53.15 -4.13 -55.10
N THR E 88 -54.18 -4.84 -55.57
CA THR E 88 -55.51 -4.25 -55.66
C THR E 88 -56.07 -3.83 -54.31
N GLU E 89 -55.69 -4.55 -53.24
CA GLU E 89 -56.17 -4.18 -51.91
C GLU E 89 -55.47 -2.94 -51.36
N ASP E 90 -54.54 -2.36 -52.09
CA ASP E 90 -53.97 -1.08 -51.70
C ASP E 90 -54.73 0.11 -52.27
N SER E 91 -55.68 -0.13 -53.17
CA SER E 91 -56.53 0.94 -53.68
C SER E 91 -57.23 1.63 -52.53
N ALA E 92 -57.09 2.95 -52.46
CA ALA E 92 -57.60 3.73 -51.32
C ALA E 92 -57.33 5.19 -51.58
N ILE E 93 -57.88 6.03 -50.69
CA ILE E 93 -57.48 7.42 -50.59
C ILE E 93 -56.35 7.50 -49.57
N TYR E 94 -55.31 8.26 -49.92
CA TYR E 94 -54.15 8.42 -49.05
C TYR E 94 -54.06 9.88 -48.62
N TYR E 95 -53.96 10.09 -47.32
CA TYR E 95 -53.90 11.42 -46.72
C TYR E 95 -52.51 11.67 -46.16
N CYS E 96 -52.01 12.90 -46.30
CA CYS E 96 -50.95 13.43 -45.46
C CYS E 96 -51.56 14.37 -44.44
N ALA E 97 -50.91 14.49 -43.29
CA ALA E 97 -51.45 15.29 -42.22
C ALA E 97 -50.33 15.80 -41.35
N ARG E 98 -50.51 17.00 -40.81
CA ARG E 98 -49.52 17.56 -39.91
C ARG E 98 -49.75 16.98 -38.52
N GLY E 99 -48.88 16.08 -38.11
CA GLY E 99 -49.08 15.41 -36.84
C GLY E 99 -48.37 14.08 -36.83
N GLY E 100 -48.35 13.47 -35.66
CA GLY E 100 -47.56 12.28 -35.46
C GLY E 100 -46.97 12.31 -34.05
N SER E 101 -46.34 11.21 -33.63
CA SER E 101 -45.87 11.04 -32.26
C SER E 101 -47.07 11.31 -31.34
N SER E 102 -46.95 12.20 -30.35
CA SER E 102 -48.08 12.53 -29.49
C SER E 102 -48.87 13.73 -29.98
N PHE E 103 -48.51 14.28 -31.14
CA PHE E 103 -49.20 15.44 -31.70
C PHE E 103 -50.41 14.98 -32.51
N ALA E 104 -51.60 15.44 -32.12
CA ALA E 104 -52.79 15.09 -32.87
C ALA E 104 -52.69 15.68 -34.27
N MET E 105 -53.20 14.95 -35.24
CA MET E 105 -53.09 15.39 -36.63
C MET E 105 -54.14 16.47 -36.87
N ASP E 106 -53.71 17.72 -36.98
CA ASP E 106 -54.64 18.83 -36.93
C ASP E 106 -54.89 19.49 -38.28
N TYR E 107 -53.97 19.36 -39.23
CA TYR E 107 -54.22 19.80 -40.60
C TYR E 107 -53.99 18.63 -41.54
N TRP E 108 -54.85 18.53 -42.57
CA TRP E 108 -54.88 17.38 -43.47
C TRP E 108 -54.85 17.85 -44.93
N GLY E 109 -54.17 17.07 -45.77
CA GLY E 109 -54.31 17.26 -47.20
C GLY E 109 -55.72 16.90 -47.63
N GLN E 110 -56.04 17.22 -48.88
CA GLN E 110 -57.36 16.89 -49.39
C GLN E 110 -57.50 15.40 -49.71
N GLY E 111 -56.41 14.64 -49.70
CA GLY E 111 -56.46 13.24 -50.07
C GLY E 111 -55.99 13.01 -51.48
N THR E 112 -55.41 11.83 -51.73
CA THR E 112 -55.02 11.41 -53.07
C THR E 112 -55.60 10.04 -53.34
N SER E 113 -56.39 9.92 -54.40
CA SER E 113 -56.97 8.64 -54.77
C SER E 113 -55.95 7.82 -55.53
N VAL E 114 -55.70 6.60 -55.08
CA VAL E 114 -54.82 5.66 -55.76
C VAL E 114 -55.63 4.42 -56.09
N THR E 115 -55.72 4.10 -57.38
CA THR E 115 -56.37 2.90 -57.86
C THR E 115 -55.29 1.96 -58.41
N VAL E 116 -55.30 0.72 -57.94
CA VAL E 116 -54.38 -0.31 -58.40
C VAL E 116 -55.19 -1.26 -59.26
N SER E 117 -55.06 -1.14 -60.57
CA SER E 117 -55.83 -1.96 -61.49
C SER E 117 -55.08 -2.03 -62.81
N SER E 118 -55.36 -3.08 -63.57
CA SER E 118 -54.87 -3.19 -64.93
C SER E 118 -55.84 -2.61 -65.94
N ALA E 119 -56.98 -2.09 -65.49
CA ALA E 119 -57.96 -1.55 -66.42
C ALA E 119 -57.44 -0.27 -67.09
N SER E 120 -57.97 0.02 -68.27
CA SER E 120 -57.50 1.12 -69.08
C SER E 120 -58.14 2.44 -68.65
N THR E 121 -57.34 3.51 -68.68
CA THR E 121 -57.87 4.85 -68.52
C THR E 121 -58.86 5.16 -69.63
N THR E 122 -60.01 5.70 -69.27
CA THR E 122 -61.08 5.92 -70.22
C THR E 122 -61.72 7.26 -69.87
N PRO E 123 -61.84 8.17 -70.83
CA PRO E 123 -62.43 9.48 -70.53
C PRO E 123 -63.93 9.38 -70.43
N PRO E 124 -64.58 10.30 -69.71
CA PRO E 124 -66.03 10.23 -69.55
C PRO E 124 -66.78 10.83 -70.71
N SER E 125 -67.98 10.31 -70.93
CA SER E 125 -68.97 11.00 -71.75
C SER E 125 -69.88 11.79 -70.82
N VAL E 126 -70.13 13.05 -71.18
CA VAL E 126 -70.92 13.94 -70.35
C VAL E 126 -72.20 14.30 -71.10
N TYR E 127 -73.32 13.89 -70.57
CA TYR E 127 -74.60 14.07 -71.22
C TYR E 127 -75.45 15.07 -70.43
N PRO E 128 -76.07 16.04 -71.09
CA PRO E 128 -76.95 16.96 -70.38
C PRO E 128 -78.26 16.28 -70.03
N LEU E 129 -78.80 16.62 -68.87
CA LEU E 129 -80.10 16.11 -68.41
C LEU E 129 -81.05 17.29 -68.31
N ALA E 130 -81.93 17.42 -69.29
CA ALA E 130 -82.95 18.46 -69.30
C ALA E 130 -84.33 17.79 -69.30
N PRO E 131 -85.33 18.44 -68.73
CA PRO E 131 -86.66 17.84 -68.67
C PRO E 131 -87.27 17.73 -70.06
N GLY E 132 -88.23 16.82 -70.19
CA GLY E 132 -88.95 16.68 -71.44
C GLY E 132 -89.76 17.91 -71.77
N SER E 133 -89.96 18.13 -73.06
CA SER E 133 -90.79 19.26 -73.49
C SER E 133 -92.22 19.11 -73.00
N ALA E 134 -92.72 17.87 -72.91
CA ALA E 134 -94.05 17.63 -72.38
C ALA E 134 -94.09 17.62 -70.86
N ALA E 135 -92.93 17.51 -70.20
CA ALA E 135 -92.89 17.66 -68.75
C ALA E 135 -93.41 19.05 -68.36
N GLN E 136 -93.77 19.20 -67.10
CA GLN E 136 -94.48 20.39 -66.69
C GLN E 136 -93.64 21.27 -65.77
N THR E 137 -93.90 22.57 -65.84
CA THR E 137 -93.07 23.59 -65.20
C THR E 137 -93.59 23.87 -63.80
N ASN E 138 -92.73 23.69 -62.80
CA ASN E 138 -93.05 24.05 -61.42
C ASN E 138 -92.35 25.36 -61.10
N SER E 139 -92.43 25.77 -59.84
CA SER E 139 -91.65 26.92 -59.40
C SER E 139 -90.15 26.63 -59.48
N MET E 140 -89.77 25.36 -59.34
CA MET E 140 -88.39 24.92 -59.46
C MET E 140 -88.24 23.99 -60.66
N VAL E 141 -87.05 24.00 -61.26
CA VAL E 141 -86.70 23.06 -62.31
C VAL E 141 -85.42 22.35 -61.89
N THR E 142 -85.41 21.03 -62.07
CA THR E 142 -84.25 20.21 -61.74
C THR E 142 -83.53 19.83 -63.03
N LEU E 143 -82.27 20.22 -63.15
CA LEU E 143 -81.45 19.89 -64.29
C LEU E 143 -80.37 18.90 -63.87
N GLY E 144 -79.62 18.39 -64.84
CA GLY E 144 -78.68 17.36 -64.47
C GLY E 144 -77.56 17.15 -65.47
N CYS E 145 -76.63 16.32 -65.03
CA CYS E 145 -75.43 15.99 -65.77
C CYS E 145 -75.12 14.53 -65.50
N LEU E 146 -75.08 13.73 -66.55
CA LEU E 146 -74.74 12.31 -66.46
C LEU E 146 -73.32 12.11 -66.98
N VAL E 147 -72.44 11.66 -66.10
CA VAL E 147 -71.02 11.44 -66.42
C VAL E 147 -70.81 9.93 -66.47
N LYS E 148 -70.59 9.41 -67.67
CA LYS E 148 -70.74 7.97 -67.89
C LYS E 148 -69.49 7.35 -68.50
N GLY E 149 -69.16 6.14 -68.04
CA GLY E 149 -68.16 5.29 -68.67
C GLY E 149 -66.72 5.74 -68.55
N TYR E 150 -66.28 6.14 -67.37
CA TYR E 150 -64.92 6.62 -67.19
C TYR E 150 -64.17 5.73 -66.20
N PHE E 151 -62.84 5.83 -66.25
CA PHE E 151 -61.96 5.10 -65.35
C PHE E 151 -60.58 5.76 -65.40
N PRO E 152 -59.89 5.92 -64.26
CA PRO E 152 -60.35 5.60 -62.91
C PRO E 152 -60.99 6.81 -62.25
N GLU E 153 -61.41 6.65 -60.99
CA GLU E 153 -61.77 7.80 -60.18
C GLU E 153 -60.53 8.66 -59.95
N PRO E 154 -60.70 9.96 -59.63
CA PRO E 154 -61.97 10.68 -59.49
C PRO E 154 -62.35 11.56 -60.68
N VAL E 155 -63.62 11.92 -60.75
CA VAL E 155 -64.08 13.08 -61.50
C VAL E 155 -64.57 14.10 -60.48
N THR E 156 -64.40 15.37 -60.80
CA THR E 156 -65.00 16.46 -60.04
C THR E 156 -66.05 17.13 -60.90
N VAL E 157 -67.16 17.51 -60.28
CA VAL E 157 -68.28 18.11 -60.99
C VAL E 157 -68.67 19.40 -60.29
N THR E 158 -68.77 20.49 -61.05
CA THR E 158 -69.27 21.75 -60.54
C THR E 158 -70.32 22.29 -61.50
N TRP E 159 -70.99 23.35 -61.07
CA TRP E 159 -72.02 24.00 -61.86
C TRP E 159 -71.70 25.48 -61.94
N ASN E 160 -71.65 26.01 -63.17
CA ASN E 160 -71.31 27.41 -63.40
C ASN E 160 -69.99 27.78 -62.73
N SER E 161 -69.01 26.88 -62.86
CA SER E 161 -67.63 27.10 -62.39
C SER E 161 -67.55 27.24 -60.87
N GLY E 162 -68.51 26.65 -60.16
CA GLY E 162 -68.56 26.75 -58.72
C GLY E 162 -69.60 27.73 -58.20
N SER E 163 -70.12 28.60 -59.06
CA SER E 163 -71.07 29.62 -58.61
C SER E 163 -72.42 29.03 -58.21
N LEU E 164 -72.74 27.82 -58.68
CA LEU E 164 -74.01 27.17 -58.31
C LEU E 164 -73.67 26.10 -57.29
N SER E 165 -73.79 26.46 -56.01
CA SER E 165 -73.48 25.59 -54.89
C SER E 165 -74.72 24.96 -54.28
N SER E 166 -75.72 25.78 -53.94
CA SER E 166 -76.89 25.29 -53.26
C SER E 166 -77.85 24.63 -54.23
N GLY E 167 -78.51 23.56 -53.78
CA GLY E 167 -79.37 22.79 -54.65
C GLY E 167 -78.65 21.78 -55.52
N VAL E 168 -77.38 21.51 -55.25
CA VAL E 168 -76.60 20.55 -56.02
C VAL E 168 -76.53 19.24 -55.24
N HIS E 169 -76.84 18.14 -55.92
CA HIS E 169 -76.64 16.80 -55.39
C HIS E 169 -75.76 16.05 -56.38
N THR E 170 -74.50 15.83 -56.00
CA THR E 170 -73.59 15.04 -56.81
C THR E 170 -73.46 13.66 -56.18
N PHE E 171 -73.90 12.66 -56.90
CA PHE E 171 -74.00 11.34 -56.32
C PHE E 171 -72.67 10.60 -56.41
N PRO E 172 -72.42 9.66 -55.50
CA PRO E 172 -71.19 8.87 -55.58
C PRO E 172 -71.17 8.00 -56.84
N ALA E 173 -70.00 7.95 -57.47
CA ALA E 173 -69.85 7.16 -58.70
C ALA E 173 -70.10 5.69 -58.40
N VAL E 174 -70.71 5.00 -59.37
CA VAL E 174 -70.96 3.57 -59.28
C VAL E 174 -70.16 2.86 -60.35
N LEU E 175 -69.51 1.77 -59.97
CA LEU E 175 -68.65 1.02 -60.86
C LEU E 175 -69.43 -0.11 -61.51
N GLN E 176 -69.37 -0.20 -62.83
CA GLN E 176 -69.99 -1.31 -63.55
C GLN E 176 -69.19 -1.62 -64.80
N SER E 177 -68.76 -2.89 -64.92
CA SER E 177 -67.96 -3.36 -66.05
C SER E 177 -66.64 -2.60 -66.13
N ASP E 178 -66.06 -2.32 -64.96
CA ASP E 178 -64.82 -1.56 -64.82
C ASP E 178 -64.92 -0.17 -65.45
N LEU E 179 -66.14 0.36 -65.54
CA LEU E 179 -66.37 1.76 -65.89
C LEU E 179 -67.23 2.40 -64.82
N TYR E 180 -66.90 3.62 -64.45
CA TYR E 180 -67.64 4.36 -63.45
C TYR E 180 -68.70 5.23 -64.11
N THR E 181 -69.76 5.47 -63.38
CA THR E 181 -70.84 6.35 -63.81
C THR E 181 -71.30 7.15 -62.61
N LEU E 182 -71.39 8.47 -62.76
CA LEU E 182 -72.05 9.26 -61.75
C LEU E 182 -72.99 10.27 -62.42
N SER E 183 -73.88 10.80 -61.59
CA SER E 183 -74.81 11.84 -62.00
C SER E 183 -74.74 12.97 -60.99
N SER E 184 -75.14 14.15 -61.45
CA SER E 184 -75.24 15.31 -60.58
C SER E 184 -76.47 16.08 -60.99
N SER E 185 -77.25 16.51 -60.00
CA SER E 185 -78.45 17.29 -60.25
C SER E 185 -78.31 18.66 -59.62
N VAL E 186 -78.99 19.63 -60.19
CA VAL E 186 -79.02 20.98 -59.64
C VAL E 186 -80.42 21.53 -59.84
N THR E 187 -80.97 22.15 -58.81
CA THR E 187 -82.31 22.72 -58.84
C THR E 187 -82.23 24.23 -58.75
N VAL E 188 -82.90 24.90 -59.67
CA VAL E 188 -82.92 26.36 -59.75
C VAL E 188 -84.34 26.81 -60.01
N PRO E 189 -84.68 28.05 -59.66
CA PRO E 189 -86.04 28.53 -59.91
C PRO E 189 -86.32 28.58 -61.40
N SER E 190 -87.54 28.20 -61.77
CA SER E 190 -87.93 28.16 -63.18
C SER E 190 -87.75 29.51 -63.86
N SER E 191 -87.80 30.61 -63.10
CA SER E 191 -87.58 31.92 -63.69
C SER E 191 -86.12 32.17 -64.04
N THR E 192 -85.20 31.35 -63.55
CA THR E 192 -83.78 31.52 -63.86
C THR E 192 -83.30 30.64 -65.01
N TRP E 193 -84.06 29.62 -65.39
CA TRP E 193 -83.69 28.77 -66.52
C TRP E 193 -84.87 28.66 -67.47
N PRO E 194 -84.64 28.78 -68.79
CA PRO E 194 -83.34 28.95 -69.46
C PRO E 194 -82.89 30.40 -69.62
N SER E 195 -83.53 31.33 -68.91
CA SER E 195 -83.19 32.74 -69.11
C SER E 195 -81.75 33.02 -68.69
N GLU E 196 -81.21 32.26 -67.76
CA GLU E 196 -79.81 32.33 -67.38
C GLU E 196 -79.16 30.97 -67.60
N THR E 197 -77.88 31.00 -67.98
CA THR E 197 -77.18 29.79 -68.40
C THR E 197 -76.81 28.92 -67.20
N VAL E 198 -77.11 27.63 -67.30
CA VAL E 198 -76.68 26.62 -66.34
C VAL E 198 -75.75 25.66 -67.06
N THR E 199 -74.50 25.57 -66.59
CA THR E 199 -73.48 24.77 -67.26
C THR E 199 -72.83 23.80 -66.27
N CYS E 200 -72.67 22.58 -66.70
CA CYS E 200 -72.06 21.53 -65.91
C CYS E 200 -70.59 21.41 -66.31
N ASN E 201 -69.69 21.53 -65.31
CA ASN E 201 -68.25 21.45 -65.54
C ASN E 201 -67.72 20.11 -65.00
N VAL E 202 -67.03 19.37 -65.86
CA VAL E 202 -66.56 18.03 -65.53
C VAL E 202 -65.07 17.97 -65.80
N ALA E 203 -64.29 17.62 -64.78
CA ALA E 203 -62.85 17.41 -64.91
C ALA E 203 -62.56 15.94 -64.61
N HIS E 204 -61.83 15.29 -65.51
CA HIS E 204 -61.30 13.95 -65.29
C HIS E 204 -59.80 14.02 -65.50
N PRO E 205 -59.04 14.36 -64.44
CA PRO E 205 -57.58 14.53 -64.61
C PRO E 205 -56.86 13.31 -65.14
N ALA E 206 -57.30 12.10 -64.78
CA ALA E 206 -56.56 10.91 -65.18
C ALA E 206 -56.52 10.78 -66.71
N SER E 207 -57.56 11.21 -67.40
CA SER E 207 -57.54 11.23 -68.86
C SER E 207 -57.21 12.60 -69.42
N SER E 208 -56.87 13.56 -68.56
CA SER E 208 -56.54 14.94 -68.97
C SER E 208 -57.71 15.59 -69.71
N THR E 209 -58.90 15.48 -69.13
CA THR E 209 -60.15 15.85 -69.80
C THR E 209 -60.94 16.82 -68.95
N LYS E 210 -61.38 17.92 -69.57
CA LYS E 210 -62.36 18.82 -68.97
C LYS E 210 -63.47 19.05 -69.99
N VAL E 211 -64.72 18.92 -69.56
CA VAL E 211 -65.87 19.14 -70.43
C VAL E 211 -66.80 20.14 -69.75
N ASP E 212 -67.22 21.15 -70.50
CA ASP E 212 -68.28 22.05 -70.06
C ASP E 212 -69.51 21.78 -70.92
N LYS E 213 -70.59 21.37 -70.27
CA LYS E 213 -71.85 21.05 -70.94
C LYS E 213 -72.91 22.02 -70.44
N LYS E 214 -73.37 22.90 -71.33
CA LYS E 214 -74.45 23.81 -71.03
C LYS E 214 -75.79 23.09 -71.19
N ILE E 215 -76.64 23.19 -70.18
CA ILE E 215 -77.96 22.54 -70.22
C ILE E 215 -78.95 23.50 -70.89
N VAL E 216 -79.55 23.07 -71.99
CA VAL E 216 -80.49 23.89 -72.72
C VAL E 216 -81.79 23.13 -72.92
N PRO E 217 -82.93 23.80 -73.05
CA PRO E 217 -84.21 23.09 -73.17
C PRO E 217 -84.24 22.20 -74.42
N ARG E 218 -84.94 21.09 -74.30
CA ARG E 218 -85.28 20.28 -75.48
C ARG E 218 -86.53 20.85 -76.13
N ASP E 219 -86.58 20.80 -77.45
CA ASP E 219 -87.67 21.39 -78.21
C ASP E 219 -88.39 20.33 -79.01
N CYS E 220 -89.72 20.27 -78.85
CA CYS E 220 -90.57 19.33 -79.56
C CYS E 220 -90.43 19.48 -81.07
N GLN F 1 -52.03 -4.92 -30.33
CA GLN F 1 -51.92 -3.47 -30.30
C GLN F 1 -53.20 -2.82 -29.78
N LEU F 2 -53.14 -1.51 -29.52
CA LEU F 2 -54.26 -0.80 -28.94
C LEU F 2 -55.41 -0.74 -29.96
N VAL F 3 -56.38 -1.61 -29.79
CA VAL F 3 -57.60 -1.55 -30.57
C VAL F 3 -58.56 -0.62 -29.85
N LEU F 4 -59.21 0.28 -30.59
CA LEU F 4 -60.23 1.15 -30.05
C LEU F 4 -61.60 0.69 -30.54
N THR F 5 -62.56 0.60 -29.63
CA THR F 5 -63.92 0.18 -29.97
C THR F 5 -64.89 1.30 -29.63
N GLN F 6 -65.62 1.78 -30.63
CA GLN F 6 -66.58 2.86 -30.47
C GLN F 6 -67.98 2.28 -30.26
N SER F 7 -68.79 3.00 -29.51
CA SER F 7 -70.18 2.64 -29.29
C SER F 7 -71.00 3.92 -29.32
N PRO F 8 -72.15 3.91 -30.01
CA PRO F 8 -72.54 2.76 -30.84
C PRO F 8 -71.98 2.89 -32.25
N ALA F 9 -72.34 1.95 -33.14
CA ALA F 9 -71.88 2.04 -34.52
C ALA F 9 -72.60 3.15 -35.27
N SER F 10 -73.86 3.41 -34.89
CA SER F 10 -74.70 4.37 -35.57
C SER F 10 -75.66 4.96 -34.56
N LEU F 11 -75.99 6.24 -34.71
CA LEU F 11 -77.04 6.80 -33.88
C LEU F 11 -77.69 8.00 -34.57
N ALA F 12 -78.94 8.25 -34.20
CA ALA F 12 -79.73 9.36 -34.73
C ALA F 12 -80.21 10.22 -33.57
N VAL F 13 -79.96 11.52 -33.67
CA VAL F 13 -80.28 12.47 -32.62
C VAL F 13 -81.02 13.65 -33.25
N SER F 14 -81.99 14.18 -32.53
CA SER F 14 -82.73 15.34 -33.02
C SER F 14 -81.96 16.62 -32.76
N LEU F 15 -82.24 17.63 -33.58
CA LEU F 15 -81.62 18.94 -33.41
C LEU F 15 -81.83 19.46 -31.99
N GLY F 16 -80.75 19.99 -31.41
CA GLY F 16 -80.81 20.52 -30.07
C GLY F 16 -80.61 19.50 -28.97
N GLN F 17 -80.66 18.21 -29.29
CA GLN F 17 -80.50 17.17 -28.29
C GLN F 17 -79.02 16.94 -28.00
N ARG F 18 -78.71 15.86 -27.29
CA ARG F 18 -77.34 15.51 -26.92
C ARG F 18 -76.97 14.19 -27.57
N ALA F 19 -75.81 14.15 -28.20
CA ALA F 19 -75.26 12.92 -28.76
C ALA F 19 -74.02 12.53 -27.96
N THR F 20 -73.97 11.29 -27.50
CA THR F 20 -72.81 10.77 -26.79
C THR F 20 -72.27 9.57 -27.55
N ILE F 21 -70.97 9.60 -27.83
CA ILE F 21 -70.25 8.51 -28.47
C ILE F 21 -69.19 8.04 -27.50
N SER F 22 -69.03 6.73 -27.38
CA SER F 22 -68.07 6.16 -26.45
C SER F 22 -66.94 5.48 -27.20
N CYS F 23 -65.75 5.55 -26.63
CA CYS F 23 -64.56 4.87 -27.16
C CYS F 23 -63.89 4.16 -26.01
N ARG F 24 -63.70 2.85 -26.16
CA ARG F 24 -62.99 2.07 -25.15
C ARG F 24 -61.72 1.50 -25.78
N ALA F 25 -60.58 1.87 -25.22
CA ALA F 25 -59.32 1.25 -25.61
C ALA F 25 -59.27 -0.18 -25.08
N SER F 26 -58.70 -1.08 -25.88
CA SER F 26 -58.67 -2.48 -25.50
C SER F 26 -57.77 -2.71 -24.27
N GLU F 27 -56.77 -1.85 -24.07
CA GLU F 27 -55.78 -2.08 -23.03
C GLU F 27 -55.34 -0.74 -22.46
N SER F 28 -54.46 -0.81 -21.47
CA SER F 28 -53.71 0.35 -20.98
C SER F 28 -52.57 -0.13 -20.07
N SER F 35 -53.02 11.05 -21.18
CA SER F 35 -53.83 10.32 -22.15
C SER F 35 -53.99 11.12 -23.44
N PHE F 36 -53.35 10.64 -24.52
CA PHE F 36 -53.43 11.31 -25.81
C PHE F 36 -54.54 10.66 -26.66
N MET F 37 -55.77 10.96 -26.28
CA MET F 37 -56.94 10.51 -27.02
C MET F 37 -57.48 11.66 -27.88
N ASN F 38 -57.75 11.38 -29.15
CA ASN F 38 -58.27 12.38 -30.07
C ASN F 38 -59.61 11.96 -30.63
N TRP F 39 -60.38 12.94 -31.09
CA TRP F 39 -61.66 12.71 -31.74
C TRP F 39 -61.70 13.49 -33.05
N PHE F 40 -62.10 12.81 -34.12
CA PHE F 40 -62.18 13.41 -35.43
C PHE F 40 -63.62 13.35 -35.95
N GLN F 41 -63.96 14.33 -36.78
CA GLN F 41 -65.19 14.35 -37.54
C GLN F 41 -64.85 14.23 -39.03
N GLN F 42 -65.60 13.40 -39.75
CA GLN F 42 -65.38 13.29 -41.20
C GLN F 42 -66.71 13.38 -41.93
N LYS F 43 -66.79 14.31 -42.87
CA LYS F 43 -67.90 14.49 -43.77
C LYS F 43 -67.55 13.93 -45.15
N PRO F 44 -68.56 13.56 -45.95
CA PRO F 44 -68.28 12.88 -47.23
C PRO F 44 -67.39 13.71 -48.15
N GLY F 45 -66.41 13.05 -48.76
CA GLY F 45 -65.51 13.69 -49.69
C GLY F 45 -64.48 14.61 -49.08
N GLN F 46 -64.37 14.64 -47.75
CA GLN F 46 -63.50 15.54 -47.02
C GLN F 46 -62.54 14.77 -46.12
N PRO F 47 -61.35 15.32 -45.86
CA PRO F 47 -60.47 14.73 -44.85
C PRO F 47 -61.07 14.83 -43.46
N PRO F 48 -60.62 14.00 -42.52
CA PRO F 48 -61.09 14.13 -41.14
C PRO F 48 -60.76 15.51 -40.59
N LYS F 49 -61.57 15.95 -39.62
CA LYS F 49 -61.37 17.20 -38.92
C LYS F 49 -61.19 16.92 -37.43
N LEU F 50 -60.16 17.52 -36.83
CA LEU F 50 -59.83 17.30 -35.42
C LEU F 50 -60.81 18.07 -34.54
N LEU F 51 -61.52 17.35 -33.67
CA LEU F 51 -62.41 17.98 -32.69
C LEU F 51 -61.76 18.12 -31.32
N ILE F 52 -61.15 17.05 -30.82
CA ILE F 52 -60.64 16.99 -29.45
C ILE F 52 -59.24 16.40 -29.50
N HIS F 53 -58.33 16.94 -28.69
CA HIS F 53 -57.03 16.31 -28.49
C HIS F 53 -56.74 16.18 -27.00
N THR F 54 -55.88 15.22 -26.66
CA THR F 54 -55.53 14.89 -25.28
C THR F 54 -56.79 14.74 -24.42
N ALA F 55 -57.73 13.94 -24.93
CA ALA F 55 -58.93 13.48 -24.23
C ALA F 55 -59.99 14.56 -24.08
N SER F 56 -59.61 15.78 -23.72
CA SER F 56 -60.60 16.76 -23.30
C SER F 56 -60.38 18.18 -23.81
N ASN F 57 -59.38 18.42 -24.65
CA ASN F 57 -59.05 19.78 -25.07
C ASN F 57 -59.62 20.06 -26.45
N GLN F 58 -60.19 21.26 -26.61
CA GLN F 58 -60.77 21.66 -27.88
C GLN F 58 -59.70 21.85 -28.94
N GLY F 59 -59.88 21.20 -30.09
CA GLY F 59 -59.14 21.60 -31.26
C GLY F 59 -59.39 23.06 -31.58
N SER F 60 -58.42 23.65 -32.28
CA SER F 60 -58.51 25.06 -32.64
C SER F 60 -59.79 25.34 -33.43
N GLY F 61 -60.59 26.29 -32.93
CA GLY F 61 -61.81 26.69 -33.59
C GLY F 61 -63.02 25.84 -33.30
N VAL F 62 -62.87 24.71 -32.61
CA VAL F 62 -63.98 23.79 -32.38
C VAL F 62 -64.90 24.35 -31.31
N PRO F 63 -66.19 24.53 -31.59
CA PRO F 63 -67.09 25.13 -30.61
C PRO F 63 -67.21 24.29 -29.34
N ALA F 64 -67.71 24.93 -28.29
CA ALA F 64 -67.86 24.27 -27.00
C ALA F 64 -68.92 23.18 -27.02
N ARG F 65 -69.78 23.15 -28.04
CA ARG F 65 -70.76 22.07 -28.16
C ARG F 65 -70.10 20.71 -28.16
N PHE F 66 -68.89 20.61 -28.71
CA PHE F 66 -68.15 19.35 -28.71
C PHE F 66 -67.30 19.29 -27.46
N SER F 67 -67.47 18.22 -26.69
CA SER F 67 -66.75 18.03 -25.44
C SER F 67 -66.25 16.59 -25.38
N GLY F 68 -64.99 16.43 -24.98
CA GLY F 68 -64.39 15.12 -24.80
C GLY F 68 -64.08 14.89 -23.34
N SER F 69 -64.23 13.66 -22.89
CA SER F 69 -63.99 13.34 -21.49
C SER F 69 -63.51 11.90 -21.37
N GLY F 70 -63.02 11.57 -20.18
CA GLY F 70 -62.60 10.21 -19.87
C GLY F 70 -61.13 10.14 -19.51
N SER F 71 -60.75 8.96 -19.03
CA SER F 71 -59.40 8.66 -18.59
C SER F 71 -59.21 7.15 -18.66
N GLY F 72 -57.96 6.72 -18.55
CA GLY F 72 -57.67 5.30 -18.57
C GLY F 72 -57.97 4.66 -19.90
N THR F 73 -58.98 3.77 -19.94
CA THR F 73 -59.41 3.12 -21.17
C THR F 73 -60.77 3.57 -21.66
N ASP F 74 -61.44 4.49 -20.95
CA ASP F 74 -62.80 4.87 -21.25
C ASP F 74 -62.89 6.36 -21.59
N PHE F 75 -63.37 6.66 -22.78
CA PHE F 75 -63.45 8.02 -23.28
C PHE F 75 -64.77 8.20 -24.00
N SER F 76 -65.25 9.45 -24.02
CA SER F 76 -66.50 9.74 -24.70
C SER F 76 -66.43 11.13 -25.34
N LEU F 77 -67.21 11.28 -26.39
CA LEU F 77 -67.43 12.57 -27.05
C LEU F 77 -68.90 12.93 -26.89
N ASN F 78 -69.18 14.11 -26.36
CA ASN F 78 -70.52 14.63 -26.23
C ASN F 78 -70.73 15.77 -27.20
N ILE F 79 -71.92 15.84 -27.80
CA ILE F 79 -72.30 16.92 -28.68
C ILE F 79 -73.63 17.44 -28.20
N HIS F 80 -73.66 18.66 -27.70
CA HIS F 80 -74.87 19.22 -27.12
C HIS F 80 -74.78 20.74 -27.10
N PRO F 81 -75.71 21.45 -27.75
CA PRO F 81 -76.80 20.87 -28.53
C PRO F 81 -76.37 20.45 -29.94
N VAL F 82 -76.97 19.37 -30.45
CA VAL F 82 -76.62 18.88 -31.78
C VAL F 82 -77.21 19.81 -32.83
N GLU F 83 -76.40 20.16 -33.83
CA GLU F 83 -76.80 21.06 -34.90
C GLU F 83 -76.78 20.32 -36.23
N ASP F 84 -77.36 20.97 -37.25
CA ASP F 84 -77.59 20.31 -38.53
C ASP F 84 -76.28 19.85 -39.18
N ASP F 85 -75.22 20.67 -39.07
CA ASP F 85 -73.94 20.35 -39.67
C ASP F 85 -73.22 19.20 -38.97
N ASP F 86 -73.76 18.65 -37.89
CA ASP F 86 -73.04 17.61 -37.16
C ASP F 86 -73.24 16.22 -37.74
N THR F 87 -74.09 16.06 -38.75
CA THR F 87 -74.23 14.76 -39.39
C THR F 87 -72.91 14.41 -40.09
N ALA F 88 -72.25 13.36 -39.61
CA ALA F 88 -70.92 13.01 -40.08
C ALA F 88 -70.53 11.67 -39.48
N MET F 89 -69.33 11.22 -39.83
CA MET F 89 -68.67 10.10 -39.17
C MET F 89 -67.71 10.65 -38.12
N TYR F 90 -67.69 9.99 -36.96
CA TYR F 90 -66.83 10.37 -35.85
C TYR F 90 -65.92 9.20 -35.47
N PHE F 91 -64.62 9.49 -35.36
CA PHE F 91 -63.61 8.50 -34.99
C PHE F 91 -62.86 8.96 -33.74
N CYS F 92 -62.57 8.02 -32.85
CA CYS F 92 -61.55 8.25 -31.84
C CYS F 92 -60.20 7.74 -32.34
N GLN F 93 -59.14 8.26 -31.75
CA GLN F 93 -57.79 7.98 -32.25
C GLN F 93 -56.82 8.20 -31.11
N GLN F 94 -56.01 7.18 -30.80
CA GLN F 94 -55.03 7.27 -29.74
C GLN F 94 -53.68 7.63 -30.32
N SER F 95 -53.00 8.57 -29.67
CA SER F 95 -51.64 8.96 -30.03
C SER F 95 -50.67 8.63 -28.90
N GLU F 96 -51.01 7.64 -28.09
CA GLU F 96 -50.19 7.25 -26.95
C GLU F 96 -49.20 6.14 -27.30
N GLU F 97 -49.55 5.25 -28.21
CA GLU F 97 -48.69 4.13 -28.57
C GLU F 97 -48.66 3.96 -30.08
N VAL F 98 -47.53 3.46 -30.58
CA VAL F 98 -47.41 3.09 -31.98
C VAL F 98 -47.70 1.60 -32.08
N PRO F 99 -48.42 1.13 -33.11
CA PRO F 99 -49.04 1.93 -34.18
C PRO F 99 -50.14 2.86 -33.69
N LEU F 100 -50.13 4.13 -34.12
CA LEU F 100 -51.28 4.99 -33.92
C LEU F 100 -52.51 4.31 -34.52
N THR F 101 -53.63 4.31 -33.78
CA THR F 101 -54.81 3.58 -34.23
C THR F 101 -56.06 4.44 -34.09
N PHE F 102 -57.05 4.09 -34.91
CA PHE F 102 -58.36 4.72 -34.97
C PHE F 102 -59.42 3.72 -34.56
N GLY F 103 -60.52 4.22 -34.01
CA GLY F 103 -61.71 3.42 -33.87
C GLY F 103 -62.41 3.23 -35.20
N ALA F 104 -63.38 2.31 -35.22
CA ALA F 104 -64.06 1.97 -36.47
C ALA F 104 -65.01 3.06 -36.95
N GLY F 105 -65.41 3.97 -36.08
CA GLY F 105 -66.27 5.05 -36.54
C GLY F 105 -67.69 4.92 -35.99
N THR F 106 -68.32 6.06 -35.78
CA THR F 106 -69.72 6.13 -35.40
C THR F 106 -70.41 7.10 -36.36
N LYS F 107 -71.42 6.62 -37.07
CA LYS F 107 -72.19 7.48 -37.97
C LYS F 107 -73.28 8.15 -37.17
N LEU F 108 -73.29 9.48 -37.17
CA LEU F 108 -74.32 10.26 -36.50
C LEU F 108 -75.17 10.94 -37.57
N GLU F 109 -76.47 10.67 -37.55
CA GLU F 109 -77.40 11.28 -38.47
C GLU F 109 -78.49 12.00 -37.68
N ILE F 110 -79.10 12.98 -38.32
CA ILE F 110 -80.09 13.84 -37.65
C ILE F 110 -81.48 13.28 -37.88
N LYS F 111 -82.33 13.38 -36.87
CA LYS F 111 -83.74 13.06 -37.02
C LYS F 111 -84.49 14.33 -37.41
N ARG F 112 -85.39 14.21 -38.38
CA ARG F 112 -86.24 15.32 -38.77
C ARG F 112 -87.62 14.77 -39.10
N THR F 113 -88.51 15.66 -39.52
CA THR F 113 -89.84 15.24 -39.94
C THR F 113 -89.77 14.57 -41.31
N ASP F 114 -90.83 13.83 -41.64
CA ASP F 114 -90.86 13.09 -42.88
C ASP F 114 -91.02 14.02 -44.08
N ALA F 115 -90.43 13.60 -45.20
CA ALA F 115 -90.45 14.40 -46.42
C ALA F 115 -90.52 13.46 -47.62
N ALA F 116 -91.50 13.70 -48.48
CA ALA F 116 -91.59 12.96 -49.73
C ALA F 116 -90.42 13.34 -50.64
N PRO F 117 -89.99 12.42 -51.50
CA PRO F 117 -88.94 12.77 -52.45
C PRO F 117 -89.49 13.57 -53.62
N THR F 118 -88.67 14.51 -54.11
CA THR F 118 -88.94 15.20 -55.35
C THR F 118 -88.35 14.37 -56.49
N VAL F 119 -89.21 13.88 -57.37
CA VAL F 119 -88.83 12.89 -58.38
C VAL F 119 -88.80 13.57 -59.74
N SER F 120 -87.64 13.50 -60.40
CA SER F 120 -87.45 14.02 -61.75
C SER F 120 -86.99 12.90 -62.65
N ILE F 121 -87.59 12.82 -63.84
CA ILE F 121 -87.15 11.84 -64.83
C ILE F 121 -86.66 12.59 -66.06
N PHE F 122 -85.66 12.00 -66.72
CA PHE F 122 -85.00 12.63 -67.87
C PHE F 122 -84.85 11.62 -68.99
N PRO F 123 -85.36 11.89 -70.18
CA PRO F 123 -85.08 11.03 -71.33
C PRO F 123 -83.60 11.10 -71.67
N PRO F 124 -83.07 10.08 -72.34
CA PRO F 124 -81.68 10.16 -72.80
C PRO F 124 -81.48 11.37 -73.69
N SER F 125 -80.27 11.92 -73.64
CA SER F 125 -79.98 13.10 -74.43
C SER F 125 -79.80 12.73 -75.90
N SER F 126 -80.00 13.72 -76.78
CA SER F 126 -79.65 13.54 -78.17
C SER F 126 -78.18 13.13 -78.34
N GLU F 127 -77.29 13.68 -77.51
CA GLU F 127 -75.88 13.36 -77.63
C GLU F 127 -75.61 11.89 -77.37
N GLN F 128 -76.28 11.30 -76.39
CA GLN F 128 -76.02 9.89 -76.09
C GLN F 128 -76.55 8.99 -77.19
N LEU F 129 -77.75 9.27 -77.70
CA LEU F 129 -78.32 8.43 -78.74
C LEU F 129 -77.44 8.36 -79.98
N THR F 130 -76.74 9.45 -80.31
CA THR F 130 -75.88 9.42 -81.49
C THR F 130 -74.71 8.46 -81.34
N SER F 131 -74.44 7.95 -80.13
CA SER F 131 -73.43 6.95 -79.92
C SER F 131 -74.02 5.56 -79.68
N GLY F 132 -75.33 5.40 -79.85
CA GLY F 132 -75.96 4.10 -79.75
C GLY F 132 -76.38 3.68 -78.36
N GLY F 133 -76.17 4.50 -77.34
CA GLY F 133 -76.59 4.21 -76.00
C GLY F 133 -77.78 5.06 -75.61
N ALA F 134 -78.44 4.65 -74.53
CA ALA F 134 -79.63 5.34 -74.06
C ALA F 134 -79.78 5.11 -72.56
N SER F 135 -79.65 6.18 -71.79
CA SER F 135 -79.81 6.14 -70.35
C SER F 135 -80.99 7.01 -69.96
N VAL F 136 -81.91 6.45 -69.18
CA VAL F 136 -82.99 7.21 -68.56
C VAL F 136 -82.61 7.43 -67.10
N VAL F 137 -82.67 8.68 -66.66
CA VAL F 137 -82.18 9.07 -65.34
C VAL F 137 -83.36 9.52 -64.50
N CYS F 138 -83.38 9.07 -63.24
CA CYS F 138 -84.40 9.46 -62.28
C CYS F 138 -83.71 9.96 -61.02
N PHE F 139 -83.98 11.21 -60.66
CA PHE F 139 -83.48 11.79 -59.41
C PHE F 139 -84.60 11.76 -58.38
N LEU F 140 -84.26 11.30 -57.18
CA LEU F 140 -85.18 11.27 -56.04
C LEU F 140 -84.52 12.09 -54.94
N ASN F 141 -84.89 13.36 -54.84
CA ASN F 141 -84.13 14.33 -54.06
C ASN F 141 -84.87 14.74 -52.80
N ASN F 142 -84.12 14.82 -51.70
CA ASN F 142 -84.53 15.44 -50.45
C ASN F 142 -85.73 14.75 -49.81
N PHE F 143 -85.57 13.45 -49.53
CA PHE F 143 -86.56 12.67 -48.81
C PHE F 143 -86.01 12.24 -47.46
N TYR F 144 -86.92 11.80 -46.58
CA TYR F 144 -86.59 11.27 -45.27
C TYR F 144 -87.77 10.45 -44.78
N PRO F 145 -87.54 9.27 -44.17
CA PRO F 145 -86.24 8.67 -43.83
C PRO F 145 -85.48 8.09 -45.03
N LYS F 146 -84.29 7.53 -44.79
CA LYS F 146 -83.38 7.17 -45.86
C LYS F 146 -83.89 6.00 -46.69
N ASP F 147 -84.70 5.13 -46.11
CA ASP F 147 -85.12 3.91 -46.81
C ASP F 147 -86.02 4.26 -47.99
N ILE F 148 -85.71 3.70 -49.15
CA ILE F 148 -86.44 4.00 -50.37
C ILE F 148 -86.22 2.89 -51.38
N ASN F 149 -87.24 2.63 -52.20
CA ASN F 149 -87.17 1.64 -53.27
C ASN F 149 -87.53 2.32 -54.58
N VAL F 150 -86.83 1.95 -55.65
CA VAL F 150 -87.10 2.46 -56.98
C VAL F 150 -87.37 1.30 -57.92
N LYS F 151 -88.45 1.40 -58.69
CA LYS F 151 -88.77 0.43 -59.72
C LYS F 151 -88.78 1.14 -61.07
N TRP F 152 -88.31 0.45 -62.09
CA TRP F 152 -88.36 0.95 -63.47
C TRP F 152 -89.34 0.10 -64.24
N LYS F 153 -90.24 0.76 -64.98
CA LYS F 153 -91.19 0.08 -65.84
C LYS F 153 -91.04 0.62 -67.26
N ILE F 154 -90.96 -0.29 -68.22
CA ILE F 154 -90.95 0.04 -69.64
C ILE F 154 -92.24 -0.49 -70.25
N ASP F 155 -93.05 0.42 -70.81
CA ASP F 155 -94.36 0.08 -71.36
C ASP F 155 -95.20 -0.72 -70.34
N GLY F 156 -95.12 -0.31 -69.08
CA GLY F 156 -95.87 -0.93 -68.01
C GLY F 156 -95.22 -2.15 -67.39
N SER F 157 -94.15 -2.67 -67.99
CA SER F 157 -93.49 -3.89 -67.52
C SER F 157 -92.25 -3.53 -66.72
N GLU F 158 -92.14 -4.11 -65.52
CA GLU F 158 -91.02 -3.78 -64.64
C GLU F 158 -89.71 -4.33 -65.21
N ARG F 159 -88.66 -3.51 -65.15
CA ARG F 159 -87.35 -3.87 -65.68
C ARG F 159 -86.32 -3.78 -64.58
N GLN F 160 -85.49 -4.83 -64.44
CA GLN F 160 -84.41 -4.85 -63.46
C GLN F 160 -83.02 -4.77 -64.08
N ASN F 161 -82.86 -5.25 -65.30
CA ASN F 161 -81.55 -5.27 -65.94
C ASN F 161 -81.13 -3.86 -66.35
N GLY F 162 -79.88 -3.50 -66.04
CA GLY F 162 -79.35 -2.24 -66.48
C GLY F 162 -79.65 -1.04 -65.61
N VAL F 163 -79.99 -1.26 -64.35
CA VAL F 163 -80.22 -0.18 -63.40
C VAL F 163 -78.98 0.01 -62.55
N LEU F 164 -78.54 1.26 -62.41
CA LEU F 164 -77.44 1.64 -61.52
C LEU F 164 -77.95 2.69 -60.56
N ASN F 165 -77.82 2.43 -59.26
CA ASN F 165 -78.36 3.28 -58.21
C ASN F 165 -77.24 3.85 -57.35
N SER F 166 -77.39 5.11 -56.96
CA SER F 166 -76.42 5.79 -56.12
C SER F 166 -77.17 6.62 -55.08
N TRP F 167 -76.66 6.62 -53.86
CA TRP F 167 -77.29 7.31 -52.74
C TRP F 167 -76.33 8.34 -52.17
N THR F 168 -76.86 9.50 -51.81
CA THR F 168 -76.09 10.47 -51.08
C THR F 168 -76.20 10.21 -49.59
N ASP F 169 -75.22 10.69 -48.83
CA ASP F 169 -75.36 10.71 -47.39
C ASP F 169 -76.20 11.92 -46.97
N GLN F 170 -76.52 11.97 -45.68
CA GLN F 170 -77.47 12.97 -45.19
C GLN F 170 -76.97 14.39 -45.43
N ASP F 171 -77.85 15.23 -45.97
CA ASP F 171 -77.52 16.60 -46.30
C ASP F 171 -77.26 17.42 -45.03
N SER F 172 -76.26 18.30 -45.10
CA SER F 172 -75.81 19.07 -43.94
C SER F 172 -76.73 20.24 -43.61
N LYS F 173 -77.66 20.59 -44.49
CA LYS F 173 -78.56 21.71 -44.28
C LYS F 173 -79.98 21.25 -43.93
N ASP F 174 -80.62 20.47 -44.81
CA ASP F 174 -82.00 20.04 -44.57
C ASP F 174 -82.12 18.66 -43.94
N SER F 175 -81.01 17.95 -43.75
CA SER F 175 -80.97 16.64 -43.09
C SER F 175 -81.75 15.58 -43.86
N THR F 176 -81.85 15.71 -45.18
CA THR F 176 -82.55 14.74 -46.00
C THR F 176 -81.56 13.87 -46.77
N TYR F 177 -82.10 12.92 -47.52
CA TYR F 177 -81.34 12.01 -48.36
C TYR F 177 -81.78 12.16 -49.81
N SER F 178 -80.87 11.87 -50.74
CA SER F 178 -81.16 11.90 -52.16
C SER F 178 -80.68 10.62 -52.81
N MET F 179 -81.31 10.27 -53.94
CA MET F 179 -80.99 9.03 -54.64
C MET F 179 -81.04 9.27 -56.14
N SER F 180 -80.15 8.57 -56.86
CA SER F 180 -80.07 8.66 -58.32
C SER F 180 -80.21 7.27 -58.90
N SER F 181 -81.04 7.13 -59.94
CA SER F 181 -81.28 5.85 -60.59
C SER F 181 -81.14 6.03 -62.09
N THR F 182 -80.34 5.16 -62.71
CA THR F 182 -80.04 5.23 -64.14
C THR F 182 -80.35 3.90 -64.79
N LEU F 183 -81.33 3.89 -65.69
CA LEU F 183 -81.63 2.72 -66.52
C LEU F 183 -80.98 2.91 -67.89
N THR F 184 -80.06 2.02 -68.24
CA THR F 184 -79.29 2.14 -69.48
C THR F 184 -79.67 0.99 -70.43
N LEU F 185 -80.11 1.35 -71.63
CA LEU F 185 -80.40 0.40 -72.70
C LEU F 185 -79.55 0.74 -73.92
N THR F 186 -79.69 -0.07 -74.96
CA THR F 186 -79.20 0.31 -76.26
C THR F 186 -80.20 1.25 -76.92
N LYS F 187 -79.71 2.04 -77.88
CA LYS F 187 -80.60 2.93 -78.64
C LYS F 187 -81.67 2.13 -79.38
N ASP F 188 -81.30 0.97 -79.93
CA ASP F 188 -82.28 0.13 -80.61
C ASP F 188 -83.34 -0.39 -79.64
N GLU F 189 -82.90 -0.83 -78.46
CA GLU F 189 -83.85 -1.26 -77.43
C GLU F 189 -84.76 -0.12 -77.01
N TYR F 190 -84.18 1.07 -76.82
CA TYR F 190 -84.94 2.20 -76.31
C TYR F 190 -85.98 2.69 -77.30
N GLU F 191 -85.71 2.54 -78.60
CA GLU F 191 -86.62 3.04 -79.62
C GLU F 191 -87.64 1.99 -80.06
N ARG F 192 -87.69 0.84 -79.38
CA ARG F 192 -88.74 -0.15 -79.60
C ARG F 192 -89.85 -0.07 -78.56
N HIS F 193 -89.70 0.81 -77.57
CA HIS F 193 -90.70 1.00 -76.53
C HIS F 193 -91.03 2.47 -76.43
N ASN F 194 -92.11 2.77 -75.69
CA ASN F 194 -92.66 4.12 -75.69
C ASN F 194 -92.71 4.76 -74.31
N SER F 195 -93.26 4.09 -73.31
CA SER F 195 -93.41 4.67 -71.98
C SER F 195 -92.28 4.20 -71.07
N TYR F 196 -91.66 5.14 -70.37
CA TYR F 196 -90.57 4.86 -69.45
C TYR F 196 -90.92 5.51 -68.13
N THR F 197 -91.05 4.70 -67.08
CA THR F 197 -91.60 5.14 -65.82
C THR F 197 -90.63 4.91 -64.68
N CYS F 198 -90.57 5.88 -63.78
CA CYS F 198 -89.76 5.81 -62.56
C CYS F 198 -90.71 5.78 -61.38
N GLU F 199 -90.84 4.62 -60.74
CA GLU F 199 -91.75 4.44 -59.61
C GLU F 199 -90.94 4.38 -58.32
N ALA F 200 -91.32 5.20 -57.34
CA ALA F 200 -90.61 5.32 -56.08
C ALA F 200 -91.56 5.02 -54.94
N THR F 201 -91.28 3.96 -54.18
CA THR F 201 -92.07 3.65 -52.99
C THR F 201 -91.28 4.07 -51.76
N HIS F 202 -91.88 4.94 -50.97
CA HIS F 202 -91.28 5.53 -49.79
C HIS F 202 -92.35 5.58 -48.70
N LYS F 203 -91.94 5.52 -47.44
CA LYS F 203 -92.93 5.48 -46.37
C LYS F 203 -93.75 6.77 -46.27
N THR F 204 -93.39 7.80 -47.04
CA THR F 204 -94.20 9.00 -47.13
C THR F 204 -95.59 8.70 -47.63
N SER F 205 -95.76 7.60 -48.36
CA SER F 205 -96.96 7.34 -49.14
C SER F 205 -97.12 5.83 -49.30
N THR F 206 -98.38 5.38 -49.31
CA THR F 206 -98.63 3.95 -49.55
C THR F 206 -98.63 3.62 -51.03
N SER F 207 -98.95 4.58 -51.90
CA SER F 207 -98.88 4.42 -53.34
C SER F 207 -97.55 4.96 -53.85
N PRO F 208 -96.93 4.30 -54.82
CA PRO F 208 -95.63 4.75 -55.31
C PRO F 208 -95.74 6.10 -56.02
N ILE F 209 -94.74 6.93 -55.82
CA ILE F 209 -94.65 8.21 -56.53
C ILE F 209 -94.06 7.95 -57.91
N VAL F 210 -94.77 8.39 -58.94
CA VAL F 210 -94.53 7.97 -60.31
C VAL F 210 -94.21 9.18 -61.17
N LYS F 211 -93.07 9.14 -61.85
CA LYS F 211 -92.76 10.05 -62.94
C LYS F 211 -92.51 9.22 -64.19
N SER F 212 -92.95 9.72 -65.33
CA SER F 212 -92.74 9.01 -66.58
C SER F 212 -92.70 10.01 -67.72
N PHE F 213 -92.37 9.49 -68.90
CA PHE F 213 -92.35 10.26 -70.12
C PHE F 213 -92.57 9.29 -71.29
N ASN F 214 -93.12 9.81 -72.37
CA ASN F 214 -93.31 9.02 -73.58
C ASN F 214 -92.34 9.47 -74.64
N ARG F 215 -91.79 8.50 -75.39
CA ARG F 215 -90.86 8.81 -76.45
C ARG F 215 -91.56 9.46 -77.63
N ASN F 216 -92.86 9.21 -77.79
CA ASN F 216 -93.65 9.88 -78.82
C ASN F 216 -93.55 11.39 -78.70
N GLU F 217 -94.01 11.91 -77.56
CA GLU F 217 -94.09 13.33 -77.30
C GLU F 217 -92.70 13.95 -77.27
N CYS F 218 -92.40 14.76 -78.28
CA CYS F 218 -91.22 15.64 -78.26
C CYS F 218 -89.90 14.86 -78.23
#